data_5GSL
#
_entry.id   5GSL
#
_cell.length_a   146.843
_cell.length_b   148.767
_cell.length_c   165.690
_cell.angle_alpha   90.00
_cell.angle_beta   90.00
_cell.angle_gamma   90.00
#
_symmetry.space_group_name_H-M   'I 2 2 2'
#
loop_
_entity.id
_entity.type
_entity.pdbx_description
1 polymer '778aa long hypothetical beta-galactosidase'
2 non-polymer 'PHOSPHATE ION'
3 water water
#
_entity_poly.entity_id   1
_entity_poly.type   'polypeptide(L)'
_entity_poly.pdbx_seq_one_letter_code
;MVGMKVQHDGRLYSLDDERIVVYGGTLQYFRVPRNYWEDRLRKMKSHGLNTVETYIAWNWHEPQEGVFDFTGETHPQRDL
IGFLELAQKLGLYVIIRPGPYICGEWKNGGIPDWLINSHPEILAKSPNGSFPRDVYYPPITYLHPTYLEYAMKWYEEVLP
IIRDYLYSNGGSIISVTIDDEPSYWETIFQPFLTDYNEIIVRENGIWHSWLKENYSLGDLEERYGERFSDYTEIAPPKSF
SEPLPKVLDWHHFKIWMINEYVRRLYEKIREYVDVPISLLDPYLLLAAWKEFYLYVTRHKLDIHLWTEFWYSFYRTFDFK
EDKLGHLYFKTGIYRYYVSKLKTPPLSIETQASLANVIEKDEAELLYALLPALGIHNLNYYLYVGGENPRGYESHNGVTW
DVYSPIGLDGRERQHVEPIKWIGEFLKSNIDFVDSQFKARVAFGMYEPYEALNLWGYKPESFEESVNLNEYLFGERGLLT
LLAMSNVPFDVIDLEISTLEEMLQYEQIWVYSLDFMSREVQEKLIKYVEEGGNLVILPTLPYLDENMKPCTRLRDFLGVE
VERAKARDNMRLIPYLSVDAEGIDRMVVRNVAREVKGGEAIAWIGDKVVGTIVRKGKGSAVILGFRLQYYSSYHDMHRKF
VDKILQLQGVKREVEVSNRDIIAIPRIHYLVLVNPRDEEVAGKVKYRGVEFEIKMKGRGVLFIPVDVEINGVKLVYATAT
PIGGGNRRIKFRNHLSDTSEIAIRDGRIRGVKGGYVLQEKGERVYVIRHERETFEIEF
;
_entity_poly.pdbx_strand_id   A,B
#
loop_
_chem_comp.id
_chem_comp.type
_chem_comp.name
_chem_comp.formula
PO4 non-polymer 'PHOSPHATE ION' 'O4 P -3'
#
# COMPACT_ATOMS: atom_id res chain seq x y z
N MET A 4 17.37 -28.70 34.32
CA MET A 4 15.95 -29.14 34.40
C MET A 4 14.96 -28.02 34.80
N LYS A 5 15.22 -26.78 34.41
CA LYS A 5 14.42 -25.62 34.85
C LYS A 5 14.45 -24.48 33.84
N VAL A 6 13.27 -23.96 33.50
CA VAL A 6 13.15 -22.79 32.63
C VAL A 6 12.61 -21.66 33.48
N GLN A 7 13.41 -20.60 33.60
CA GLN A 7 13.10 -19.42 34.39
C GLN A 7 13.25 -18.21 33.48
N HIS A 8 13.28 -17.01 34.07
CA HIS A 8 13.52 -15.77 33.33
C HIS A 8 13.82 -14.62 34.28
N ASP A 9 14.24 -13.51 33.72
CA ASP A 9 14.20 -12.22 34.44
C ASP A 9 13.19 -11.34 33.67
N GLY A 10 13.15 -10.05 33.95
CA GLY A 10 12.43 -9.13 33.07
C GLY A 10 12.78 -9.24 31.57
N ARG A 11 14.00 -9.72 31.27
CA ARG A 11 14.63 -9.56 29.96
C ARG A 11 14.82 -10.85 29.10
N LEU A 12 15.42 -11.89 29.66
CA LEU A 12 15.77 -13.09 28.89
C LEU A 12 15.35 -14.38 29.59
N TYR A 13 14.97 -15.38 28.82
CA TYR A 13 14.66 -16.71 29.36
C TYR A 13 15.95 -17.42 29.73
N SER A 14 15.91 -18.24 30.79
CA SER A 14 17.08 -18.94 31.34
C SER A 14 16.88 -20.44 31.23
N LEU A 15 17.93 -21.17 30.85
CA LEU A 15 17.90 -22.62 30.90
C LEU A 15 19.04 -23.08 31.80
N ASP A 16 18.72 -23.69 32.94
CA ASP A 16 19.71 -24.08 33.95
C ASP A 16 20.59 -22.91 34.40
N ASP A 17 19.97 -21.75 34.63
CA ASP A 17 20.69 -20.49 34.91
C ASP A 17 21.57 -19.93 33.75
N GLU A 18 21.73 -20.68 32.64
CA GLU A 18 22.41 -20.17 31.45
C GLU A 18 21.38 -19.39 30.66
N ARG A 19 21.44 -18.07 30.78
CA ARG A 19 20.47 -17.16 30.13
C ARG A 19 20.79 -16.99 28.65
N ILE A 20 19.74 -17.06 27.83
CA ILE A 20 19.88 -17.10 26.37
C ILE A 20 18.99 -16.07 25.65
N VAL A 21 19.23 -15.94 24.34
CA VAL A 21 18.38 -15.19 23.42
C VAL A 21 17.61 -16.18 22.52
N VAL A 22 16.29 -16.20 22.67
CA VAL A 22 15.50 -17.06 21.80
C VAL A 22 15.54 -16.48 20.40
N TYR A 23 16.06 -17.29 19.48
CA TYR A 23 16.16 -16.88 18.07
C TYR A 23 15.71 -18.07 17.22
N GLY A 24 14.52 -17.97 16.65
CA GLY A 24 13.90 -19.15 16.06
C GLY A 24 13.27 -18.95 14.72
N GLY A 25 12.68 -20.04 14.23
CA GLY A 25 11.86 -20.05 13.02
C GLY A 25 10.75 -21.06 13.17
N THR A 26 9.68 -20.91 12.42
CA THR A 26 8.56 -21.83 12.47
C THR A 26 8.75 -22.97 11.49
N LEU A 27 8.76 -24.20 11.98
CA LEU A 27 8.60 -25.36 11.12
C LEU A 27 7.37 -26.17 11.58
N GLN A 28 6.32 -26.08 10.78
CA GLN A 28 5.10 -26.85 10.97
C GLN A 28 5.29 -28.19 10.29
N TYR A 29 5.66 -29.17 11.11
CA TYR A 29 5.86 -30.57 10.70
C TYR A 29 4.64 -31.22 10.02
N PHE A 30 3.46 -30.84 10.43
CA PHE A 30 2.26 -31.38 9.81
C PHE A 30 2.06 -30.89 8.39
N ARG A 31 2.88 -29.93 7.96
CA ARG A 31 2.80 -29.33 6.62
C ARG A 31 4.06 -29.49 5.75
N VAL A 32 5.11 -30.13 6.29
CA VAL A 32 6.31 -30.43 5.53
C VAL A 32 6.42 -31.95 5.50
N PRO A 33 6.85 -32.53 4.35
CA PRO A 33 7.01 -33.99 4.30
C PRO A 33 7.99 -34.50 5.34
N ARG A 34 7.69 -35.65 5.92
CA ARG A 34 8.49 -36.14 7.06
C ARG A 34 9.97 -36.36 6.76
N ASN A 35 10.27 -36.90 5.58
CA ASN A 35 11.66 -37.15 5.17
C ASN A 35 12.52 -35.88 4.90
N TYR A 36 11.86 -34.73 4.69
CA TYR A 36 12.56 -33.45 4.60
C TYR A 36 12.89 -32.83 5.97
N TRP A 37 12.18 -33.22 7.02
CA TRP A 37 12.28 -32.48 8.31
C TRP A 37 13.71 -32.31 8.75
N GLU A 38 14.49 -33.39 8.66
CA GLU A 38 15.89 -33.40 9.09
C GLU A 38 16.66 -32.26 8.42
N ASP A 39 16.66 -32.25 7.09
CA ASP A 39 17.41 -31.24 6.33
C ASP A 39 17.04 -29.81 6.76
N ARG A 40 15.74 -29.56 6.88
CA ARG A 40 15.20 -28.23 7.18
C ARG A 40 15.61 -27.72 8.55
N LEU A 41 15.65 -28.60 9.54
CA LEU A 41 16.07 -28.21 10.89
C LEU A 41 17.57 -27.94 10.90
N ARG A 42 18.36 -28.75 10.18
CA ARG A 42 19.79 -28.45 10.02
C ARG A 42 20.03 -27.10 9.32
N LYS A 43 19.25 -26.81 8.29
CA LYS A 43 19.40 -25.53 7.57
C LYS A 43 19.11 -24.39 8.53
N MET A 44 17.94 -24.44 9.17
CA MET A 44 17.56 -23.50 10.23
C MET A 44 18.71 -23.26 11.22
N LYS A 45 19.24 -24.38 11.72
CA LYS A 45 20.34 -24.35 12.65
C LYS A 45 21.53 -23.63 11.99
N SER A 46 21.79 -23.91 10.72
CA SER A 46 22.88 -23.26 9.97
C SER A 46 22.79 -21.73 9.83
N HIS A 47 21.59 -21.15 10.03
CA HIS A 47 21.37 -19.69 10.03
C HIS A 47 21.43 -19.10 11.43
N GLY A 48 21.83 -19.89 12.41
CA GLY A 48 22.00 -19.38 13.78
C GLY A 48 20.75 -19.41 14.61
N LEU A 49 19.71 -20.09 14.11
CA LEU A 49 18.51 -20.34 14.90
C LEU A 49 18.75 -21.46 15.89
N ASN A 50 18.39 -21.19 17.13
CA ASN A 50 18.48 -22.12 18.22
C ASN A 50 17.13 -22.72 18.61
N THR A 51 16.03 -22.23 18.04
CA THR A 51 14.68 -22.62 18.48
C THR A 51 13.80 -22.90 17.29
N VAL A 52 13.10 -24.03 17.31
CA VAL A 52 12.04 -24.28 16.35
C VAL A 52 10.67 -24.09 17.02
N GLU A 53 9.79 -23.36 16.35
CA GLU A 53 8.40 -23.23 16.80
C GLU A 53 7.50 -24.04 15.88
N THR A 54 6.56 -24.77 16.48
CA THR A 54 5.46 -25.36 15.74
C THR A 54 4.13 -25.44 16.54
N TYR A 55 3.04 -25.15 15.84
CA TYR A 55 1.68 -25.49 16.31
C TYR A 55 1.54 -27.02 16.47
N ILE A 56 0.62 -27.45 17.35
CA ILE A 56 0.07 -28.80 17.23
C ILE A 56 -1.43 -28.74 16.97
N ALA A 57 -1.83 -29.25 15.81
CA ALA A 57 -3.18 -29.09 15.29
C ALA A 57 -4.09 -30.20 15.78
N TRP A 58 -5.06 -29.85 16.62
CA TRP A 58 -6.10 -30.78 17.12
C TRP A 58 -6.79 -31.53 15.98
N ASN A 59 -7.30 -30.77 15.03
CA ASN A 59 -7.70 -31.26 13.71
C ASN A 59 -6.95 -32.47 13.12
N TRP A 60 -5.63 -32.33 13.08
CA TRP A 60 -4.73 -33.27 12.43
C TRP A 60 -4.55 -34.56 13.23
N HIS A 61 -4.23 -34.39 14.51
CA HIS A 61 -3.92 -35.50 15.40
C HIS A 61 -5.14 -36.25 15.95
N GLU A 62 -6.33 -35.66 15.92
CA GLU A 62 -7.58 -36.40 16.19
C GLU A 62 -8.54 -36.22 15.00
N PRO A 63 -8.22 -36.86 13.86
CA PRO A 63 -9.06 -36.63 12.65
C PRO A 63 -10.47 -37.22 12.72
N GLN A 64 -10.71 -38.11 13.66
CA GLN A 64 -12.07 -38.49 14.01
C GLN A 64 -12.15 -38.49 15.50
N GLU A 65 -13.36 -38.31 16.03
CA GLU A 65 -13.55 -38.29 17.45
C GLU A 65 -13.04 -39.63 17.95
N GLY A 66 -12.11 -39.56 18.91
CA GLY A 66 -11.57 -40.75 19.59
C GLY A 66 -10.32 -41.37 19.00
N VAL A 67 -10.02 -41.07 17.73
CA VAL A 67 -8.91 -41.69 17.04
C VAL A 67 -7.75 -40.72 17.03
N PHE A 68 -6.86 -40.84 18.00
CA PHE A 68 -5.63 -40.05 18.04
C PHE A 68 -4.51 -40.77 17.33
N ASP A 69 -3.66 -40.00 16.66
CA ASP A 69 -2.43 -40.51 16.05
C ASP A 69 -1.31 -39.48 16.10
N PHE A 70 -0.41 -39.65 17.08
CA PHE A 70 0.76 -38.81 17.25
C PHE A 70 2.09 -39.45 16.78
N THR A 71 2.02 -40.58 16.06
CA THR A 71 3.23 -41.36 15.70
C THR A 71 3.25 -41.78 14.24
N GLY A 72 2.66 -40.96 13.40
CA GLY A 72 2.67 -41.20 11.97
C GLY A 72 2.04 -42.48 11.47
N GLU A 73 1.22 -43.14 12.28
CA GLU A 73 0.63 -44.43 11.89
C GLU A 73 -0.25 -44.29 10.66
N THR A 74 -1.25 -43.44 10.76
CA THR A 74 -2.20 -43.21 9.68
C THR A 74 -1.59 -42.37 8.55
N HIS A 75 -0.75 -41.39 8.91
CA HIS A 75 -0.09 -40.49 7.95
C HIS A 75 1.24 -39.98 8.53
N PRO A 76 2.31 -39.91 7.69
CA PRO A 76 3.66 -39.66 8.24
C PRO A 76 3.79 -38.31 8.92
N GLN A 77 3.26 -37.28 8.27
CA GLN A 77 3.17 -35.95 8.85
C GLN A 77 2.36 -35.84 10.17
N ARG A 78 1.69 -36.91 10.62
CA ARG A 78 1.16 -36.97 12.01
C ARG A 78 2.20 -37.40 13.04
N ASP A 79 3.47 -37.58 12.65
CA ASP A 79 4.52 -38.12 13.54
C ASP A 79 5.11 -37.04 14.41
N LEU A 80 4.26 -36.47 15.28
CA LEU A 80 4.69 -35.42 16.23
C LEU A 80 5.80 -35.91 17.14
N ILE A 81 5.74 -37.18 17.53
CA ILE A 81 6.71 -37.69 18.48
C ILE A 81 8.05 -37.63 17.77
N GLY A 82 8.12 -38.25 16.60
CA GLY A 82 9.27 -38.21 15.71
C GLY A 82 9.93 -36.84 15.69
N PHE A 83 9.21 -35.87 15.13
CA PHE A 83 9.66 -34.47 15.04
C PHE A 83 10.30 -33.96 16.35
N LEU A 84 9.60 -34.10 17.47
CA LEU A 84 10.09 -33.54 18.74
C LEU A 84 11.37 -34.20 19.27
N GLU A 85 11.61 -35.44 18.85
CA GLU A 85 12.84 -36.19 19.14
C GLU A 85 13.99 -35.83 18.19
N LEU A 86 13.63 -35.47 16.97
CA LEU A 86 14.57 -35.09 15.94
C LEU A 86 15.14 -33.72 16.25
N ALA A 87 14.27 -32.78 16.60
CA ALA A 87 14.67 -31.42 17.02
C ALA A 87 15.59 -31.47 18.22
N GLN A 88 15.21 -32.30 19.18
CA GLN A 88 16.02 -32.54 20.35
C GLN A 88 17.38 -33.13 20.00
N LYS A 89 17.36 -34.16 19.15
CA LYS A 89 18.58 -34.84 18.69
C LYS A 89 19.52 -33.86 17.97
N LEU A 90 18.93 -32.93 17.21
CA LEU A 90 19.70 -31.87 16.51
C LEU A 90 20.09 -30.67 17.37
N GLY A 91 19.68 -30.64 18.65
CA GLY A 91 20.15 -29.60 19.59
C GLY A 91 19.31 -28.33 19.66
N LEU A 92 18.21 -28.28 18.91
CA LEU A 92 17.31 -27.14 18.88
C LEU A 92 16.35 -27.21 20.06
N TYR A 93 15.93 -26.04 20.57
CA TYR A 93 14.85 -25.94 21.56
C TYR A 93 13.52 -25.81 20.86
N VAL A 94 12.44 -26.21 21.54
CA VAL A 94 11.09 -26.19 20.96
C VAL A 94 10.15 -25.27 21.76
N ILE A 95 9.37 -24.49 21.02
CA ILE A 95 8.24 -23.72 21.57
C ILE A 95 7.01 -24.40 20.95
N ILE A 96 6.10 -24.86 21.81
CA ILE A 96 4.92 -25.59 21.33
C ILE A 96 3.61 -24.79 21.49
N ARG A 97 2.77 -24.86 20.46
CA ARG A 97 1.53 -24.09 20.37
C ARG A 97 0.37 -25.06 20.12
N PRO A 98 -0.13 -25.70 21.20
CA PRO A 98 -1.13 -26.78 21.09
C PRO A 98 -2.57 -26.34 20.79
N GLY A 99 -2.81 -25.04 20.62
CA GLY A 99 -4.14 -24.57 20.28
C GLY A 99 -4.94 -24.41 21.56
N PRO A 100 -6.22 -24.78 21.60
CA PRO A 100 -6.98 -25.48 20.55
C PRO A 100 -7.00 -24.87 19.15
N TYR A 101 -7.10 -23.54 19.08
CA TYR A 101 -7.15 -22.81 17.81
C TYR A 101 -5.74 -22.38 17.46
N ILE A 102 -5.34 -22.63 16.22
CA ILE A 102 -4.00 -22.29 15.74
C ILE A 102 -4.01 -21.28 14.61
N CYS A 103 -5.19 -20.84 14.19
CA CYS A 103 -5.30 -19.94 13.07
C CYS A 103 -4.51 -20.55 11.90
N GLY A 104 -3.35 -19.99 11.61
CA GLY A 104 -2.37 -20.63 10.74
C GLY A 104 -2.80 -20.94 9.32
N GLU A 105 -3.82 -20.23 8.81
CA GLU A 105 -4.32 -20.43 7.44
C GLU A 105 -4.79 -21.91 7.18
N TRP A 106 -5.25 -22.58 8.24
CA TRP A 106 -5.53 -24.03 8.25
C TRP A 106 -7.01 -24.28 8.48
N LYS A 107 -7.52 -25.42 8.01
CA LYS A 107 -8.97 -25.72 8.03
C LYS A 107 -9.50 -25.58 9.44
N ASN A 108 -10.53 -24.74 9.58
CA ASN A 108 -11.16 -24.42 10.85
C ASN A 108 -10.23 -23.87 11.93
N GLY A 109 -9.05 -23.40 11.53
CA GLY A 109 -8.03 -22.96 12.48
C GLY A 109 -7.62 -24.04 13.46
N GLY A 110 -7.77 -25.29 13.04
CA GLY A 110 -7.43 -26.44 13.89
C GLY A 110 -8.58 -27.19 14.57
N ILE A 111 -9.81 -26.69 14.43
CA ILE A 111 -10.97 -27.29 15.09
C ILE A 111 -11.54 -28.42 14.21
N PRO A 112 -11.84 -29.59 14.81
CA PRO A 112 -12.28 -30.71 13.96
C PRO A 112 -13.69 -30.53 13.39
N ASP A 113 -13.89 -30.91 12.12
CA ASP A 113 -15.22 -30.84 11.48
C ASP A 113 -16.26 -31.59 12.30
N TRP A 114 -15.96 -32.84 12.66
CA TRP A 114 -16.87 -33.66 13.50
C TRP A 114 -17.42 -32.97 14.75
N LEU A 115 -16.61 -32.12 15.41
CA LEU A 115 -17.07 -31.36 16.59
C LEU A 115 -18.13 -30.35 16.21
N ILE A 116 -17.86 -29.65 15.11
CA ILE A 116 -18.74 -28.63 14.58
C ILE A 116 -20.01 -29.26 14.00
N ASN A 117 -19.89 -30.37 13.28
CA ASN A 117 -21.03 -30.98 12.61
C ASN A 117 -21.85 -31.97 13.44
N SER A 118 -21.45 -32.19 14.68
CA SER A 118 -22.30 -32.93 15.60
C SER A 118 -22.51 -32.19 16.92
N HIS A 119 -22.18 -30.89 16.98
CA HIS A 119 -22.57 -30.06 18.11
C HIS A 119 -22.68 -28.60 17.66
N PRO A 120 -23.55 -28.30 16.69
CA PRO A 120 -23.62 -26.90 16.23
C PRO A 120 -24.21 -25.93 17.26
N GLU A 121 -24.63 -26.43 18.43
CA GLU A 121 -24.97 -25.57 19.56
C GLU A 121 -23.77 -24.73 20.08
N ILE A 122 -22.53 -25.14 19.82
CA ILE A 122 -21.35 -24.35 20.23
C ILE A 122 -21.06 -23.17 19.28
N LEU A 123 -21.50 -23.28 18.03
CA LEU A 123 -21.31 -22.22 17.04
C LEU A 123 -21.86 -20.89 17.53
N ALA A 124 -21.08 -19.83 17.30
CA ALA A 124 -21.48 -18.46 17.63
C ALA A 124 -22.49 -17.99 16.61
N LYS A 125 -23.19 -16.93 16.98
CA LYS A 125 -24.33 -16.46 16.24
C LYS A 125 -24.28 -14.94 16.16
N SER A 126 -24.73 -14.41 15.03
CA SER A 126 -24.94 -12.99 14.87
C SER A 126 -26.36 -12.63 15.35
N PRO A 127 -26.73 -11.35 15.28
CA PRO A 127 -28.10 -11.00 15.56
C PRO A 127 -29.07 -11.59 14.56
N ASN A 128 -28.57 -11.90 13.36
CA ASN A 128 -29.39 -12.48 12.29
C ASN A 128 -29.31 -14.02 12.23
N GLY A 129 -28.96 -14.65 13.36
CA GLY A 129 -28.80 -16.10 13.42
C GLY A 129 -27.44 -16.57 13.00
N SER A 130 -27.34 -17.88 12.76
CA SER A 130 -26.10 -18.58 12.39
C SER A 130 -25.34 -18.02 11.18
N PHE A 131 -24.03 -18.27 11.15
CA PHE A 131 -23.15 -17.94 10.02
C PHE A 131 -23.26 -19.08 9.02
N PRO A 132 -23.11 -18.79 7.71
CA PRO A 132 -23.07 -19.90 6.73
C PRO A 132 -21.89 -20.87 6.95
N ARG A 133 -22.06 -22.12 6.55
CA ARG A 133 -21.01 -23.13 6.69
C ARG A 133 -19.83 -22.86 5.76
N ASP A 134 -20.08 -22.21 4.63
CA ASP A 134 -19.02 -21.68 3.74
C ASP A 134 -17.82 -21.01 4.44
N VAL A 135 -18.03 -20.36 5.59
CA VAL A 135 -17.04 -19.43 6.13
C VAL A 135 -15.85 -20.04 6.84
N TYR A 136 -14.76 -19.29 6.78
CA TYR A 136 -13.49 -19.66 7.39
C TYR A 136 -13.54 -19.42 8.91
N TYR A 137 -12.65 -20.13 9.62
CA TYR A 137 -12.59 -20.14 11.09
C TYR A 137 -13.99 -20.06 11.73
N PRO A 138 -14.85 -21.08 11.50
CA PRO A 138 -16.27 -21.05 11.90
C PRO A 138 -16.46 -20.68 13.35
N PRO A 139 -16.97 -19.46 13.62
CA PRO A 139 -16.91 -18.93 14.98
C PRO A 139 -17.61 -19.78 16.01
N ILE A 140 -16.97 -19.93 17.15
CA ILE A 140 -17.44 -20.78 18.24
C ILE A 140 -17.59 -19.96 19.48
N THR A 141 -18.65 -20.25 20.23
CA THR A 141 -18.89 -19.64 21.51
C THR A 141 -17.92 -20.24 22.53
N TYR A 142 -16.93 -19.45 22.93
CA TYR A 142 -15.83 -19.90 23.79
C TYR A 142 -16.27 -20.58 25.09
N LEU A 143 -17.14 -19.92 25.86
CA LEU A 143 -17.57 -20.43 27.17
C LEU A 143 -18.77 -21.38 27.10
N HIS A 144 -19.08 -21.84 25.90
CA HIS A 144 -19.98 -22.97 25.73
C HIS A 144 -19.33 -24.22 26.33
N PRO A 145 -20.07 -25.00 27.14
CA PRO A 145 -19.42 -26.11 27.83
C PRO A 145 -19.03 -27.28 26.93
N THR A 146 -19.92 -27.71 26.05
CA THR A 146 -19.60 -28.74 25.08
C THR A 146 -18.25 -28.47 24.42
N TYR A 147 -18.06 -27.29 23.84
CA TYR A 147 -16.78 -26.95 23.22
C TYR A 147 -15.62 -27.00 24.23
N LEU A 148 -15.86 -26.52 25.45
CA LEU A 148 -14.87 -26.64 26.52
C LEU A 148 -14.55 -28.09 26.97
N GLU A 149 -15.56 -28.96 27.02
CA GLU A 149 -15.36 -30.39 27.33
C GLU A 149 -14.46 -31.04 26.28
N TYR A 150 -14.70 -30.70 25.02
CA TYR A 150 -13.92 -31.23 23.91
C TYR A 150 -12.58 -30.56 23.74
N ALA A 151 -12.49 -29.27 24.06
CA ALA A 151 -11.21 -28.56 24.11
C ALA A 151 -10.26 -29.18 25.16
N MET A 152 -10.78 -29.47 26.34
CA MET A 152 -10.02 -30.14 27.39
C MET A 152 -9.64 -31.56 27.03
N LYS A 153 -10.50 -32.28 26.32
CA LYS A 153 -10.20 -33.65 25.86
C LYS A 153 -9.02 -33.71 24.86
N TRP A 154 -8.88 -32.68 24.03
CA TRP A 154 -7.69 -32.47 23.19
C TRP A 154 -6.43 -32.19 24.02
N TYR A 155 -6.48 -31.19 24.89
CA TYR A 155 -5.41 -30.93 25.88
C TYR A 155 -5.06 -32.13 26.79
N GLU A 156 -6.06 -32.95 27.13
CA GLU A 156 -5.85 -34.14 27.98
C GLU A 156 -5.03 -35.24 27.31
N GLU A 157 -5.05 -35.29 25.98
CA GLU A 157 -4.19 -36.21 25.21
C GLU A 157 -2.82 -35.64 24.87
N VAL A 158 -2.78 -34.35 24.52
CA VAL A 158 -1.56 -33.71 23.99
C VAL A 158 -0.57 -33.25 25.06
N LEU A 159 -1.06 -32.65 26.14
CA LEU A 159 -0.19 -32.12 27.18
C LEU A 159 0.68 -33.20 27.84
N PRO A 160 0.14 -34.46 28.01
CA PRO A 160 0.98 -35.60 28.42
C PRO A 160 2.20 -35.83 27.55
N ILE A 161 2.02 -35.71 26.24
CA ILE A 161 3.12 -35.85 25.28
C ILE A 161 4.08 -34.68 25.38
N ILE A 162 3.54 -33.48 25.51
CA ILE A 162 4.36 -32.29 25.77
C ILE A 162 5.07 -32.35 27.14
N ARG A 163 4.43 -32.96 28.13
CA ARG A 163 5.01 -33.13 29.47
C ARG A 163 6.37 -33.84 29.40
N ASP A 164 6.41 -34.87 28.57
CA ASP A 164 7.58 -35.71 28.40
C ASP A 164 8.72 -34.93 27.74
N TYR A 165 8.39 -34.11 26.74
CA TYR A 165 9.41 -33.41 25.98
C TYR A 165 9.76 -32.04 26.53
N LEU A 166 9.26 -31.71 27.72
CA LEU A 166 9.65 -30.46 28.37
C LEU A 166 11.13 -30.46 28.65
N TYR A 167 11.73 -29.29 28.54
CA TYR A 167 13.12 -29.13 28.89
C TYR A 167 13.32 -29.49 30.35
N SER A 168 12.34 -29.18 31.20
CA SER A 168 12.35 -29.59 32.62
C SER A 168 12.45 -31.12 32.89
N ASN A 169 12.03 -31.96 31.94
CA ASN A 169 12.18 -33.43 32.04
C ASN A 169 13.05 -34.03 30.92
N GLY A 170 14.20 -33.40 30.68
CA GLY A 170 15.19 -33.89 29.71
C GLY A 170 14.74 -33.92 28.25
N GLY A 171 14.00 -32.90 27.84
CA GLY A 171 13.48 -32.79 26.47
C GLY A 171 13.77 -31.45 25.88
N SER A 172 13.07 -31.13 24.81
CA SER A 172 13.34 -29.92 24.03
C SER A 172 12.46 -28.70 24.40
N ILE A 173 11.22 -28.95 24.79
CA ILE A 173 10.18 -27.92 24.81
C ILE A 173 10.39 -26.90 25.96
N ILE A 174 10.53 -25.63 25.59
CA ILE A 174 10.82 -24.53 26.54
C ILE A 174 9.65 -23.59 26.84
N SER A 175 8.57 -23.67 26.07
CA SER A 175 7.37 -22.88 26.36
C SER A 175 6.16 -23.46 25.66
N VAL A 176 5.01 -23.32 26.33
CA VAL A 176 3.74 -23.70 25.74
C VAL A 176 2.91 -22.44 25.54
N THR A 177 2.21 -22.36 24.40
CA THR A 177 1.42 -21.17 24.09
C THR A 177 -0.07 -21.53 23.94
N ILE A 178 -0.90 -20.72 24.58
CA ILE A 178 -2.34 -20.93 24.70
C ILE A 178 -3.07 -20.36 23.48
N ASP A 179 -3.65 -21.23 22.65
CA ASP A 179 -4.50 -20.78 21.51
C ASP A 179 -3.71 -19.86 20.54
N ASP A 180 -4.39 -19.16 19.64
CA ASP A 180 -3.70 -18.22 18.76
C ASP A 180 -4.48 -16.92 18.58
N GLU A 181 -3.85 -15.81 18.95
CA GLU A 181 -4.37 -14.46 18.69
C GLU A 181 -5.86 -14.36 19.10
N PRO A 182 -6.26 -14.89 20.29
CA PRO A 182 -7.70 -15.06 20.53
C PRO A 182 -8.47 -13.79 20.25
N SER A 183 -9.17 -13.77 19.13
CA SER A 183 -9.86 -12.58 18.63
C SER A 183 -11.35 -12.83 18.51
N TYR A 184 -11.85 -13.91 19.12
CA TYR A 184 -13.21 -14.39 18.88
C TYR A 184 -13.39 -14.78 17.42
N TRP A 185 -12.48 -15.61 16.93
CA TRP A 185 -12.54 -16.17 15.59
C TRP A 185 -12.48 -15.07 14.55
N GLU A 186 -11.75 -14.00 14.89
CA GLU A 186 -11.66 -12.77 14.10
C GLU A 186 -13.00 -12.08 13.82
N THR A 187 -13.93 -12.11 14.77
CA THR A 187 -15.19 -11.35 14.64
C THR A 187 -15.32 -10.16 15.59
N ILE A 188 -14.31 -9.97 16.44
CA ILE A 188 -14.35 -8.89 17.42
C ILE A 188 -14.25 -7.48 16.80
N PHE A 189 -13.72 -7.40 15.58
CA PHE A 189 -13.52 -6.13 14.89
C PHE A 189 -14.85 -5.54 14.42
N GLN A 190 -15.86 -6.37 14.24
CA GLN A 190 -17.22 -5.89 13.97
C GLN A 190 -18.02 -6.00 15.27
N PRO A 191 -18.53 -4.86 15.77
CA PRO A 191 -19.18 -4.82 17.09
C PRO A 191 -20.44 -5.71 17.23
N PHE A 192 -21.18 -5.91 16.15
CA PHE A 192 -22.45 -6.61 16.20
C PHE A 192 -22.49 -7.85 15.31
N LEU A 193 -21.35 -8.49 15.10
CA LEU A 193 -21.28 -9.73 14.35
C LEU A 193 -21.45 -10.91 15.27
N THR A 194 -21.12 -10.70 16.53
CA THR A 194 -20.85 -11.76 17.49
C THR A 194 -20.94 -11.15 18.93
N ASP A 195 -21.26 -11.93 19.99
CA ASP A 195 -21.84 -13.28 19.91
C ASP A 195 -23.21 -13.26 20.56
N TYR A 196 -24.21 -13.77 19.82
CA TYR A 196 -25.61 -13.69 20.22
C TYR A 196 -26.20 -15.10 20.47
N ASN A 197 -25.31 -16.06 20.71
CA ASN A 197 -25.67 -17.42 21.10
C ASN A 197 -26.47 -17.38 22.39
N GLU A 198 -27.49 -18.22 22.45
CA GLU A 198 -28.54 -18.15 23.45
C GLU A 198 -28.06 -18.48 24.87
N ILE A 199 -26.84 -19.01 25.00
CA ILE A 199 -26.14 -19.14 26.28
C ILE A 199 -25.61 -17.79 26.82
N ILE A 200 -25.18 -16.92 25.91
CA ILE A 200 -25.00 -15.50 26.20
C ILE A 200 -26.42 -15.01 25.96
N VAL A 201 -26.76 -13.75 26.17
CA VAL A 201 -28.07 -13.24 25.66
C VAL A 201 -29.30 -13.57 26.53
N ARG A 202 -29.50 -14.84 26.89
CA ARG A 202 -30.68 -15.22 27.67
C ARG A 202 -30.69 -14.60 29.07
N GLU A 203 -31.86 -14.61 29.69
CA GLU A 203 -32.03 -13.92 30.95
C GLU A 203 -31.17 -14.59 32.05
N ASN A 204 -30.35 -13.77 32.69
CA ASN A 204 -29.20 -14.20 33.47
C ASN A 204 -28.25 -15.11 32.72
N GLY A 205 -28.00 -14.79 31.45
CA GLY A 205 -26.92 -15.41 30.68
C GLY A 205 -25.57 -14.78 31.00
N ILE A 206 -24.67 -14.72 30.03
CA ILE A 206 -23.27 -14.61 30.39
C ILE A 206 -22.71 -13.26 30.90
N TRP A 207 -22.62 -12.12 30.21
CA TRP A 207 -23.60 -11.14 29.71
C TRP A 207 -24.40 -10.53 30.82
N HIS A 208 -25.58 -11.06 31.13
CA HIS A 208 -26.30 -10.48 32.25
C HIS A 208 -25.45 -10.62 33.50
N SER A 209 -24.78 -11.76 33.65
CA SER A 209 -23.88 -12.01 34.79
C SER A 209 -22.63 -11.12 34.80
N TRP A 210 -22.14 -10.76 33.62
CA TRP A 210 -20.99 -9.85 33.51
C TRP A 210 -21.33 -8.40 33.81
N LEU A 211 -22.49 -7.94 33.36
CA LEU A 211 -23.01 -6.65 33.79
C LEU A 211 -23.08 -6.56 35.33
N LYS A 212 -23.59 -7.61 35.97
CA LYS A 212 -23.73 -7.65 37.45
C LYS A 212 -22.42 -7.47 38.18
N GLU A 213 -21.37 -8.07 37.63
CA GLU A 213 -20.11 -8.19 38.35
C GLU A 213 -19.30 -6.88 38.24
N ASN A 214 -19.52 -6.16 37.12
CA ASN A 214 -18.80 -4.92 36.80
C ASN A 214 -19.53 -3.62 37.17
N TYR A 215 -20.86 -3.63 37.12
CA TYR A 215 -21.65 -2.42 37.41
C TYR A 215 -22.84 -2.73 38.30
N SER A 216 -23.32 -1.70 39.00
CA SER A 216 -24.70 -1.69 39.52
C SER A 216 -25.69 -1.22 38.44
N LEU A 217 -26.99 -1.29 38.73
CA LEU A 217 -27.96 -0.45 38.03
C LEU A 217 -27.70 0.90 38.70
N GLY A 218 -26.92 1.75 38.05
CA GLY A 218 -26.37 2.93 38.71
C GLY A 218 -25.84 4.05 37.85
N ASP A 219 -24.59 4.03 37.38
CA ASP A 219 -23.83 2.90 36.82
C ASP A 219 -24.52 2.63 35.47
N LEU A 220 -25.20 1.50 35.28
CA LEU A 220 -25.94 1.28 34.03
C LEU A 220 -26.97 2.35 33.68
N GLU A 221 -27.60 2.94 34.68
CA GLU A 221 -28.65 3.94 34.45
C GLU A 221 -28.02 5.26 34.08
N GLU A 222 -26.78 5.48 34.53
CA GLU A 222 -25.97 6.63 34.14
C GLU A 222 -25.40 6.40 32.74
N ARG A 223 -24.84 5.21 32.52
CA ARG A 223 -24.24 4.81 31.22
C ARG A 223 -25.21 4.76 30.03
N TYR A 224 -26.26 3.95 30.12
CA TYR A 224 -27.19 3.75 29.01
C TYR A 224 -28.39 4.71 29.06
N GLY A 225 -28.47 5.56 30.07
CA GLY A 225 -29.45 6.65 30.06
C GLY A 225 -30.88 6.20 30.17
N GLU A 226 -31.12 5.23 31.05
CA GLU A 226 -32.39 4.52 31.11
C GLU A 226 -32.48 3.82 32.46
N ARG A 227 -33.66 3.72 33.03
CA ARG A 227 -33.80 2.98 34.29
C ARG A 227 -34.01 1.49 34.00
N PHE A 228 -33.48 0.65 34.88
CA PHE A 228 -33.63 -0.79 34.77
C PHE A 228 -34.12 -1.33 36.12
N SER A 229 -35.17 -2.15 36.07
CA SER A 229 -35.68 -2.88 37.24
C SER A 229 -34.66 -3.96 37.69
N ASP A 230 -34.29 -4.89 36.79
CA ASP A 230 -33.12 -5.76 36.98
C ASP A 230 -32.34 -5.99 35.66
N TYR A 231 -31.10 -6.43 35.82
CA TYR A 231 -30.11 -6.60 34.74
C TYR A 231 -30.68 -7.29 33.52
N THR A 232 -31.57 -8.24 33.79
CA THR A 232 -32.51 -8.84 32.84
C THR A 232 -32.95 -7.98 31.63
N GLU A 233 -33.37 -6.74 31.90
CA GLU A 233 -33.93 -5.87 30.85
C GLU A 233 -32.88 -5.43 29.82
N ILE A 234 -31.62 -5.36 30.23
CA ILE A 234 -30.53 -4.92 29.34
C ILE A 234 -30.17 -6.00 28.34
N ALA A 235 -30.70 -5.87 27.13
CA ALA A 235 -30.34 -6.75 26.01
C ALA A 235 -28.97 -6.29 25.51
N PRO A 236 -28.19 -7.20 24.88
CA PRO A 236 -26.91 -6.80 24.31
C PRO A 236 -27.13 -6.00 23.04
N PRO A 237 -26.26 -5.02 22.75
CA PRO A 237 -26.55 -4.15 21.61
C PRO A 237 -26.50 -4.85 20.24
N LYS A 238 -27.35 -4.42 19.31
CA LYS A 238 -27.34 -4.94 17.96
C LYS A 238 -27.07 -3.87 16.88
N SER A 239 -26.89 -2.61 17.26
CA SER A 239 -26.60 -1.53 16.32
C SER A 239 -26.09 -0.24 17.01
N PHE A 240 -25.67 0.73 16.21
CA PHE A 240 -25.02 1.92 16.76
C PHE A 240 -25.99 3.01 17.24
N SER A 241 -27.27 2.84 16.92
CA SER A 241 -28.33 3.64 17.48
C SER A 241 -28.31 3.52 19.02
N GLU A 242 -27.92 2.36 19.51
CA GLU A 242 -27.81 2.13 20.94
C GLU A 242 -26.67 2.97 21.53
N PRO A 243 -26.73 3.27 22.85
CA PRO A 243 -25.77 4.25 23.41
C PRO A 243 -24.33 3.75 23.30
N LEU A 244 -23.41 4.63 22.97
CA LEU A 244 -22.02 4.23 22.74
C LEU A 244 -21.40 3.48 23.93
N PRO A 245 -21.58 3.96 25.18
CA PRO A 245 -21.02 3.22 26.32
C PRO A 245 -21.50 1.80 26.43
N LYS A 246 -22.68 1.52 25.88
CA LYS A 246 -23.16 0.15 25.78
C LYS A 246 -22.37 -0.69 24.81
N VAL A 247 -22.05 -0.10 23.66
CA VAL A 247 -21.32 -0.82 22.63
C VAL A 247 -19.92 -1.17 23.15
N LEU A 248 -19.28 -0.21 23.84
CA LEU A 248 -17.98 -0.42 24.50
C LEU A 248 -18.01 -1.47 25.60
N ASP A 249 -19.13 -1.56 26.32
CA ASP A 249 -19.29 -2.61 27.33
C ASP A 249 -19.37 -3.95 26.66
N TRP A 250 -20.10 -4.00 25.54
CA TRP A 250 -20.23 -5.21 24.74
C TRP A 250 -18.87 -5.60 24.18
N HIS A 251 -18.03 -4.60 23.89
CA HIS A 251 -16.63 -4.82 23.53
C HIS A 251 -15.81 -5.45 24.67
N HIS A 252 -15.70 -4.78 25.81
CA HIS A 252 -14.98 -5.33 26.99
C HIS A 252 -15.56 -6.63 27.56
N PHE A 253 -16.82 -6.89 27.28
CA PHE A 253 -17.46 -8.15 27.68
C PHE A 253 -16.95 -9.27 26.80
N LYS A 254 -16.91 -9.06 25.50
CA LYS A 254 -16.38 -10.10 24.61
C LYS A 254 -14.89 -10.36 24.88
N ILE A 255 -14.17 -9.29 25.21
CA ILE A 255 -12.78 -9.37 25.68
C ILE A 255 -12.68 -10.20 26.97
N TRP A 256 -13.45 -9.86 27.98
CA TRP A 256 -13.53 -10.68 29.20
C TRP A 256 -13.85 -12.19 28.96
N MET A 257 -14.72 -12.48 27.98
CA MET A 257 -15.06 -13.87 27.63
C MET A 257 -13.85 -14.62 27.12
N ILE A 258 -13.13 -14.00 26.19
CA ILE A 258 -11.81 -14.48 25.74
C ILE A 258 -10.87 -14.74 26.92
N ASN A 259 -10.75 -13.77 27.81
CA ASN A 259 -9.91 -13.94 28.99
C ASN A 259 -10.34 -15.10 29.88
N GLU A 260 -11.64 -15.36 29.96
CA GLU A 260 -12.12 -16.53 30.71
C GLU A 260 -11.78 -17.85 30.06
N TYR A 261 -11.88 -17.90 28.73
CA TYR A 261 -11.49 -19.06 27.92
C TYR A 261 -9.98 -19.27 28.00
N VAL A 262 -9.24 -18.19 27.91
CA VAL A 262 -7.78 -18.23 28.07
C VAL A 262 -7.38 -18.78 29.45
N ARG A 263 -8.08 -18.37 30.49
CA ARG A 263 -7.71 -18.74 31.86
C ARG A 263 -7.94 -20.21 32.06
N ARG A 264 -9.06 -20.69 31.53
CA ARG A 264 -9.37 -22.12 31.56
C ARG A 264 -8.25 -22.96 30.96
N LEU A 265 -7.74 -22.54 29.81
CA LEU A 265 -6.68 -23.29 29.13
C LEU A 265 -5.36 -23.28 29.94
N TYR A 266 -4.97 -22.09 30.39
CA TYR A 266 -3.80 -21.90 31.26
C TYR A 266 -3.83 -22.77 32.48
N GLU A 267 -4.94 -22.71 33.24
CA GLU A 267 -5.06 -23.55 34.43
C GLU A 267 -4.91 -25.03 34.09
N LYS A 268 -5.52 -25.46 32.99
CA LYS A 268 -5.32 -26.85 32.50
C LYS A 268 -3.88 -27.13 32.14
N ILE A 269 -3.25 -26.21 31.43
CA ILE A 269 -1.85 -26.37 31.05
C ILE A 269 -1.02 -26.45 32.30
N ARG A 270 -1.32 -25.60 33.28
CA ARG A 270 -0.50 -25.55 34.50
C ARG A 270 -0.45 -26.91 35.22
N GLU A 271 -1.46 -27.75 35.03
CA GLU A 271 -1.47 -29.12 35.57
C GLU A 271 -0.38 -30.04 35.03
N TYR A 272 0.16 -29.76 33.84
CA TYR A 272 1.11 -30.64 33.18
C TYR A 272 2.52 -30.05 33.05
N VAL A 273 2.63 -28.74 33.13
CA VAL A 273 3.75 -28.10 32.54
C VAL A 273 4.29 -27.11 33.53
N ASP A 274 5.59 -27.16 33.79
CA ASP A 274 6.26 -26.26 34.72
C ASP A 274 7.24 -25.27 34.03
N VAL A 275 7.04 -25.07 32.73
CA VAL A 275 7.81 -24.12 31.92
C VAL A 275 6.87 -22.95 31.56
N PRO A 276 7.41 -21.77 31.17
CA PRO A 276 6.56 -20.58 30.93
C PRO A 276 5.38 -20.84 30.00
N ILE A 277 4.24 -20.25 30.37
CA ILE A 277 3.02 -20.36 29.59
C ILE A 277 2.80 -19.01 28.95
N SER A 278 2.51 -19.06 27.65
CA SER A 278 2.60 -17.89 26.77
C SER A 278 1.31 -17.67 25.97
N LEU A 279 1.16 -16.44 25.48
CA LEU A 279 -0.04 -16.02 24.77
C LEU A 279 0.31 -15.01 23.69
N LEU A 280 -0.11 -15.27 22.45
CA LEU A 280 0.12 -14.34 21.37
C LEU A 280 -1.00 -13.33 21.23
N ASP A 281 -0.63 -12.04 21.19
CA ASP A 281 -1.49 -10.90 20.77
C ASP A 281 -2.96 -11.09 21.06
N PRO A 282 -3.34 -11.11 22.35
CA PRO A 282 -4.76 -11.26 22.66
C PRO A 282 -5.63 -10.25 21.89
N TYR A 283 -6.79 -10.71 21.43
CA TYR A 283 -7.83 -9.87 20.77
C TYR A 283 -7.48 -9.33 19.39
N LEU A 284 -6.29 -9.64 18.88
CA LEU A 284 -5.73 -8.94 17.71
C LEU A 284 -5.87 -7.41 17.85
N LEU A 285 -5.72 -6.92 19.09
CA LEU A 285 -5.73 -5.48 19.36
C LEU A 285 -4.50 -5.12 20.20
N LEU A 286 -4.42 -3.87 20.61
CA LEU A 286 -3.28 -3.39 21.37
C LEU A 286 -3.73 -2.65 22.65
N ALA A 287 -4.40 -1.51 22.51
CA ALA A 287 -4.83 -0.73 23.67
C ALA A 287 -5.58 -1.60 24.66
N ALA A 288 -6.45 -2.45 24.13
CA ALA A 288 -7.26 -3.40 24.90
C ALA A 288 -6.48 -4.38 25.77
N TRP A 289 -5.17 -4.49 25.57
CA TRP A 289 -4.30 -5.26 26.48
C TRP A 289 -4.34 -4.71 27.92
N LYS A 290 -4.72 -3.45 28.05
CA LYS A 290 -5.21 -2.88 29.30
C LYS A 290 -6.05 -3.89 30.07
N GLU A 291 -7.06 -4.47 29.40
CA GLU A 291 -7.98 -5.42 30.04
C GLU A 291 -7.27 -6.75 30.35
N PHE A 292 -6.49 -7.25 29.40
CA PHE A 292 -5.67 -8.44 29.65
C PHE A 292 -4.80 -8.26 30.89
N TYR A 293 -4.07 -7.15 30.95
CA TYR A 293 -3.25 -6.83 32.10
C TYR A 293 -4.04 -6.81 33.42
N LEU A 294 -5.21 -6.17 33.43
CA LEU A 294 -5.97 -6.08 34.68
C LEU A 294 -6.54 -7.45 35.01
N TYR A 295 -7.10 -8.13 34.01
CA TYR A 295 -7.61 -9.50 34.19
C TYR A 295 -6.63 -10.43 34.88
N VAL A 296 -5.40 -10.39 34.37
CA VAL A 296 -4.39 -11.35 34.71
C VAL A 296 -3.71 -10.93 36.03
N THR A 297 -3.77 -9.65 36.37
CA THR A 297 -3.34 -9.18 37.68
C THR A 297 -4.43 -9.50 38.73
N ARG A 298 -5.70 -9.30 38.37
CA ARG A 298 -6.85 -9.73 39.21
C ARG A 298 -6.73 -11.22 39.57
N HIS A 299 -6.55 -12.09 38.56
CA HIS A 299 -6.50 -13.54 38.77
C HIS A 299 -5.10 -14.13 39.03
N LYS A 300 -4.05 -13.31 38.97
CA LYS A 300 -2.66 -13.73 39.24
C LYS A 300 -2.24 -14.93 38.40
N LEU A 301 -2.34 -14.78 37.07
CA LEU A 301 -1.91 -15.84 36.13
C LEU A 301 -0.57 -15.47 35.52
N ASP A 302 0.50 -16.22 35.84
CA ASP A 302 1.79 -16.00 35.19
C ASP A 302 1.71 -16.39 33.71
N ILE A 303 1.24 -15.45 32.89
CA ILE A 303 1.14 -15.65 31.45
C ILE A 303 2.18 -14.75 30.80
N HIS A 304 3.02 -15.33 29.98
CA HIS A 304 4.01 -14.56 29.25
C HIS A 304 3.34 -14.00 27.97
N LEU A 305 3.18 -12.68 27.95
CA LEU A 305 2.57 -11.99 26.80
C LEU A 305 3.57 -11.90 25.64
N TRP A 306 3.28 -12.63 24.55
CA TRP A 306 4.12 -12.63 23.32
C TRP A 306 3.43 -11.96 22.19
N THR A 307 4.21 -11.39 21.27
CA THR A 307 3.65 -10.57 20.22
C THR A 307 4.04 -11.04 18.83
N GLU A 308 3.59 -10.31 17.82
CA GLU A 308 3.84 -10.66 16.42
C GLU A 308 3.88 -9.41 15.56
N PHE A 309 4.39 -9.51 14.35
CA PHE A 309 4.53 -8.36 13.47
C PHE A 309 4.33 -8.73 12.03
N TRP A 310 3.19 -8.27 11.50
CA TRP A 310 2.73 -8.55 10.12
C TRP A 310 2.36 -7.22 9.44
N TYR A 311 2.96 -6.98 8.27
CA TYR A 311 2.67 -5.78 7.48
C TYR A 311 2.20 -6.01 6.05
N SER A 312 2.13 -7.24 5.55
CA SER A 312 1.63 -7.43 4.18
C SER A 312 1.20 -8.85 3.85
N PHE A 313 -0.01 -8.97 3.29
CA PHE A 313 -0.59 -10.26 2.97
C PHE A 313 -1.03 -10.29 1.51
N TYR A 314 -0.60 -11.30 0.76
CA TYR A 314 -1.15 -11.59 -0.59
C TYR A 314 -0.98 -10.41 -1.53
N ARG A 315 0.25 -9.92 -1.50
CA ARG A 315 0.63 -8.56 -1.87
C ARG A 315 2.15 -8.56 -1.65
N THR A 316 2.91 -7.71 -2.33
CA THR A 316 4.37 -7.69 -2.07
C THR A 316 4.73 -7.08 -0.70
N PHE A 317 5.85 -7.48 -0.12
CA PHE A 317 6.21 -6.99 1.22
C PHE A 317 6.48 -5.49 1.12
N ASP A 318 5.71 -4.73 1.89
CA ASP A 318 5.72 -3.29 1.81
C ASP A 318 6.06 -2.76 3.20
N PHE A 319 7.35 -2.70 3.54
CA PHE A 319 7.77 -2.11 4.81
C PHE A 319 8.84 -1.02 4.65
N LYS A 320 8.35 0.22 4.51
CA LYS A 320 9.16 1.44 4.41
C LYS A 320 8.75 2.42 5.52
N GLU A 321 9.20 3.66 5.49
CA GLU A 321 8.96 4.60 6.60
C GLU A 321 7.49 4.74 7.00
N ASP A 322 6.61 4.56 6.03
CA ASP A 322 5.17 4.58 6.23
C ASP A 322 4.70 3.78 7.47
N LYS A 323 5.32 2.64 7.72
CA LYS A 323 4.86 1.70 8.73
C LYS A 323 5.49 1.94 10.08
N LEU A 324 6.31 2.98 10.21
CA LEU A 324 7.09 3.19 11.45
C LEU A 324 6.27 3.69 12.65
N GLY A 325 5.28 4.55 12.44
CA GLY A 325 4.39 5.00 13.51
C GLY A 325 3.72 3.83 14.20
N HIS A 326 3.25 2.89 13.40
CA HIS A 326 2.64 1.69 13.93
C HIS A 326 3.64 0.83 14.72
N LEU A 327 4.81 0.59 14.15
CA LEU A 327 5.84 -0.27 14.75
C LEU A 327 6.35 0.33 16.05
N TYR A 328 6.56 1.64 16.02
CA TYR A 328 6.95 2.39 17.22
C TYR A 328 5.81 2.29 18.24
N PHE A 329 4.56 2.39 17.77
CA PHE A 329 3.39 2.27 18.64
C PHE A 329 3.30 0.89 19.25
N LYS A 330 3.30 -0.12 18.42
CA LYS A 330 3.02 -1.49 18.84
C LYS A 330 4.07 -2.01 19.78
N THR A 331 5.33 -1.78 19.44
CA THR A 331 6.44 -2.19 20.29
C THR A 331 6.40 -1.38 21.61
N GLY A 332 5.92 -0.14 21.53
CA GLY A 332 5.75 0.72 22.69
C GLY A 332 4.76 0.16 23.67
N ILE A 333 3.55 -0.12 23.20
CA ILE A 333 2.50 -0.65 24.05
C ILE A 333 2.83 -2.05 24.49
N TYR A 334 3.46 -2.84 23.62
CA TYR A 334 3.99 -4.15 24.03
C TYR A 334 4.98 -4.02 25.18
N ARG A 335 6.01 -3.20 24.99
CA ARG A 335 7.01 -2.93 26.04
C ARG A 335 6.35 -2.56 27.37
N TYR A 336 5.30 -1.75 27.30
CA TYR A 336 4.61 -1.27 28.49
C TYR A 336 4.10 -2.46 29.30
N TYR A 337 3.21 -3.27 28.70
CA TYR A 337 2.53 -4.36 29.40
C TYR A 337 3.46 -5.48 29.75
N VAL A 338 4.51 -5.65 28.95
CA VAL A 338 5.47 -6.72 29.20
C VAL A 338 6.41 -6.36 30.36
N SER A 339 6.73 -5.07 30.50
CA SER A 339 7.57 -4.62 31.62
C SER A 339 6.76 -4.47 32.92
N LYS A 340 5.43 -4.34 32.80
CA LYS A 340 4.51 -4.33 33.94
C LYS A 340 4.33 -5.72 34.47
N LEU A 341 4.04 -6.67 33.59
CA LEU A 341 3.97 -8.09 33.95
C LEU A 341 5.36 -8.68 34.23
N LYS A 342 6.41 -7.94 33.89
CA LYS A 342 7.79 -8.30 34.23
C LYS A 342 8.20 -9.65 33.64
N THR A 343 7.73 -9.94 32.41
CA THR A 343 8.17 -11.10 31.63
C THR A 343 8.96 -10.60 30.41
N PRO A 344 9.71 -11.49 29.71
CA PRO A 344 10.56 -11.10 28.57
C PRO A 344 9.80 -10.79 27.28
N PRO A 345 10.29 -9.82 26.48
CA PRO A 345 9.67 -9.50 25.20
C PRO A 345 10.12 -10.47 24.13
N LEU A 346 9.17 -10.90 23.30
CA LEU A 346 9.39 -11.93 22.28
C LEU A 346 8.37 -11.78 21.16
N SER A 347 8.83 -11.62 19.94
CA SER A 347 7.94 -11.69 18.78
C SER A 347 7.90 -13.13 18.34
N ILE A 348 6.78 -13.82 18.57
CA ILE A 348 6.68 -15.22 18.23
C ILE A 348 6.38 -15.45 16.76
N GLU A 349 5.68 -14.50 16.13
CA GLU A 349 5.53 -14.52 14.67
C GLU A 349 6.09 -13.21 14.12
N THR A 350 7.35 -13.23 13.67
CA THR A 350 7.89 -12.12 12.87
C THR A 350 7.83 -12.52 11.39
N GLN A 351 7.18 -11.66 10.59
CA GLN A 351 6.74 -12.01 9.23
C GLN A 351 7.88 -12.38 8.31
N ALA A 352 7.89 -13.61 7.85
CA ALA A 352 8.79 -14.06 6.81
C ALA A 352 8.08 -14.80 5.66
N SER A 353 6.75 -14.86 5.63
CA SER A 353 6.06 -15.53 4.54
C SER A 353 4.78 -14.77 4.22
N LEU A 354 4.03 -15.26 3.23
CA LEU A 354 2.69 -14.71 2.89
C LEU A 354 2.67 -13.34 2.28
N ALA A 355 3.84 -12.80 1.94
CA ALA A 355 3.92 -11.72 0.96
C ALA A 355 4.54 -12.33 -0.31
N ASN A 356 4.20 -11.75 -1.45
CA ASN A 356 4.50 -12.31 -2.79
C ASN A 356 6.00 -12.34 -3.02
N VAL A 357 6.66 -11.22 -2.68
CA VAL A 357 8.10 -11.14 -2.49
C VAL A 357 8.36 -10.52 -1.12
N ILE A 358 9.47 -10.88 -0.49
CA ILE A 358 10.00 -10.21 0.70
C ILE A 358 11.41 -9.73 0.40
N GLU A 359 11.55 -8.45 0.07
CA GLU A 359 12.84 -7.91 -0.32
C GLU A 359 13.67 -7.58 0.88
N LYS A 360 14.91 -8.00 0.82
CA LYS A 360 15.72 -8.16 2.02
C LYS A 360 15.95 -6.91 2.86
N ASP A 361 16.01 -5.76 2.22
CA ASP A 361 16.29 -4.47 2.89
C ASP A 361 15.09 -3.87 3.58
N GLU A 362 13.91 -4.15 3.04
CA GLU A 362 12.68 -3.83 3.71
C GLU A 362 12.48 -4.78 4.84
N ALA A 363 12.76 -6.08 4.63
CA ALA A 363 12.67 -7.07 5.72
C ALA A 363 13.62 -6.73 6.85
N GLU A 364 14.82 -6.28 6.51
CA GLU A 364 15.79 -5.89 7.52
C GLU A 364 15.33 -4.66 8.32
N LEU A 365 14.62 -3.74 7.68
CA LEU A 365 14.08 -2.60 8.39
C LEU A 365 13.09 -3.07 9.49
N LEU A 366 12.28 -4.08 9.20
CA LEU A 366 11.41 -4.64 10.23
C LEU A 366 12.21 -5.41 11.28
N TYR A 367 13.05 -6.33 10.83
CA TYR A 367 13.66 -7.27 11.73
C TYR A 367 14.66 -6.57 12.65
N ALA A 368 15.39 -5.60 12.13
CA ALA A 368 16.44 -4.94 12.89
C ALA A 368 15.90 -3.85 13.84
N LEU A 369 14.72 -3.31 13.54
CA LEU A 369 14.08 -2.39 14.46
C LEU A 369 13.45 -3.07 15.67
N LEU A 370 13.08 -4.33 15.55
CA LEU A 370 12.47 -4.99 16.71
C LEU A 370 13.41 -5.05 17.96
N PRO A 371 14.69 -5.40 17.77
CA PRO A 371 15.67 -5.25 18.85
C PRO A 371 15.96 -3.80 19.20
N ALA A 372 16.02 -2.92 18.20
CA ALA A 372 16.10 -1.47 18.44
C ALA A 372 14.96 -0.98 19.31
N LEU A 373 13.80 -1.62 19.17
CA LEU A 373 12.60 -1.25 19.90
C LEU A 373 12.32 -2.13 21.13
N GLY A 374 13.32 -2.91 21.57
CA GLY A 374 13.27 -3.65 22.83
C GLY A 374 12.80 -5.10 22.77
N ILE A 375 12.55 -5.60 21.57
CA ILE A 375 12.09 -6.97 21.39
C ILE A 375 13.22 -7.77 20.77
N HIS A 376 14.05 -8.35 21.63
CA HIS A 376 15.30 -9.01 21.20
C HIS A 376 15.17 -10.52 21.06
N ASN A 377 14.21 -11.14 21.73
CA ASN A 377 13.86 -12.52 21.43
C ASN A 377 12.96 -12.52 20.20
N LEU A 378 13.29 -13.33 19.19
CA LEU A 378 12.55 -13.31 17.93
C LEU A 378 12.36 -14.68 17.35
N ASN A 379 11.18 -14.88 16.78
CA ASN A 379 10.91 -16.04 15.95
C ASN A 379 10.35 -15.62 14.62
N TYR A 380 10.88 -16.22 13.57
CA TYR A 380 10.42 -15.97 12.20
C TYR A 380 9.40 -17.01 11.70
N TYR A 381 8.26 -16.50 11.28
CA TYR A 381 7.12 -17.31 10.86
C TYR A 381 6.71 -16.81 9.43
N LEU A 382 6.51 -17.70 8.46
CA LEU A 382 6.73 -19.15 8.55
C LEU A 382 8.12 -19.39 7.98
N TYR A 383 9.00 -20.07 8.71
CA TYR A 383 10.38 -20.28 8.23
C TYR A 383 10.53 -21.34 7.14
N VAL A 384 9.83 -22.45 7.33
CA VAL A 384 9.99 -23.58 6.45
C VAL A 384 8.69 -23.73 5.67
N GLY A 385 8.81 -23.44 4.38
CA GLY A 385 7.73 -23.59 3.45
C GLY A 385 7.21 -25.01 3.44
N GLY A 386 5.94 -25.15 3.12
CA GLY A 386 5.29 -26.46 3.09
C GLY A 386 4.18 -26.63 2.05
N GLU A 387 3.29 -27.56 2.38
CA GLU A 387 2.23 -27.99 1.50
C GLU A 387 1.14 -28.60 2.41
N ASN A 388 -0.10 -28.25 2.15
CA ASN A 388 -1.20 -28.71 2.97
C ASN A 388 -1.73 -30.07 2.54
N PRO A 389 -1.83 -31.03 3.48
CA PRO A 389 -2.56 -32.28 3.27
C PRO A 389 -3.99 -32.05 2.76
N ARG A 390 -4.49 -32.93 1.89
CA ARG A 390 -5.79 -32.74 1.27
C ARG A 390 -6.91 -32.85 2.30
N GLY A 391 -7.93 -32.00 2.12
CA GLY A 391 -9.03 -31.90 3.06
C GLY A 391 -8.78 -30.94 4.21
N TYR A 392 -7.59 -30.35 4.28
CA TYR A 392 -7.20 -29.49 5.41
C TYR A 392 -6.87 -28.06 4.96
N GLU A 393 -7.26 -27.71 3.74
CA GLU A 393 -6.87 -26.45 3.11
C GLU A 393 -7.85 -25.42 3.57
N SER A 394 -7.44 -24.16 3.56
CA SER A 394 -8.36 -23.08 3.77
C SER A 394 -7.85 -21.89 2.96
N HIS A 395 -7.10 -21.02 3.61
CA HIS A 395 -6.78 -19.71 3.08
C HIS A 395 -5.89 -19.72 1.83
N ASN A 396 -5.02 -20.72 1.66
CA ASN A 396 -4.10 -20.73 0.52
C ASN A 396 -4.31 -21.87 -0.45
N GLY A 397 -5.25 -22.76 -0.18
CA GLY A 397 -5.42 -23.98 -0.99
C GLY A 397 -4.29 -24.97 -0.74
N VAL A 398 -3.68 -25.45 -1.81
CA VAL A 398 -2.59 -26.42 -1.66
C VAL A 398 -1.37 -25.82 -0.94
N THR A 399 -0.94 -24.63 -1.36
CA THR A 399 0.39 -24.15 -1.00
C THR A 399 0.52 -23.68 0.44
N TRP A 400 1.71 -23.88 0.99
CA TRP A 400 2.05 -23.23 2.23
C TRP A 400 3.40 -22.59 2.12
N ASP A 401 3.85 -22.36 0.90
CA ASP A 401 5.12 -21.71 0.63
C ASP A 401 4.88 -20.43 -0.19
N VAL A 402 4.44 -19.38 0.48
CA VAL A 402 4.44 -18.03 -0.11
C VAL A 402 5.67 -17.32 0.45
N TYR A 403 6.78 -17.47 -0.27
CA TYR A 403 8.05 -16.79 -0.03
C TYR A 403 8.62 -16.94 1.38
N SER A 404 8.61 -18.17 1.92
CA SER A 404 9.27 -18.47 3.21
C SER A 404 10.83 -18.43 3.10
N PRO A 405 11.54 -18.12 4.22
CA PRO A 405 13.02 -18.10 4.17
C PRO A 405 13.63 -19.31 3.51
N ILE A 406 13.21 -20.51 3.92
CA ILE A 406 13.56 -21.73 3.21
C ILE A 406 12.29 -22.26 2.57
N GLY A 407 12.35 -22.48 1.25
CA GLY A 407 11.20 -22.94 0.48
C GLY A 407 10.98 -24.43 0.57
N LEU A 408 10.05 -24.93 -0.25
CA LEU A 408 9.64 -26.33 -0.23
C LEU A 408 10.76 -27.24 -0.77
N ASP A 409 11.30 -26.88 -1.93
CA ASP A 409 12.48 -27.59 -2.45
C ASP A 409 13.86 -27.25 -1.75
N GLY A 410 13.84 -26.65 -0.55
CA GLY A 410 15.09 -26.37 0.17
C GLY A 410 15.84 -25.08 -0.17
N ARG A 411 15.35 -24.32 -1.15
CA ARG A 411 15.97 -23.05 -1.53
C ARG A 411 15.97 -22.03 -0.38
N GLU A 412 17.02 -21.22 -0.29
CA GLU A 412 17.10 -20.15 0.69
C GLU A 412 16.83 -18.81 0.03
N ARG A 413 15.76 -18.12 0.44
CA ARG A 413 15.36 -16.86 -0.20
C ARG A 413 16.05 -15.68 0.49
N GLN A 414 16.08 -14.56 -0.19
CA GLN A 414 16.94 -13.44 0.19
C GLN A 414 16.85 -12.94 1.62
N HIS A 415 15.68 -13.06 2.19
CA HIS A 415 15.48 -12.50 3.53
C HIS A 415 16.21 -13.25 4.66
N VAL A 416 16.93 -14.33 4.32
CA VAL A 416 17.87 -14.98 5.24
C VAL A 416 19.07 -14.07 5.59
N GLU A 417 19.58 -13.35 4.60
CA GLU A 417 20.79 -12.58 4.81
C GLU A 417 20.73 -11.67 6.04
N PRO A 418 19.58 -11.03 6.31
CA PRO A 418 19.38 -10.22 7.50
C PRO A 418 18.94 -10.96 8.78
N ILE A 419 18.28 -12.10 8.64
CA ILE A 419 18.00 -12.95 9.80
C ILE A 419 19.30 -13.47 10.36
N LYS A 420 20.13 -14.04 9.49
CA LYS A 420 21.49 -14.45 9.85
C LYS A 420 22.23 -13.43 10.72
N TRP A 421 22.41 -12.21 10.21
CA TRP A 421 23.29 -11.23 10.89
C TRP A 421 22.68 -10.67 12.16
N ILE A 422 21.38 -10.46 12.14
CA ILE A 422 20.70 -9.99 13.34
C ILE A 422 20.93 -11.00 14.45
N GLY A 423 20.99 -12.28 14.11
CA GLY A 423 21.40 -13.32 15.04
C GLY A 423 22.80 -13.13 15.59
N GLU A 424 23.80 -13.02 14.71
CA GLU A 424 25.17 -12.78 15.13
C GLU A 424 25.29 -11.55 15.99
N PHE A 425 24.54 -10.50 15.64
CA PHE A 425 24.51 -9.28 16.49
C PHE A 425 23.89 -9.46 17.88
N LEU A 426 22.72 -10.09 17.94
CA LEU A 426 22.05 -10.31 19.23
C LEU A 426 22.91 -11.14 20.17
N LYS A 427 23.50 -12.23 19.64
CA LYS A 427 24.30 -13.15 20.44
C LYS A 427 25.65 -12.57 20.91
N SER A 428 26.17 -11.53 20.23
CA SER A 428 27.47 -10.98 20.54
C SER A 428 27.44 -9.77 21.48
N ASN A 429 26.25 -9.22 21.72
CA ASN A 429 26.11 -8.00 22.53
C ASN A 429 25.06 -8.18 23.62
N ILE A 430 25.43 -8.91 24.68
CA ILE A 430 24.56 -9.11 25.85
C ILE A 430 24.23 -7.77 26.47
N ASP A 431 25.19 -6.86 26.49
CA ASP A 431 24.98 -5.54 27.07
C ASP A 431 23.81 -4.79 26.43
N PHE A 432 23.68 -4.87 25.09
CA PHE A 432 22.52 -4.30 24.37
C PHE A 432 21.19 -4.90 24.84
N VAL A 433 21.15 -6.22 24.89
CA VAL A 433 19.97 -6.94 25.28
C VAL A 433 19.60 -6.60 26.73
N ASP A 434 20.60 -6.45 27.61
CA ASP A 434 20.34 -6.09 29.02
C ASP A 434 20.11 -4.59 29.25
N SER A 435 20.14 -3.76 28.19
CA SER A 435 19.55 -2.40 28.23
C SER A 435 18.05 -2.51 28.39
N GLN A 436 17.44 -1.46 28.91
CA GLN A 436 16.05 -1.30 28.69
C GLN A 436 16.00 -0.10 27.77
N PHE A 437 14.86 0.07 27.14
CA PHE A 437 14.62 1.16 26.22
C PHE A 437 14.37 2.43 27.05
N LYS A 438 15.05 3.53 26.68
CA LYS A 438 15.01 4.80 27.46
C LYS A 438 13.63 5.50 27.54
N ALA A 439 13.21 6.06 26.40
CA ALA A 439 12.21 7.13 26.24
C ALA A 439 11.99 8.20 27.33
N ARG A 440 12.39 9.42 27.02
CA ARG A 440 11.95 10.64 27.75
C ARG A 440 10.53 11.07 27.37
N VAL A 441 10.15 10.83 26.10
CA VAL A 441 8.83 11.21 25.55
C VAL A 441 7.93 9.97 25.58
N ALA A 442 6.63 10.14 25.80
CA ALA A 442 5.68 9.03 25.62
C ALA A 442 4.38 9.46 25.00
N PHE A 443 3.79 8.55 24.23
CA PHE A 443 2.44 8.72 23.74
C PHE A 443 1.51 8.11 24.76
N GLY A 444 0.47 8.84 25.14
CA GLY A 444 -0.55 8.37 26.08
C GLY A 444 -1.74 7.88 25.30
N MET A 445 -1.99 6.58 25.33
CA MET A 445 -3.15 5.97 24.69
C MET A 445 -4.32 6.01 25.67
N TYR A 446 -5.49 6.43 25.18
CA TYR A 446 -6.78 6.17 25.87
C TYR A 446 -7.46 5.02 25.09
N GLU A 447 -7.60 3.86 25.74
CA GLU A 447 -8.09 2.63 25.08
C GLU A 447 -9.43 2.70 24.36
N PRO A 448 -10.45 3.37 24.95
CA PRO A 448 -11.74 3.50 24.27
C PRO A 448 -11.68 3.99 22.83
N TYR A 449 -10.61 4.71 22.48
CA TYR A 449 -10.41 5.22 21.13
C TYR A 449 -10.07 4.16 20.11
N GLU A 450 -9.48 3.07 20.56
CA GLU A 450 -9.20 1.97 19.68
C GLU A 450 -10.49 1.44 19.02
N ALA A 451 -11.44 1.07 19.86
CA ALA A 451 -12.72 0.52 19.44
C ALA A 451 -13.34 1.39 18.36
N LEU A 452 -13.54 2.65 18.72
CA LEU A 452 -14.11 3.63 17.81
C LEU A 452 -13.47 3.60 16.44
N ASN A 453 -12.14 3.65 16.41
CA ASN A 453 -11.39 3.59 15.15
C ASN A 453 -11.44 2.23 14.45
N LEU A 454 -11.46 1.16 15.25
CA LEU A 454 -11.65 -0.19 14.75
C LEU A 454 -12.99 -0.33 14.06
N TRP A 455 -14.05 0.14 14.71
CA TRP A 455 -15.40 -0.03 14.19
C TRP A 455 -15.72 0.94 13.05
N GLY A 456 -15.01 2.06 13.04
CA GLY A 456 -15.08 3.03 11.95
C GLY A 456 -16.20 4.02 12.12
N TYR A 457 -16.88 3.97 13.27
CA TYR A 457 -18.10 4.72 13.51
C TYR A 457 -17.79 5.92 14.42
N LYS A 458 -18.31 7.08 14.00
CA LYS A 458 -18.23 8.33 14.72
C LYS A 458 -19.66 8.76 14.98
N PRO A 459 -20.05 9.03 16.26
CA PRO A 459 -21.40 9.56 16.51
C PRO A 459 -21.66 10.90 15.79
N GLU A 460 -22.85 11.07 15.21
CA GLU A 460 -23.19 12.29 14.47
C GLU A 460 -22.90 13.58 15.24
N SER A 461 -23.11 13.50 16.55
CA SER A 461 -22.91 14.59 17.50
C SER A 461 -21.48 14.76 18.05
N PHE A 462 -20.47 14.14 17.42
CA PHE A 462 -19.07 14.34 17.83
C PHE A 462 -18.39 15.31 16.88
N GLU A 463 -17.47 16.12 17.41
CA GLU A 463 -16.72 17.06 16.57
C GLU A 463 -15.56 16.40 15.85
N GLU A 464 -14.82 15.51 16.50
CA GLU A 464 -13.60 14.96 15.90
C GLU A 464 -13.80 13.57 15.30
N SER A 465 -13.17 13.37 14.14
CA SER A 465 -13.08 12.11 13.42
C SER A 465 -12.50 10.97 14.25
N VAL A 466 -13.02 9.76 14.00
CA VAL A 466 -12.45 8.52 14.57
C VAL A 466 -11.44 7.82 13.62
N ASN A 467 -11.10 8.44 12.48
CA ASN A 467 -10.13 7.84 11.56
C ASN A 467 -8.72 8.03 12.10
N LEU A 468 -8.44 7.33 13.19
CA LEU A 468 -7.14 7.37 13.83
C LEU A 468 -6.08 6.68 12.96
N ASN A 469 -6.54 5.71 12.15
CA ASN A 469 -5.69 5.04 11.15
C ASN A 469 -4.98 6.01 10.21
N GLU A 470 -5.72 6.99 9.72
CA GLU A 470 -5.12 8.11 8.98
C GLU A 470 -4.26 9.05 9.88
N TYR A 471 -4.92 9.69 10.84
CA TYR A 471 -4.36 10.84 11.56
C TYR A 471 -3.33 10.48 12.65
N LEU A 472 -3.33 9.25 13.15
CA LEU A 472 -2.48 8.83 14.30
C LEU A 472 -1.50 7.71 14.01
N PHE A 473 -1.99 6.61 13.42
CA PHE A 473 -1.19 5.40 13.28
C PHE A 473 -0.56 5.19 11.92
N GLY A 474 -1.22 5.61 10.83
CA GLY A 474 -0.80 5.23 9.48
C GLY A 474 0.37 5.97 8.86
N GLU A 475 0.44 5.92 7.54
CA GLU A 475 1.59 6.48 6.81
C GLU A 475 1.77 7.97 6.96
N ARG A 476 0.66 8.69 7.16
CA ARG A 476 0.73 10.12 7.46
C ARG A 476 0.47 10.41 8.95
N GLY A 477 0.12 9.38 9.73
CA GLY A 477 -0.15 9.54 11.15
C GLY A 477 0.89 10.28 11.96
N LEU A 478 0.42 10.92 13.02
CA LEU A 478 1.26 11.70 13.92
C LEU A 478 2.42 10.86 14.44
N LEU A 479 2.16 9.60 14.79
CA LEU A 479 3.17 8.72 15.36
C LEU A 479 4.26 8.35 14.39
N THR A 480 3.91 8.26 13.10
CA THR A 480 4.90 8.13 12.06
C THR A 480 5.74 9.40 12.00
N LEU A 481 5.12 10.58 12.11
CA LEU A 481 5.85 11.86 12.17
C LEU A 481 6.83 11.90 13.34
N LEU A 482 6.39 11.42 14.50
CA LEU A 482 7.26 11.41 15.65
C LEU A 482 8.47 10.50 15.46
N ALA A 483 8.25 9.32 14.89
CA ALA A 483 9.34 8.39 14.59
C ALA A 483 10.34 9.01 13.61
N MET A 484 9.81 9.60 12.54
CA MET A 484 10.62 10.21 11.50
C MET A 484 11.21 11.54 11.93
N SER A 485 10.71 12.10 13.03
CA SER A 485 11.34 13.26 13.66
C SER A 485 12.37 12.87 14.74
N ASN A 486 12.81 11.62 14.79
CA ASN A 486 13.73 11.16 15.83
C ASN A 486 13.20 11.49 17.22
N VAL A 487 11.99 11.01 17.50
CA VAL A 487 11.44 11.08 18.83
C VAL A 487 10.91 9.68 19.09
N PRO A 488 11.83 8.73 19.33
CA PRO A 488 11.34 7.41 19.67
C PRO A 488 10.62 7.51 21.00
N PHE A 489 9.44 6.92 21.09
CA PHE A 489 8.58 7.12 22.25
C PHE A 489 8.21 5.78 22.91
N ASP A 490 7.95 5.87 24.22
CA ASP A 490 7.22 4.86 24.97
C ASP A 490 5.73 5.14 24.70
N VAL A 491 4.91 4.13 24.95
CA VAL A 491 3.47 4.30 25.03
C VAL A 491 3.08 4.01 26.46
N ILE A 492 2.18 4.84 26.99
CA ILE A 492 1.53 4.53 28.26
C ILE A 492 0.03 4.42 28.04
N ASP A 493 -0.62 3.52 28.77
CA ASP A 493 -2.06 3.48 28.81
C ASP A 493 -2.52 4.45 29.87
N LEU A 494 -3.33 5.43 29.47
CA LEU A 494 -3.69 6.54 30.35
C LEU A 494 -4.55 6.14 31.56
N GLU A 495 -5.42 5.16 31.40
CA GLU A 495 -6.25 4.67 32.50
C GLU A 495 -5.44 3.84 33.50
N ILE A 496 -4.58 2.97 32.98
CA ILE A 496 -3.74 2.09 33.83
C ILE A 496 -2.67 2.84 34.60
N SER A 497 -1.99 3.79 33.93
CA SER A 497 -0.77 4.34 34.50
C SER A 497 -1.07 5.24 35.70
N THR A 498 -0.25 5.09 36.74
CA THR A 498 -0.26 6.02 37.88
C THR A 498 0.42 7.33 37.45
N LEU A 499 0.31 8.35 38.29
CA LEU A 499 1.01 9.61 38.08
C LEU A 499 2.54 9.47 38.21
N GLU A 500 3.01 8.61 39.10
CA GLU A 500 4.47 8.39 39.29
C GLU A 500 5.12 7.97 37.99
N GLU A 501 4.48 7.02 37.32
CA GLU A 501 4.92 6.54 35.99
C GLU A 501 4.85 7.62 34.93
N MET A 502 3.81 8.44 34.95
CA MET A 502 3.67 9.56 34.00
C MET A 502 4.81 10.55 34.13
N LEU A 503 5.23 10.79 35.38
CA LEU A 503 6.28 11.77 35.69
C LEU A 503 7.71 11.26 35.51
N GLN A 504 7.88 10.00 35.10
CA GLN A 504 9.15 9.54 34.55
C GLN A 504 9.45 10.19 33.20
N TYR A 505 8.39 10.63 32.51
CA TYR A 505 8.48 11.24 31.18
C TYR A 505 8.48 12.78 31.22
N GLU A 506 9.39 13.38 30.45
CA GLU A 506 9.42 14.81 30.24
C GLU A 506 8.19 15.23 29.46
N GLN A 507 7.96 14.59 28.33
CA GLN A 507 6.85 14.95 27.45
C GLN A 507 5.87 13.78 27.28
N ILE A 508 4.57 14.10 27.29
CA ILE A 508 3.53 13.14 27.00
C ILE A 508 2.65 13.71 25.93
N TRP A 509 2.53 12.96 24.82
CA TRP A 509 1.66 13.32 23.71
C TRP A 509 0.37 12.57 23.85
N VAL A 510 -0.74 13.30 23.77
CA VAL A 510 -2.08 12.71 23.80
C VAL A 510 -2.90 13.19 22.61
N TYR A 511 -3.43 12.23 21.82
CA TYR A 511 -4.44 12.51 20.79
C TYR A 511 -5.79 12.43 21.47
N SER A 512 -6.63 13.47 21.32
CA SER A 512 -7.94 13.53 22.00
C SER A 512 -9.16 13.62 21.09
N LEU A 513 -10.24 13.01 21.55
CA LEU A 513 -11.53 13.03 20.89
C LEU A 513 -12.50 13.74 21.83
N ASP A 514 -13.80 13.62 21.53
CA ASP A 514 -14.87 14.32 22.24
C ASP A 514 -14.89 13.93 23.69
N PHE A 515 -14.63 12.65 23.98
CA PHE A 515 -14.76 12.09 25.34
C PHE A 515 -13.45 11.58 25.95
N MET A 516 -13.40 11.62 27.28
CA MET A 516 -12.21 11.26 28.05
C MET A 516 -12.58 11.29 29.53
N SER A 517 -12.23 10.27 30.30
CA SER A 517 -12.76 10.14 31.67
C SER A 517 -12.25 11.20 32.65
N ARG A 518 -13.05 11.46 33.68
CA ARG A 518 -12.71 12.43 34.73
C ARG A 518 -11.35 12.05 35.28
N GLU A 519 -11.23 10.80 35.73
CA GLU A 519 -9.96 10.29 36.29
C GLU A 519 -8.74 10.54 35.40
N VAL A 520 -8.89 10.32 34.10
CA VAL A 520 -7.77 10.49 33.17
C VAL A 520 -7.53 11.97 32.83
N GLN A 521 -8.58 12.77 32.77
CA GLN A 521 -8.43 14.23 32.70
C GLN A 521 -7.87 14.82 34.01
N GLU A 522 -8.16 14.16 35.13
CA GLU A 522 -7.64 14.59 36.42
C GLU A 522 -6.15 14.24 36.51
N LYS A 523 -5.79 13.04 36.06
CA LYS A 523 -4.39 12.66 35.92
C LYS A 523 -3.56 13.64 35.06
N LEU A 524 -4.09 14.02 33.92
CA LEU A 524 -3.35 14.91 33.02
C LEU A 524 -3.09 16.26 33.64
N ILE A 525 -4.09 16.84 34.32
CA ILE A 525 -3.89 18.15 34.97
C ILE A 525 -2.81 18.06 36.04
N LYS A 526 -2.68 16.92 36.73
CA LYS A 526 -1.68 16.77 37.79
C LYS A 526 -0.27 16.67 37.22
N TYR A 527 -0.13 15.87 36.18
CA TYR A 527 1.15 15.73 35.45
C TYR A 527 1.71 17.09 34.98
N VAL A 528 0.85 17.94 34.43
CA VAL A 528 1.25 19.30 34.00
C VAL A 528 1.62 20.14 35.23
N GLU A 529 0.69 20.20 36.18
CA GLU A 529 0.83 20.90 37.45
C GLU A 529 2.12 20.54 38.22
N GLU A 530 2.58 19.29 38.09
CA GLU A 530 3.77 18.80 38.77
C GLU A 530 5.11 19.08 38.05
N GLY A 531 5.06 19.46 36.77
CA GLY A 531 6.29 19.71 35.98
C GLY A 531 6.49 18.84 34.76
N GLY A 532 5.47 18.07 34.39
CA GLY A 532 5.44 17.39 33.11
C GLY A 532 5.15 18.36 31.97
N ASN A 533 5.25 17.88 30.75
CA ASN A 533 4.96 18.69 29.58
C ASN A 533 4.06 17.90 28.64
N LEU A 534 2.88 18.45 28.39
CA LEU A 534 1.83 17.74 27.68
C LEU A 534 1.69 18.34 26.30
N VAL A 535 1.52 17.49 25.28
CA VAL A 535 1.02 17.95 23.98
C VAL A 535 -0.28 17.23 23.68
N ILE A 536 -1.30 18.01 23.27
CA ILE A 536 -2.67 17.52 23.17
C ILE A 536 -3.35 18.10 21.90
N LEU A 537 -4.18 17.30 21.23
CA LEU A 537 -4.31 17.39 19.77
C LEU A 537 -5.39 16.43 19.30
N PRO A 538 -6.37 16.79 18.46
CA PRO A 538 -6.58 18.07 17.83
C PRO A 538 -7.63 18.94 18.54
N THR A 539 -8.22 18.43 19.61
CA THR A 539 -9.20 19.17 20.38
C THR A 539 -8.96 18.82 21.84
N LEU A 540 -9.69 19.48 22.71
CA LEU A 540 -9.77 19.04 24.07
C LEU A 540 -11.09 18.30 24.28
N PRO A 541 -11.08 17.36 25.23
CA PRO A 541 -12.32 16.69 25.53
C PRO A 541 -13.28 17.59 26.33
N TYR A 542 -14.56 17.24 26.26
CA TYR A 542 -15.65 17.92 27.01
C TYR A 542 -16.74 16.98 27.54
N LEU A 543 -16.49 15.66 27.47
CA LEU A 543 -17.40 14.61 27.93
C LEU A 543 -16.58 13.51 28.65
N ASP A 544 -17.25 12.75 29.50
CA ASP A 544 -16.58 11.67 30.22
C ASP A 544 -16.87 10.32 29.53
N GLU A 545 -16.40 9.24 30.15
CA GLU A 545 -16.65 7.86 29.68
C GLU A 545 -18.12 7.55 29.41
N ASN A 546 -19.02 8.11 30.22
CA ASN A 546 -20.47 7.92 30.06
C ASN A 546 -21.16 9.04 29.25
N MET A 547 -20.40 9.88 28.55
CA MET A 547 -20.92 10.90 27.64
C MET A 547 -21.69 12.01 28.36
N LYS A 548 -21.36 12.25 29.62
CA LYS A 548 -21.92 13.37 30.39
C LYS A 548 -20.90 14.48 30.32
N PRO A 549 -21.35 15.76 30.33
CA PRO A 549 -20.39 16.88 30.37
C PRO A 549 -19.28 16.71 31.41
N CYS A 550 -18.04 16.94 31.00
CA CYS A 550 -16.89 16.94 31.89
C CYS A 550 -15.71 17.67 31.22
N THR A 551 -15.38 18.85 31.74
CA THR A 551 -14.35 19.73 31.16
C THR A 551 -13.25 20.09 32.17
N ARG A 552 -12.85 19.13 32.98
CA ARG A 552 -11.83 19.40 33.98
C ARG A 552 -10.55 19.85 33.29
N LEU A 553 -10.17 19.17 32.21
CA LEU A 553 -8.93 19.48 31.49
C LEU A 553 -9.05 20.86 30.84
N ARG A 554 -10.09 21.08 30.04
CA ARG A 554 -10.36 22.40 29.41
C ARG A 554 -10.20 23.52 30.40
N ASP A 555 -10.94 23.39 31.50
CA ASP A 555 -10.99 24.40 32.54
C ASP A 555 -9.69 24.51 33.33
N PHE A 556 -9.04 23.38 33.63
CA PHE A 556 -7.74 23.44 34.28
C PHE A 556 -6.76 24.30 33.52
N LEU A 557 -6.76 24.13 32.20
CA LEU A 557 -5.86 24.86 31.31
C LEU A 557 -6.31 26.30 31.07
N GLY A 558 -7.61 26.53 31.09
CA GLY A 558 -8.15 27.85 30.82
C GLY A 558 -8.10 28.09 29.32
N VAL A 559 -8.44 27.04 28.59
CA VAL A 559 -8.28 26.96 27.14
C VAL A 559 -9.66 26.74 26.56
N GLU A 560 -10.17 27.71 25.81
CA GLU A 560 -11.48 27.57 25.13
C GLU A 560 -11.23 27.23 23.67
N VAL A 561 -11.64 26.01 23.29
CA VAL A 561 -11.40 25.41 21.97
C VAL A 561 -12.66 25.43 21.10
N GLU A 562 -12.67 26.26 20.06
CA GLU A 562 -13.75 26.29 19.07
C GLU A 562 -14.34 24.90 18.83
N ARG A 563 -15.63 24.87 18.56
CA ARG A 563 -16.31 23.64 18.13
C ARG A 563 -16.42 23.62 16.62
N ALA A 564 -15.66 22.72 16.00
CA ALA A 564 -15.72 22.51 14.55
C ALA A 564 -15.83 21.02 14.21
N LYS A 565 -16.80 20.68 13.37
CA LYS A 565 -17.09 19.29 13.01
C LYS A 565 -16.14 18.78 11.90
N ALA A 566 -15.34 17.78 12.22
CA ALA A 566 -14.45 17.17 11.26
C ALA A 566 -15.29 16.43 10.24
N ARG A 567 -14.88 16.56 9.00
CA ARG A 567 -15.63 16.10 7.86
C ARG A 567 -15.27 14.63 7.58
N ASP A 568 -16.28 13.82 7.22
CA ASP A 568 -16.08 12.40 6.87
C ASP A 568 -15.90 12.20 5.36
N ASN A 569 -16.62 12.99 4.57
CA ASN A 569 -16.51 12.97 3.10
C ASN A 569 -15.18 13.53 2.56
N MET A 570 -14.38 12.64 1.98
CA MET A 570 -13.02 12.93 1.51
C MET A 570 -12.83 14.21 0.70
N ARG A 571 -13.77 14.49 -0.20
CA ARG A 571 -13.76 15.65 -1.08
C ARG A 571 -14.01 16.93 -0.28
N LEU A 572 -14.84 16.79 0.76
CA LEU A 572 -15.16 17.91 1.63
C LEU A 572 -14.10 18.22 2.70
N ILE A 573 -13.11 17.35 2.90
CA ILE A 573 -12.02 17.64 3.87
C ILE A 573 -11.05 18.73 3.36
N PRO A 574 -10.92 19.83 4.11
CA PRO A 574 -10.04 20.91 3.68
C PRO A 574 -8.52 20.65 3.78
N TYR A 575 -7.74 21.53 3.13
CA TYR A 575 -6.30 21.67 3.34
C TYR A 575 -6.10 23.09 3.84
N LEU A 576 -5.55 23.26 5.03
CA LEU A 576 -5.19 24.58 5.54
C LEU A 576 -3.71 24.63 5.70
N SER A 577 -3.15 25.84 5.79
CA SER A 577 -1.70 26.01 5.92
C SER A 577 -1.35 26.81 7.19
N VAL A 578 -0.62 26.15 8.08
CA VAL A 578 -0.37 26.63 9.44
C VAL A 578 0.99 27.33 9.51
N ASP A 579 0.99 28.62 9.85
CA ASP A 579 2.23 29.34 10.09
C ASP A 579 2.50 29.30 11.58
N ALA A 580 3.76 29.49 11.94
CA ALA A 580 4.22 29.57 13.32
C ALA A 580 5.61 30.23 13.35
N GLU A 581 6.18 30.42 14.54
CA GLU A 581 7.52 30.97 14.62
C GLU A 581 8.50 30.01 13.97
N GLY A 582 9.11 30.47 12.89
CA GLY A 582 10.11 29.71 12.18
C GLY A 582 9.55 28.78 11.13
N ILE A 583 8.22 28.57 11.10
CA ILE A 583 7.65 27.64 10.14
C ILE A 583 6.59 28.35 9.30
N ASP A 584 6.66 28.11 8.00
CA ASP A 584 5.87 28.82 7.01
C ASP A 584 4.98 27.82 6.28
N ARG A 585 3.68 27.86 6.55
CA ARG A 585 2.68 27.16 5.72
C ARG A 585 2.86 25.64 5.72
N MET A 586 2.88 25.06 6.92
CA MET A 586 2.87 23.60 7.11
C MET A 586 1.47 23.12 6.88
N VAL A 587 1.25 22.32 5.84
CA VAL A 587 -0.11 21.88 5.51
C VAL A 587 -0.71 21.03 6.60
N VAL A 588 -2.02 21.11 6.78
CA VAL A 588 -2.77 20.22 7.68
C VAL A 588 -4.10 19.84 7.04
N ARG A 589 -4.62 18.68 7.40
CA ARG A 589 -5.87 18.22 6.85
C ARG A 589 -6.97 18.40 7.86
N ASN A 590 -8.13 18.73 7.34
CA ASN A 590 -9.35 18.80 8.11
C ASN A 590 -9.40 19.99 9.06
N VAL A 591 -10.61 20.35 9.44
CA VAL A 591 -10.87 21.58 10.19
C VAL A 591 -9.91 21.85 11.36
N ALA A 592 -9.37 23.07 11.38
CA ALA A 592 -8.66 23.57 12.55
C ALA A 592 -9.62 24.25 13.51
N ARG A 593 -9.22 24.30 14.77
CA ARG A 593 -10.02 24.88 15.82
C ARG A 593 -9.22 26.02 16.38
N GLU A 594 -9.84 27.20 16.39
CA GLU A 594 -9.35 28.33 17.16
C GLU A 594 -9.06 27.93 18.59
N VAL A 595 -7.98 28.45 19.13
CA VAL A 595 -7.57 28.08 20.46
C VAL A 595 -7.16 29.33 21.22
N LYS A 596 -7.77 29.55 22.38
CA LYS A 596 -7.63 30.80 23.15
C LYS A 596 -7.00 30.57 24.52
N GLY A 597 -6.22 31.54 24.99
CA GLY A 597 -5.62 31.48 26.33
C GLY A 597 -4.35 30.66 26.38
N GLY A 598 -3.26 31.26 26.86
CA GLY A 598 -1.87 30.80 26.65
C GLY A 598 -1.26 31.70 25.58
N GLU A 599 0.08 31.73 25.46
CA GLU A 599 0.70 32.49 24.37
C GLU A 599 0.54 31.69 23.06
N ALA A 600 0.06 32.37 22.03
CA ALA A 600 -0.16 31.74 20.75
C ALA A 600 1.16 31.30 20.12
N ILE A 601 1.15 30.09 19.56
CA ILE A 601 2.29 29.56 18.81
C ILE A 601 1.96 29.11 17.38
N ALA A 602 0.68 29.02 16.99
CA ALA A 602 0.31 28.58 15.64
C ALA A 602 -0.93 29.29 15.12
N TRP A 603 -0.92 29.58 13.82
CA TRP A 603 -1.86 30.48 13.15
C TRP A 603 -2.32 29.90 11.82
N ILE A 604 -3.59 30.12 11.48
CA ILE A 604 -4.04 30.04 10.08
C ILE A 604 -4.64 31.39 9.76
N GLY A 605 -3.86 32.22 9.05
CA GLY A 605 -4.17 33.65 8.86
C GLY A 605 -4.14 34.37 10.20
N ASP A 606 -5.24 35.10 10.48
CA ASP A 606 -5.48 35.70 11.81
C ASP A 606 -5.68 34.65 12.91
N LYS A 607 -6.26 33.50 12.56
CA LYS A 607 -6.80 32.57 13.56
C LYS A 607 -5.71 31.80 14.32
N VAL A 608 -5.75 31.89 15.66
CA VAL A 608 -4.83 31.11 16.50
C VAL A 608 -5.29 29.65 16.65
N VAL A 609 -4.48 28.71 16.19
CA VAL A 609 -4.79 27.27 16.25
C VAL A 609 -3.84 26.49 17.15
N GLY A 610 -3.01 27.18 17.91
CA GLY A 610 -2.13 26.51 18.85
C GLY A 610 -1.72 27.44 19.96
N THR A 611 -1.52 26.87 21.15
CA THR A 611 -1.15 27.67 22.31
C THR A 611 -0.35 26.86 23.36
N ILE A 612 0.53 27.57 24.09
CA ILE A 612 1.30 26.97 25.20
C ILE A 612 0.77 27.61 26.48
N VAL A 613 0.53 26.77 27.49
CA VAL A 613 0.04 27.23 28.79
C VAL A 613 0.92 26.61 29.87
N ARG A 614 1.54 27.47 30.71
CA ARG A 614 2.23 27.01 31.91
C ARG A 614 1.29 27.10 33.10
N LYS A 615 1.28 26.06 33.91
CA LYS A 615 0.64 26.04 35.23
C LYS A 615 1.57 25.17 36.10
N GLY A 616 1.84 25.60 37.32
CA GLY A 616 2.81 24.90 38.18
C GLY A 616 4.19 24.79 37.51
N LYS A 617 4.96 23.78 37.93
CA LYS A 617 6.33 23.62 37.43
C LYS A 617 6.47 23.35 35.91
N GLY A 618 5.37 22.96 35.24
CA GLY A 618 5.41 22.56 33.82
C GLY A 618 4.40 23.24 32.90
N SER A 619 4.18 22.63 31.72
CA SER A 619 3.42 23.25 30.61
C SER A 619 2.53 22.30 29.79
N ALA A 620 1.69 22.91 28.97
CA ALA A 620 0.85 22.17 28.03
C ALA A 620 0.76 22.90 26.70
N VAL A 621 0.97 22.17 25.62
CA VAL A 621 0.73 22.64 24.26
C VAL A 621 -0.54 21.98 23.75
N ILE A 622 -1.47 22.80 23.28
CA ILE A 622 -2.74 22.33 22.76
C ILE A 622 -2.88 22.86 21.32
N LEU A 623 -3.00 21.92 20.36
CA LEU A 623 -3.09 22.23 18.92
C LEU A 623 -4.46 21.85 18.43
N GLY A 624 -5.13 22.80 17.80
CA GLY A 624 -6.45 22.60 17.25
C GLY A 624 -6.49 21.97 15.86
N PHE A 625 -5.46 21.22 15.47
CA PHE A 625 -5.42 20.60 14.15
C PHE A 625 -4.77 19.23 14.26
N ARG A 626 -4.83 18.46 13.18
CA ARG A 626 -4.28 17.12 13.12
C ARG A 626 -2.89 17.18 12.53
N LEU A 627 -1.92 17.19 13.42
CA LEU A 627 -0.53 17.28 13.07
C LEU A 627 -0.15 15.92 12.49
N GLN A 628 0.33 15.91 11.24
CA GLN A 628 0.62 14.68 10.47
C GLN A 628 2.04 14.66 9.85
N TYR A 629 2.46 13.49 9.39
CA TYR A 629 3.70 13.28 8.64
C TYR A 629 3.53 13.57 7.13
N TYR A 630 4.20 14.62 6.65
CA TYR A 630 4.33 14.93 5.21
C TYR A 630 5.77 15.27 4.84
N SER A 631 6.34 14.49 3.92
CA SER A 631 7.74 14.65 3.46
C SER A 631 7.90 15.75 2.35
N SER A 632 8.98 16.54 2.46
CA SER A 632 9.27 17.65 1.53
C SER A 632 10.60 18.29 1.86
N TYR A 633 11.16 18.99 0.88
CA TYR A 633 12.42 19.70 1.05
C TYR A 633 12.36 20.72 2.20
N HIS A 634 11.21 21.37 2.32
CA HIS A 634 11.00 22.38 3.34
C HIS A 634 10.89 21.74 4.71
N ASP A 635 10.18 20.60 4.77
CA ASP A 635 10.21 19.70 5.91
C ASP A 635 9.60 20.39 7.13
N MET A 636 8.49 21.06 6.87
CA MET A 636 7.90 21.99 7.82
C MET A 636 7.21 21.29 9.00
N HIS A 637 6.85 20.02 8.82
CA HIS A 637 6.17 19.22 9.86
C HIS A 637 7.17 18.73 10.90
N ARG A 638 8.28 18.18 10.41
CA ARG A 638 9.40 17.79 11.27
C ARG A 638 10.02 18.99 12.03
N LYS A 639 9.97 20.16 11.42
CA LYS A 639 10.43 21.38 12.08
C LYS A 639 9.47 21.76 13.20
N PHE A 640 8.18 21.73 12.91
CA PHE A 640 7.19 22.03 13.91
C PHE A 640 7.34 21.18 15.17
N VAL A 641 7.69 19.92 14.98
CA VAL A 641 7.97 19.01 16.11
C VAL A 641 9.11 19.53 16.96
N ASP A 642 10.28 19.73 16.33
CA ASP A 642 11.45 20.36 16.97
C ASP A 642 11.09 21.65 17.71
N LYS A 643 10.25 22.45 17.04
CA LYS A 643 9.78 23.72 17.57
C LYS A 643 8.92 23.54 18.83
N ILE A 644 8.06 22.54 18.85
CA ILE A 644 7.35 22.19 20.08
C ILE A 644 8.32 21.70 21.16
N LEU A 645 9.25 20.82 20.80
CA LEU A 645 10.20 20.29 21.79
C LEU A 645 11.08 21.38 22.45
N GLN A 646 11.53 22.37 21.65
CA GLN A 646 12.22 23.56 22.18
C GLN A 646 11.33 24.36 23.12
N LEU A 647 10.08 24.56 22.74
CA LEU A 647 9.14 25.37 23.54
C LEU A 647 8.90 24.86 24.92
N GLN A 648 8.91 23.54 25.06
CA GLN A 648 8.70 22.87 26.33
C GLN A 648 10.01 22.42 26.95
N GLY A 649 11.13 22.68 26.26
CA GLY A 649 12.45 22.44 26.80
C GLY A 649 12.74 20.98 27.07
N VAL A 650 12.60 20.16 26.04
CA VAL A 650 13.11 18.79 26.09
C VAL A 650 14.18 18.71 25.00
N LYS A 651 15.45 18.61 25.38
CA LYS A 651 16.49 18.44 24.39
C LYS A 651 16.53 16.95 24.20
N ARG A 652 16.91 16.51 23.01
CA ARG A 652 17.05 15.09 22.74
C ARG A 652 18.42 14.61 23.15
N GLU A 653 18.54 13.29 23.21
CA GLU A 653 19.80 12.63 23.48
C GLU A 653 20.70 12.66 22.24
N VAL A 654 20.10 12.41 21.06
CA VAL A 654 20.82 12.43 19.79
C VAL A 654 20.55 13.73 19.09
N GLU A 655 21.56 14.27 18.41
CA GLU A 655 21.42 15.40 17.51
C GLU A 655 21.94 14.92 16.15
N VAL A 656 21.32 15.38 15.07
CA VAL A 656 21.78 15.05 13.72
C VAL A 656 21.83 16.29 12.82
N SER A 657 22.87 16.38 12.01
CA SER A 657 22.95 17.44 11.02
C SER A 657 21.97 17.22 9.87
N ASN A 658 21.57 15.97 9.63
CA ASN A 658 20.62 15.60 8.57
C ASN A 658 19.39 14.90 9.19
N ARG A 659 18.21 15.52 9.07
CA ARG A 659 16.96 14.94 9.60
C ARG A 659 16.56 13.58 9.01
N ASP A 660 16.99 13.30 7.77
CA ASP A 660 16.78 11.97 7.15
C ASP A 660 17.46 10.79 7.91
N ILE A 661 18.41 11.09 8.79
CA ILE A 661 19.05 10.05 9.61
C ILE A 661 18.14 9.77 10.81
N ILE A 662 17.59 8.57 10.88
CA ILE A 662 16.74 8.20 11.99
C ILE A 662 17.61 7.48 13.01
N ALA A 663 17.45 7.85 14.27
CA ALA A 663 18.36 7.45 15.35
C ALA A 663 17.57 7.13 16.62
N ILE A 664 17.78 5.92 17.15
CA ILE A 664 17.19 5.50 18.41
C ILE A 664 18.31 5.19 19.40
N PRO A 665 18.42 5.96 20.50
CA PRO A 665 19.44 5.67 21.50
C PRO A 665 19.05 4.52 22.43
N ARG A 666 19.97 3.57 22.55
CA ARG A 666 19.93 2.48 23.51
C ARG A 666 21.18 2.54 24.38
N ILE A 667 21.44 3.72 24.95
CA ILE A 667 22.51 3.95 25.93
C ILE A 667 23.90 3.85 25.30
N HIS A 668 24.49 2.65 25.30
CA HIS A 668 25.85 2.43 24.80
C HIS A 668 25.86 2.03 23.33
N TYR A 669 24.65 1.81 22.77
CA TYR A 669 24.44 1.66 21.33
C TYR A 669 23.59 2.84 20.83
N LEU A 670 23.88 3.26 19.61
CA LEU A 670 23.05 4.16 18.86
C LEU A 670 22.59 3.37 17.64
N VAL A 671 21.31 2.99 17.62
CA VAL A 671 20.74 2.35 16.46
C VAL A 671 20.58 3.46 15.48
N LEU A 672 21.19 3.31 14.30
CA LEU A 672 20.99 4.22 13.18
C LEU A 672 20.19 3.58 12.07
N VAL A 673 19.23 4.34 11.53
CA VAL A 673 18.34 3.87 10.47
C VAL A 673 18.28 4.82 9.28
N ASN A 674 18.59 4.27 8.11
CA ASN A 674 18.15 4.83 6.85
C ASN A 674 16.93 4.00 6.47
N PRO A 675 15.73 4.59 6.58
CA PRO A 675 14.51 3.90 6.15
C PRO A 675 14.20 4.07 4.66
N ARG A 676 15.03 4.82 3.94
CA ARG A 676 14.86 5.02 2.50
C ARG A 676 16.01 4.41 1.73
N ASP A 677 15.74 3.89 0.54
CA ASP A 677 16.80 3.31 -0.30
C ASP A 677 17.43 4.46 -1.06
N GLU A 678 18.33 5.16 -0.37
CA GLU A 678 18.96 6.36 -0.90
C GLU A 678 20.19 6.72 -0.12
N GLU A 679 21.21 7.26 -0.78
CA GLU A 679 22.40 7.75 -0.12
C GLU A 679 21.98 8.82 0.86
N VAL A 680 22.50 8.73 2.07
CA VAL A 680 22.24 9.70 3.13
C VAL A 680 23.53 9.84 3.92
N ALA A 681 23.89 11.08 4.23
CA ALA A 681 25.04 11.33 5.09
C ALA A 681 24.80 12.56 5.94
N GLY A 682 25.76 12.86 6.82
CA GLY A 682 25.66 14.00 7.75
C GLY A 682 26.29 13.60 9.05
N LYS A 683 26.42 14.56 9.96
CA LYS A 683 27.08 14.33 11.27
C LYS A 683 26.07 13.93 12.34
N VAL A 684 26.57 13.31 13.40
CA VAL A 684 25.76 12.76 14.51
C VAL A 684 26.41 13.01 15.87
N LYS A 685 25.83 13.90 16.67
CA LYS A 685 26.26 14.13 18.06
C LYS A 685 25.42 13.24 18.99
N TYR A 686 26.08 12.46 19.84
CA TYR A 686 25.39 11.61 20.83
C TYR A 686 26.35 11.33 21.98
N ARG A 687 25.81 11.31 23.20
CA ARG A 687 26.49 10.73 24.36
C ARG A 687 27.86 11.38 24.67
N GLY A 688 28.06 12.63 24.23
CA GLY A 688 29.38 13.29 24.27
C GLY A 688 30.28 13.22 23.04
N VAL A 689 30.05 12.26 22.14
CA VAL A 689 30.92 12.07 20.96
C VAL A 689 30.30 12.75 19.73
N GLU A 690 31.03 12.85 18.64
CA GLU A 690 30.38 13.18 17.36
C GLU A 690 31.14 12.61 16.18
N PHE A 691 30.39 12.22 15.15
CA PHE A 691 30.96 11.59 13.98
C PHE A 691 30.08 11.72 12.76
N GLU A 692 30.73 11.53 11.60
CA GLU A 692 30.03 11.57 10.34
C GLU A 692 29.70 10.14 9.96
N ILE A 693 28.63 9.98 9.20
CA ILE A 693 28.17 8.68 8.71
C ILE A 693 27.61 8.84 7.31
N LYS A 694 27.85 7.86 6.45
CA LYS A 694 27.25 7.78 5.13
C LYS A 694 26.57 6.41 5.06
N MET A 695 25.29 6.41 4.69
CA MET A 695 24.49 5.19 4.59
C MET A 695 24.00 5.05 3.19
N LYS A 696 24.53 4.07 2.47
CA LYS A 696 24.37 4.01 1.02
C LYS A 696 22.98 3.58 0.68
N GLY A 697 22.51 2.48 1.25
CA GLY A 697 21.12 2.02 1.02
C GLY A 697 20.19 2.11 2.22
N ARG A 698 19.11 1.33 2.17
CA ARG A 698 18.21 1.14 3.32
C ARG A 698 18.73 0.08 4.27
N GLY A 699 18.61 0.35 5.57
CA GLY A 699 19.02 -0.61 6.60
C GLY A 699 19.34 0.02 7.94
N VAL A 700 19.82 -0.83 8.84
CA VAL A 700 19.99 -0.49 10.25
C VAL A 700 21.37 -0.93 10.72
N LEU A 701 22.00 -0.09 11.53
CA LEU A 701 23.29 -0.39 12.14
C LEU A 701 23.15 -0.19 13.63
N PHE A 702 23.78 -1.05 14.40
CA PHE A 702 23.85 -0.88 15.84
C PHE A 702 25.26 -0.43 16.20
N ILE A 703 25.39 0.86 16.49
CA ILE A 703 26.68 1.52 16.57
C ILE A 703 27.10 1.73 18.02
N PRO A 704 28.24 1.13 18.43
CA PRO A 704 28.66 1.19 19.85
C PRO A 704 29.31 2.51 20.24
N VAL A 705 29.04 2.94 21.49
CA VAL A 705 29.53 4.22 22.03
C VAL A 705 29.84 4.11 23.52
N ASP A 706 31.07 4.46 23.91
CA ASP A 706 31.46 4.56 25.31
C ASP A 706 31.20 3.21 26.00
N VAL A 707 31.82 2.15 25.46
CA VAL A 707 31.47 0.77 25.86
C VAL A 707 32.67 -0.20 25.87
N GLU A 708 32.67 -1.11 26.84
CA GLU A 708 33.62 -2.21 26.90
C GLU A 708 33.06 -3.41 26.15
N ILE A 709 33.67 -3.74 25.01
CA ILE A 709 33.29 -4.91 24.21
C ILE A 709 34.52 -5.63 23.60
N ASN A 710 34.59 -6.96 23.82
CA ASN A 710 35.73 -7.81 23.42
C ASN A 710 37.11 -7.32 23.93
N GLY A 711 37.13 -6.93 25.20
CA GLY A 711 38.34 -6.43 25.87
C GLY A 711 38.84 -5.02 25.51
N VAL A 712 38.14 -4.30 24.65
CA VAL A 712 38.61 -2.99 24.15
C VAL A 712 37.58 -1.87 24.44
N LYS A 713 38.09 -0.71 24.85
CA LYS A 713 37.26 0.43 25.16
C LYS A 713 37.16 1.26 23.90
N LEU A 714 35.94 1.42 23.40
CA LEU A 714 35.67 2.21 22.20
C LEU A 714 34.94 3.48 22.59
N VAL A 715 35.34 4.58 21.95
CA VAL A 715 34.60 5.84 22.02
C VAL A 715 33.39 5.69 21.11
N TYR A 716 33.64 5.36 19.85
CA TYR A 716 32.58 5.00 18.92
C TYR A 716 33.10 4.11 17.80
N ALA A 717 32.17 3.48 17.07
CA ALA A 717 32.52 2.71 15.87
C ALA A 717 31.36 2.71 14.90
N THR A 718 31.58 3.23 13.71
CA THR A 718 30.52 3.48 12.71
C THR A 718 30.02 2.19 11.98
N ALA A 719 30.01 1.06 12.69
CA ALA A 719 29.60 -0.25 12.18
C ALA A 719 29.11 -1.17 13.30
N THR A 720 28.45 -2.27 12.95
CA THR A 720 27.73 -3.14 13.89
C THR A 720 28.59 -4.33 14.40
N PRO A 721 28.76 -4.48 15.73
CA PRO A 721 29.53 -5.62 16.24
C PRO A 721 28.79 -6.94 16.21
N ILE A 722 29.34 -7.91 15.48
CA ILE A 722 28.72 -9.23 15.28
C ILE A 722 29.65 -10.36 15.72
N GLY A 723 30.53 -10.09 16.68
CA GLY A 723 31.43 -11.10 17.27
C GLY A 723 32.88 -10.69 17.34
N GLY A 724 33.76 -11.70 17.32
CA GLY A 724 35.22 -11.52 17.42
C GLY A 724 35.89 -12.48 18.41
N GLY A 725 36.54 -11.89 19.42
CA GLY A 725 37.50 -12.60 20.30
C GLY A 725 38.33 -11.62 21.11
N ASN A 726 39.18 -12.13 22.01
CA ASN A 726 39.94 -11.26 22.93
C ASN A 726 40.69 -10.18 22.16
N ARG A 727 40.41 -8.92 22.52
CA ARG A 727 40.96 -7.76 21.84
C ARG A 727 40.89 -7.88 20.30
N ARG A 728 39.70 -8.26 19.83
CA ARG A 728 39.35 -8.41 18.39
C ARG A 728 37.85 -8.12 18.21
N ILE A 729 37.47 -7.31 17.20
CA ILE A 729 36.04 -7.03 16.95
C ILE A 729 35.63 -7.19 15.48
N LYS A 730 34.68 -8.10 15.25
CA LYS A 730 34.16 -8.38 13.92
C LYS A 730 33.00 -7.43 13.64
N PHE A 731 33.13 -6.60 12.61
CA PHE A 731 32.15 -5.55 12.30
C PHE A 731 31.33 -5.85 11.04
N ARG A 732 30.12 -5.25 11.00
CA ARG A 732 29.14 -5.37 9.91
C ARG A 732 28.68 -3.98 9.47
N ASN A 733 29.08 -3.56 8.26
CA ASN A 733 28.59 -2.32 7.66
C ASN A 733 28.34 -2.52 6.16
N HIS A 734 27.09 -2.88 5.89
CA HIS A 734 26.59 -3.22 4.54
C HIS A 734 26.06 -1.98 3.83
N LEU A 735 26.09 -0.85 4.53
CA LEU A 735 25.59 0.41 4.02
C LEU A 735 26.74 1.34 3.70
N SER A 736 27.95 0.79 3.60
CA SER A 736 29.12 1.60 3.34
C SER A 736 30.29 0.80 2.83
N ASP A 737 31.23 1.53 2.25
CA ASP A 737 32.53 1.04 1.83
C ASP A 737 33.53 1.32 2.94
N THR A 738 33.14 2.13 3.93
CA THR A 738 34.05 2.78 4.88
C THR A 738 33.45 2.79 6.30
N SER A 739 34.31 2.73 7.32
CA SER A 739 33.87 2.88 8.72
C SER A 739 34.91 3.63 9.52
N GLU A 740 34.46 4.25 10.60
CA GLU A 740 35.24 5.23 11.37
C GLU A 740 35.22 4.79 12.84
N ILE A 741 36.39 4.41 13.35
CA ILE A 741 36.48 3.81 14.69
C ILE A 741 37.32 4.72 15.60
N ALA A 742 36.90 4.82 16.86
CA ALA A 742 37.57 5.64 17.86
C ALA A 742 37.68 4.84 19.15
N ILE A 743 38.80 5.00 19.85
CA ILE A 743 39.16 4.12 20.99
C ILE A 743 39.95 4.83 22.11
N ARG A 744 39.60 4.51 23.35
CA ARG A 744 40.09 5.25 24.49
C ARG A 744 41.54 4.94 24.82
N ASP A 745 41.85 3.66 25.03
CA ASP A 745 43.15 3.23 25.58
C ASP A 745 43.77 2.02 24.87
N GLY A 746 43.66 1.96 23.54
CA GLY A 746 44.30 0.92 22.73
C GLY A 746 44.71 1.45 21.36
N ARG A 747 45.34 0.61 20.56
CA ARG A 747 45.73 0.94 19.18
C ARG A 747 45.17 -0.12 18.26
N ILE A 748 45.24 0.11 16.95
CA ILE A 748 44.93 -0.92 15.95
C ILE A 748 46.20 -1.68 15.54
N ARG A 749 46.30 -2.95 15.94
CA ARG A 749 47.36 -3.84 15.46
C ARG A 749 47.18 -4.16 13.96
N GLY A 750 45.97 -4.55 13.56
CA GLY A 750 45.66 -4.85 12.14
C GLY A 750 44.17 -4.98 11.81
N VAL A 751 43.87 -5.22 10.52
CA VAL A 751 42.50 -5.33 9.99
C VAL A 751 42.43 -6.60 9.19
N LYS A 752 41.32 -7.34 9.25
CA LYS A 752 41.24 -8.62 8.54
C LYS A 752 40.67 -8.46 7.15
N GLY A 753 39.51 -7.81 7.04
CA GLY A 753 38.80 -7.70 5.76
C GLY A 753 38.95 -6.37 5.04
N GLY A 754 40.12 -5.75 5.16
CA GLY A 754 40.33 -4.38 4.66
C GLY A 754 41.58 -3.78 5.27
N TYR A 755 41.65 -2.45 5.32
CA TYR A 755 42.85 -1.74 5.81
C TYR A 755 42.53 -0.40 6.42
N VAL A 756 43.52 0.19 7.10
CA VAL A 756 43.37 1.47 7.76
C VAL A 756 43.71 2.58 6.77
N LEU A 757 42.68 3.19 6.18
CA LEU A 757 42.83 4.24 5.14
C LEU A 757 43.15 5.65 5.70
N GLN A 758 43.01 5.87 7.01
CA GLN A 758 43.22 7.21 7.58
C GLN A 758 43.65 7.16 9.03
N GLU A 759 44.18 8.30 9.47
CA GLU A 759 44.16 8.68 10.86
C GLU A 759 43.62 10.12 10.89
N LYS A 760 42.68 10.40 11.79
CA LYS A 760 42.35 11.76 12.18
C LYS A 760 43.11 12.12 13.45
N GLY A 761 43.53 11.11 14.21
CA GLY A 761 44.43 11.29 15.33
C GLY A 761 43.62 11.32 16.60
N GLU A 762 44.32 11.29 17.74
CA GLU A 762 43.69 11.13 19.08
C GLU A 762 43.08 9.73 19.25
N ARG A 763 43.55 8.79 18.40
CA ARG A 763 43.07 7.41 18.28
C ARG A 763 41.70 7.21 17.56
N VAL A 764 41.50 7.88 16.43
CA VAL A 764 40.35 7.59 15.52
C VAL A 764 40.85 7.23 14.11
N TYR A 765 40.32 6.13 13.56
CA TYR A 765 40.81 5.55 12.30
C TYR A 765 39.65 5.34 11.32
N VAL A 766 39.91 5.58 10.05
CA VAL A 766 38.95 5.26 8.97
C VAL A 766 39.37 3.97 8.24
N ILE A 767 38.55 2.94 8.36
CA ILE A 767 38.81 1.64 7.78
C ILE A 767 38.23 1.64 6.37
N ARG A 768 38.75 0.79 5.50
CA ARG A 768 38.24 0.65 4.15
C ARG A 768 38.05 -0.83 3.79
N HIS A 769 36.78 -1.23 3.68
CA HIS A 769 36.40 -2.63 3.50
C HIS A 769 35.52 -2.81 2.27
N GLU A 770 35.86 -3.80 1.43
CA GLU A 770 35.14 -4.01 0.15
C GLU A 770 33.99 -5.02 0.31
N ARG A 771 33.82 -5.57 1.51
CA ARG A 771 32.69 -6.44 1.86
C ARG A 771 31.94 -5.79 3.03
N GLU A 772 30.71 -6.26 3.28
CA GLU A 772 29.94 -5.84 4.47
C GLU A 772 30.66 -6.13 5.78
N THR A 773 31.38 -7.26 5.84
CA THR A 773 32.00 -7.75 7.07
C THR A 773 33.53 -7.56 7.08
N PHE A 774 34.08 -7.36 8.28
CA PHE A 774 35.51 -7.19 8.46
C PHE A 774 35.90 -7.25 9.95
N GLU A 775 37.17 -7.54 10.25
CA GLU A 775 37.68 -7.63 11.64
C GLU A 775 38.81 -6.64 11.97
N ILE A 776 38.89 -6.24 13.23
CA ILE A 776 39.87 -5.28 13.73
C ILE A 776 40.58 -5.93 14.89
N GLU A 777 41.92 -6.03 14.82
CA GLU A 777 42.78 -6.50 15.93
C GLU A 777 43.27 -5.30 16.73
N PHE A 778 43.08 -5.32 18.04
CA PHE A 778 43.49 -4.22 18.92
C PHE A 778 44.70 -4.59 19.78
N MET B 4 8.18 25.45 -39.65
CA MET B 4 6.93 26.25 -39.38
C MET B 4 5.62 25.42 -39.34
N LYS B 5 5.68 24.17 -38.85
CA LYS B 5 4.52 23.25 -38.82
C LYS B 5 4.70 22.19 -37.76
N VAL B 6 3.60 21.69 -37.22
CA VAL B 6 3.59 20.58 -36.23
C VAL B 6 2.54 19.56 -36.66
N GLN B 7 3.01 18.41 -37.13
CA GLN B 7 2.12 17.41 -37.71
C GLN B 7 2.33 16.14 -36.95
N HIS B 8 1.65 15.08 -37.38
CA HIS B 8 1.82 13.77 -36.77
C HIS B 8 1.26 12.65 -37.66
N ASP B 9 1.93 11.50 -37.59
CA ASP B 9 1.31 10.24 -37.97
C ASP B 9 0.78 9.69 -36.66
N GLY B 10 0.06 8.58 -36.72
CA GLY B 10 -0.49 7.95 -35.50
C GLY B 10 0.48 7.58 -34.38
N ARG B 11 1.78 7.79 -34.61
CA ARG B 11 2.88 7.32 -33.75
C ARG B 11 3.68 8.44 -33.03
N LEU B 12 4.17 9.41 -33.80
CA LEU B 12 5.04 10.49 -33.28
C LEU B 12 4.67 11.83 -33.87
N TYR B 13 4.96 12.89 -33.13
CA TYR B 13 4.77 14.24 -33.63
C TYR B 13 5.93 14.54 -34.59
N SER B 14 5.66 15.35 -35.61
CA SER B 14 6.66 15.78 -36.62
C SER B 14 6.80 17.31 -36.56
N LEU B 15 8.04 17.78 -36.42
CA LEU B 15 8.37 19.20 -36.62
C LEU B 15 9.08 19.35 -37.96
N ASP B 16 8.52 20.15 -38.88
CA ASP B 16 9.17 20.44 -40.17
C ASP B 16 9.49 19.16 -40.96
N ASP B 17 8.59 18.19 -40.92
CA ASP B 17 8.83 16.81 -41.41
C ASP B 17 9.82 15.95 -40.61
N GLU B 18 10.62 16.56 -39.70
CA GLU B 18 11.45 15.82 -38.73
C GLU B 18 10.58 15.25 -37.60
N ARG B 19 10.46 13.93 -37.54
CA ARG B 19 9.78 13.29 -36.43
C ARG B 19 10.69 13.13 -35.22
N ILE B 20 10.07 13.17 -34.03
CA ILE B 20 10.77 13.23 -32.75
C ILE B 20 9.99 12.60 -31.58
N VAL B 21 10.75 12.05 -30.63
CA VAL B 21 10.23 11.54 -29.37
C VAL B 21 10.18 12.70 -28.38
N VAL B 22 8.96 13.02 -27.91
CA VAL B 22 8.75 14.02 -26.86
C VAL B 22 9.14 13.36 -25.55
N TYR B 23 10.27 13.76 -25.01
CA TYR B 23 10.78 13.26 -23.75
C TYR B 23 11.02 14.48 -22.87
N GLY B 24 10.08 14.75 -21.96
CA GLY B 24 10.07 16.02 -21.24
C GLY B 24 9.95 15.93 -19.74
N GLY B 25 10.16 17.08 -19.10
CA GLY B 25 9.81 17.27 -17.70
C GLY B 25 8.90 18.48 -17.56
N THR B 26 8.20 18.56 -16.43
CA THR B 26 7.45 19.76 -16.06
C THR B 26 8.36 20.71 -15.31
N LEU B 27 8.41 21.96 -15.73
CA LEU B 27 8.94 23.04 -14.90
C LEU B 27 7.84 24.08 -14.83
N GLN B 28 7.32 24.29 -13.61
CA GLN B 28 6.34 25.34 -13.38
C GLN B 28 7.10 26.59 -12.91
N TYR B 29 7.49 27.38 -13.94
CA TYR B 29 8.12 28.70 -13.80
C TYR B 29 7.51 29.53 -12.69
N PHE B 30 6.18 29.46 -12.57
CA PHE B 30 5.50 30.25 -11.57
C PHE B 30 5.84 29.84 -10.15
N ARG B 31 6.34 28.61 -9.99
CA ARG B 31 6.72 28.03 -8.69
C ARG B 31 8.23 27.84 -8.44
N VAL B 32 9.07 28.40 -9.30
CA VAL B 32 10.54 28.31 -9.17
C VAL B 32 11.09 29.75 -9.23
N PRO B 33 12.03 30.11 -8.34
CA PRO B 33 12.68 31.42 -8.45
C PRO B 33 13.21 31.68 -9.86
N ARG B 34 12.83 32.80 -10.48
CA ARG B 34 13.20 33.07 -11.89
C ARG B 34 14.70 32.95 -12.16
N ASN B 35 15.51 33.46 -11.23
CA ASN B 35 16.97 33.42 -11.36
C ASN B 35 17.61 32.02 -11.21
N TYR B 36 16.80 30.97 -11.01
CA TYR B 36 17.23 29.59 -11.21
C TYR B 36 16.72 28.98 -12.50
N TRP B 37 15.72 29.57 -13.16
CA TRP B 37 15.12 28.94 -14.35
C TRP B 37 16.15 28.44 -15.36
N GLU B 38 17.21 29.21 -15.54
CA GLU B 38 18.27 28.84 -16.49
C GLU B 38 18.99 27.54 -16.10
N ASP B 39 19.49 27.47 -14.87
CA ASP B 39 20.23 26.29 -14.38
C ASP B 39 19.39 25.04 -14.44
N ARG B 40 18.13 25.19 -14.02
CA ARG B 40 17.20 24.10 -13.96
C ARG B 40 16.87 23.57 -15.34
N LEU B 41 16.60 24.48 -16.29
CA LEU B 41 16.33 24.11 -17.70
C LEU B 41 17.55 23.45 -18.37
N ARG B 42 18.74 24.00 -18.08
CA ARG B 42 20.02 23.41 -18.53
C ARG B 42 20.12 21.95 -18.10
N LYS B 43 19.99 21.76 -16.78
CA LYS B 43 19.94 20.43 -16.13
C LYS B 43 18.97 19.47 -16.77
N MET B 44 17.73 19.91 -16.99
CA MET B 44 16.72 19.12 -17.73
C MET B 44 17.20 18.68 -19.10
N LYS B 45 17.92 19.57 -19.78
CA LYS B 45 18.46 19.26 -21.10
C LYS B 45 19.62 18.26 -20.99
N SER B 46 20.47 18.41 -19.97
CA SER B 46 21.56 17.45 -19.71
C SER B 46 21.10 16.07 -19.25
N HIS B 47 19.84 15.92 -18.90
CA HIS B 47 19.25 14.58 -18.71
C HIS B 47 18.71 14.03 -20.05
N GLY B 48 18.75 14.84 -21.11
CA GLY B 48 18.31 14.44 -22.44
C GLY B 48 16.84 14.72 -22.65
N LEU B 49 16.29 15.69 -21.91
CA LEU B 49 14.90 16.10 -22.13
C LEU B 49 14.92 17.12 -23.24
N ASN B 50 14.03 16.94 -24.21
CA ASN B 50 13.92 17.83 -25.36
C ASN B 50 12.68 18.74 -25.33
N THR B 51 11.78 18.48 -24.36
CA THR B 51 10.53 19.19 -24.17
C THR B 51 10.41 19.65 -22.72
N VAL B 52 9.83 20.84 -22.49
CA VAL B 52 9.46 21.27 -21.12
C VAL B 52 7.99 21.72 -21.02
N GLU B 53 7.20 21.01 -20.21
CA GLU B 53 5.79 21.31 -20.00
C GLU B 53 5.61 22.33 -18.85
N THR B 54 4.57 23.15 -18.97
CA THR B 54 4.17 24.06 -17.91
C THR B 54 2.70 24.45 -18.01
N TYR B 55 2.09 24.67 -16.83
CA TYR B 55 0.76 25.22 -16.74
C TYR B 55 0.85 26.72 -16.95
N ILE B 56 -0.30 27.34 -17.21
CA ILE B 56 -0.47 28.79 -17.07
C ILE B 56 -1.70 29.02 -16.18
N ALA B 57 -1.41 29.62 -15.03
CA ALA B 57 -2.37 29.77 -13.97
C ALA B 57 -3.06 31.12 -14.10
N TRP B 58 -4.28 31.07 -14.63
CA TRP B 58 -5.18 32.23 -14.62
C TRP B 58 -5.06 33.02 -13.32
N ASN B 59 -5.42 32.39 -12.20
CA ASN B 59 -5.03 32.80 -10.85
C ASN B 59 -3.84 33.74 -10.71
N TRP B 60 -2.72 33.28 -11.24
CA TRP B 60 -1.44 33.87 -10.96
C TRP B 60 -1.32 35.12 -11.77
N HIS B 61 -1.58 34.99 -13.06
CA HIS B 61 -1.39 36.09 -14.00
C HIS B 61 -2.51 37.16 -13.98
N GLU B 62 -3.68 36.85 -13.43
CA GLU B 62 -4.78 37.80 -13.30
C GLU B 62 -5.15 37.99 -11.82
N PRO B 63 -4.23 38.54 -11.00
CA PRO B 63 -4.47 38.62 -9.54
C PRO B 63 -5.75 39.35 -9.14
N GLN B 64 -6.18 40.32 -9.95
CA GLN B 64 -7.43 41.07 -9.78
C GLN B 64 -8.16 41.19 -11.11
N GLU B 65 -9.48 41.11 -11.08
CA GLU B 65 -10.27 41.13 -12.30
C GLU B 65 -9.74 42.23 -13.21
N GLY B 66 -9.31 41.85 -14.40
CA GLY B 66 -8.84 42.81 -15.41
C GLY B 66 -7.40 43.29 -15.31
N VAL B 67 -6.74 43.05 -14.17
CA VAL B 67 -5.31 43.37 -14.01
C VAL B 67 -4.48 42.19 -14.51
N PHE B 68 -3.83 42.30 -15.66
CA PHE B 68 -2.98 41.22 -16.20
C PHE B 68 -1.49 41.46 -15.96
N ASP B 69 -0.73 40.38 -16.00
CA ASP B 69 0.73 40.42 -15.84
C ASP B 69 1.31 39.10 -16.36
N PHE B 70 2.03 39.19 -17.48
CA PHE B 70 2.80 38.06 -18.01
C PHE B 70 4.27 38.42 -18.23
N THR B 71 4.69 39.61 -17.82
CA THR B 71 6.07 40.06 -18.00
C THR B 71 6.82 40.18 -16.69
N GLY B 72 6.18 39.82 -15.57
CA GLY B 72 6.82 39.82 -14.25
C GLY B 72 7.09 41.21 -13.74
N GLU B 73 6.07 42.06 -13.79
CA GLU B 73 6.16 43.44 -13.31
C GLU B 73 6.01 43.44 -11.80
N THR B 74 4.88 42.88 -11.37
CA THR B 74 4.51 42.84 -9.97
C THR B 74 5.41 41.86 -9.21
N HIS B 75 5.49 40.63 -9.70
CA HIS B 75 6.25 39.55 -9.07
C HIS B 75 7.03 38.77 -10.15
N PRO B 76 8.37 38.54 -9.94
CA PRO B 76 9.20 37.95 -11.02
C PRO B 76 8.60 36.69 -11.65
N GLN B 77 8.09 35.80 -10.80
CA GLN B 77 7.54 34.52 -11.27
C GLN B 77 6.30 34.63 -12.17
N ARG B 78 5.74 35.84 -12.31
CA ARG B 78 4.74 36.11 -13.36
C ARG B 78 5.31 36.24 -14.78
N ASP B 79 6.64 36.24 -14.96
CA ASP B 79 7.26 36.41 -16.29
C ASP B 79 7.13 35.18 -17.21
N LEU B 80 5.94 34.94 -17.75
CA LEU B 80 5.66 33.84 -18.69
C LEU B 80 6.41 34.02 -19.99
N ILE B 81 6.43 35.25 -20.46
CA ILE B 81 7.13 35.64 -21.69
C ILE B 81 8.61 35.26 -21.61
N GLY B 82 9.29 35.80 -20.59
CA GLY B 82 10.71 35.56 -20.36
C GLY B 82 11.07 34.10 -20.17
N PHE B 83 10.17 33.34 -19.55
CA PHE B 83 10.34 31.89 -19.48
C PHE B 83 10.27 31.29 -20.88
N LEU B 84 9.19 31.56 -21.61
CA LEU B 84 8.99 31.00 -22.98
C LEU B 84 10.16 31.30 -23.93
N GLU B 85 10.76 32.49 -23.75
CA GLU B 85 11.95 32.90 -24.49
C GLU B 85 13.18 32.13 -24.04
N LEU B 86 13.36 32.02 -22.72
CA LEU B 86 14.48 31.24 -22.15
C LEU B 86 14.45 29.74 -22.52
N ALA B 87 13.26 29.16 -22.59
CA ALA B 87 13.07 27.77 -23.05
C ALA B 87 13.46 27.53 -24.51
N GLN B 88 13.20 28.55 -25.33
CA GLN B 88 13.54 28.56 -26.76
C GLN B 88 15.02 28.81 -26.95
N LYS B 89 15.52 29.85 -26.28
CA LYS B 89 16.95 30.19 -26.26
C LYS B 89 17.82 28.98 -25.95
N LEU B 90 17.41 28.18 -24.97
CA LEU B 90 18.15 26.97 -24.56
C LEU B 90 17.83 25.69 -25.36
N GLY B 91 16.84 25.71 -26.24
CA GLY B 91 16.65 24.63 -27.21
C GLY B 91 15.39 23.80 -27.03
N LEU B 92 14.79 23.87 -25.85
CA LEU B 92 13.70 22.98 -25.46
C LEU B 92 12.37 23.40 -26.08
N TYR B 93 11.61 22.45 -26.62
CA TYR B 93 10.23 22.72 -27.08
C TYR B 93 9.31 22.78 -25.87
N VAL B 94 8.27 23.60 -25.95
CA VAL B 94 7.38 23.80 -24.81
C VAL B 94 6.06 23.15 -25.10
N ILE B 95 5.51 22.46 -24.09
CA ILE B 95 4.09 22.10 -24.06
C ILE B 95 3.43 22.98 -23.02
N ILE B 96 2.26 23.53 -23.39
CA ILE B 96 1.57 24.56 -22.60
C ILE B 96 0.15 24.13 -22.22
N ARG B 97 -0.20 24.41 -20.98
CA ARG B 97 -1.50 24.03 -20.43
C ARG B 97 -2.07 25.30 -19.77
N PRO B 98 -2.94 26.04 -20.47
CA PRO B 98 -3.40 27.33 -19.96
C PRO B 98 -4.68 27.28 -19.11
N GLY B 99 -5.34 26.13 -19.05
CA GLY B 99 -6.45 25.94 -18.13
C GLY B 99 -7.78 25.89 -18.85
N PRO B 100 -8.83 26.53 -18.33
CA PRO B 100 -8.84 27.37 -17.10
C PRO B 100 -8.34 26.71 -15.80
N TYR B 101 -8.81 25.49 -15.55
CA TYR B 101 -8.41 24.70 -14.37
C TYR B 101 -7.13 23.90 -14.67
N ILE B 102 -6.20 23.96 -13.72
CA ILE B 102 -4.87 23.35 -13.84
C ILE B 102 -4.56 22.25 -12.82
N CYS B 103 -5.45 22.04 -11.84
CA CYS B 103 -5.24 21.10 -10.74
C CYS B 103 -3.93 21.52 -10.08
N GLY B 104 -2.88 20.70 -10.19
CA GLY B 104 -1.53 21.14 -9.87
C GLY B 104 -1.28 21.53 -8.43
N GLU B 105 -2.14 21.06 -7.52
CA GLU B 105 -2.01 21.27 -6.07
C GLU B 105 -1.97 22.77 -5.68
N TRP B 106 -2.70 23.58 -6.44
CA TRP B 106 -2.56 25.04 -6.44
C TRP B 106 -3.91 25.67 -6.13
N LYS B 107 -3.91 26.79 -5.39
CA LYS B 107 -5.15 27.46 -4.91
C LYS B 107 -6.22 27.53 -5.98
N ASN B 108 -7.38 26.95 -5.69
CA ASN B 108 -8.54 26.88 -6.58
C ASN B 108 -8.29 26.17 -7.93
N GLY B 109 -7.18 25.44 -7.98
CA GLY B 109 -6.72 24.82 -9.20
C GLY B 109 -6.64 25.80 -10.34
N GLY B 110 -6.17 27.01 -10.07
CA GLY B 110 -5.97 28.03 -11.11
C GLY B 110 -7.03 29.09 -11.25
N ILE B 111 -8.24 28.84 -10.73
CA ILE B 111 -9.35 29.78 -10.85
C ILE B 111 -9.14 30.92 -9.84
N PRO B 112 -9.45 32.19 -10.21
CA PRO B 112 -9.21 33.30 -9.25
C PRO B 112 -10.18 33.36 -8.08
N ASP B 113 -9.69 33.81 -6.93
CA ASP B 113 -10.55 34.03 -5.74
C ASP B 113 -11.66 35.04 -6.01
N TRP B 114 -11.30 36.17 -6.62
CA TRP B 114 -12.30 37.20 -6.97
C TRP B 114 -13.49 36.71 -7.82
N LEU B 115 -13.27 35.72 -8.69
CA LEU B 115 -14.38 35.23 -9.54
C LEU B 115 -15.39 34.50 -8.66
N ILE B 116 -14.90 33.60 -7.82
CA ILE B 116 -15.76 32.83 -6.91
C ILE B 116 -16.44 33.72 -5.86
N ASN B 117 -15.69 34.67 -5.30
CA ASN B 117 -16.22 35.62 -4.32
C ASN B 117 -17.28 36.50 -4.93
N SER B 118 -16.94 37.16 -6.03
CA SER B 118 -17.85 38.12 -6.63
C SER B 118 -18.93 37.49 -7.56
N HIS B 119 -18.91 36.17 -7.79
CA HIS B 119 -19.99 35.48 -8.52
C HIS B 119 -20.29 34.05 -8.02
N PRO B 120 -20.91 33.93 -6.83
CA PRO B 120 -21.23 32.60 -6.33
C PRO B 120 -22.26 31.82 -7.11
N GLU B 121 -23.02 32.47 -8.00
CA GLU B 121 -23.99 31.74 -8.83
C GLU B 121 -23.39 30.65 -9.74
N ILE B 122 -22.08 30.72 -10.01
CA ILE B 122 -21.39 29.70 -10.83
C ILE B 122 -20.97 28.44 -10.04
N LEU B 123 -20.90 28.54 -8.72
CA LEU B 123 -20.53 27.40 -7.87
C LEU B 123 -21.54 26.28 -7.96
N ALA B 124 -21.00 25.05 -8.06
CA ALA B 124 -21.78 23.84 -8.09
C ALA B 124 -22.52 23.62 -6.77
N LYS B 125 -23.58 22.84 -6.84
CA LYS B 125 -24.43 22.55 -5.69
C LYS B 125 -24.60 21.05 -5.57
N SER B 126 -24.73 20.59 -4.34
CA SER B 126 -25.10 19.21 -4.06
C SER B 126 -26.62 19.21 -3.93
N PRO B 127 -27.22 18.03 -3.72
CA PRO B 127 -28.63 18.00 -3.35
C PRO B 127 -28.92 18.83 -2.09
N ASN B 128 -27.99 18.84 -1.13
CA ASN B 128 -28.17 19.58 0.13
C ASN B 128 -27.80 21.08 0.06
N GLY B 129 -27.26 21.54 -1.06
CA GLY B 129 -26.97 22.96 -1.27
C GLY B 129 -25.53 23.25 -1.63
N SER B 130 -25.08 24.46 -1.29
CA SER B 130 -23.69 24.90 -1.43
C SER B 130 -22.67 24.00 -0.72
N PHE B 131 -21.44 24.03 -1.24
CA PHE B 131 -20.28 23.37 -0.61
C PHE B 131 -19.62 24.39 0.30
N PRO B 132 -19.07 23.95 1.47
CA PRO B 132 -18.34 24.92 2.30
C PRO B 132 -17.25 25.65 1.52
N ARG B 133 -16.88 26.87 1.93
CA ARG B 133 -15.79 27.59 1.26
C ARG B 133 -14.44 26.96 1.60
N ASP B 134 -14.33 26.37 2.79
CA ASP B 134 -13.18 25.54 3.20
C ASP B 134 -12.63 24.58 2.16
N VAL B 135 -13.53 24.03 1.33
CA VAL B 135 -13.16 22.93 0.43
C VAL B 135 -12.13 23.30 -0.61
N TYR B 136 -11.32 22.31 -0.98
CA TYR B 136 -10.32 22.47 -2.02
C TYR B 136 -10.98 22.43 -3.42
N TYR B 137 -10.31 23.06 -4.39
CA TYR B 137 -10.79 23.18 -5.76
C TYR B 137 -12.28 23.48 -5.81
N PRO B 138 -12.70 24.60 -5.19
CA PRO B 138 -14.15 24.90 -5.04
C PRO B 138 -14.89 24.62 -6.32
N PRO B 139 -15.86 23.68 -6.31
CA PRO B 139 -16.37 23.25 -7.61
C PRO B 139 -17.30 24.29 -8.23
N ILE B 140 -17.28 24.34 -9.56
CA ILE B 140 -17.99 25.30 -10.38
C ILE B 140 -18.81 24.54 -11.45
N THR B 141 -19.99 25.08 -11.75
CA THR B 141 -20.82 24.59 -12.85
C THR B 141 -20.21 25.01 -14.17
N TYR B 142 -19.91 24.04 -15.04
CA TYR B 142 -19.02 24.24 -16.18
C TYR B 142 -19.63 25.13 -17.26
N LEU B 143 -20.90 24.85 -17.58
CA LEU B 143 -21.62 25.60 -18.62
C LEU B 143 -22.30 26.93 -18.19
N HIS B 144 -22.23 27.28 -16.90
CA HIS B 144 -22.81 28.53 -16.40
C HIS B 144 -22.17 29.73 -17.12
N PRO B 145 -22.97 30.49 -17.90
CA PRO B 145 -22.50 31.59 -18.75
C PRO B 145 -21.45 32.46 -18.12
N THR B 146 -21.69 32.87 -16.88
CA THR B 146 -20.77 33.77 -16.17
C THR B 146 -19.38 33.16 -16.05
N TYR B 147 -19.30 31.88 -15.71
CA TYR B 147 -18.01 31.20 -15.69
C TYR B 147 -17.42 31.17 -17.10
N LEU B 148 -18.19 30.66 -18.07
CA LEU B 148 -17.76 30.59 -19.48
C LEU B 148 -17.26 31.95 -20.02
N GLU B 149 -18.01 33.02 -19.75
CA GLU B 149 -17.59 34.40 -20.06
C GLU B 149 -16.19 34.70 -19.53
N TYR B 150 -15.94 34.44 -18.25
CA TYR B 150 -14.64 34.76 -17.63
C TYR B 150 -13.53 33.78 -17.98
N ALA B 151 -13.90 32.56 -18.37
CA ALA B 151 -12.95 31.59 -18.92
C ALA B 151 -12.43 32.06 -20.28
N MET B 152 -13.35 32.53 -21.13
CA MET B 152 -12.98 33.08 -22.42
C MET B 152 -12.17 34.37 -22.26
N LYS B 153 -12.53 35.23 -21.32
CA LYS B 153 -11.73 36.47 -21.08
C LYS B 153 -10.30 36.19 -20.59
N TRP B 154 -10.09 35.01 -19.99
CA TRP B 154 -8.75 34.50 -19.68
C TRP B 154 -8.09 33.93 -20.94
N TYR B 155 -8.81 33.07 -21.67
CA TYR B 155 -8.32 32.55 -22.96
C TYR B 155 -8.00 33.63 -23.98
N GLU B 156 -8.76 34.73 -23.98
CA GLU B 156 -8.53 35.85 -24.91
C GLU B 156 -7.30 36.71 -24.56
N GLU B 157 -6.89 36.70 -23.28
CA GLU B 157 -5.73 37.45 -22.81
C GLU B 157 -4.46 36.60 -22.62
N VAL B 158 -4.57 35.28 -22.89
CA VAL B 158 -3.39 34.38 -22.88
C VAL B 158 -3.10 33.79 -24.28
N LEU B 159 -4.12 33.32 -25.00
CA LEU B 159 -3.90 32.67 -26.30
C LEU B 159 -3.22 33.55 -27.36
N PRO B 160 -3.33 34.90 -27.25
CA PRO B 160 -2.43 35.74 -28.04
C PRO B 160 -0.95 35.48 -27.77
N ILE B 161 -0.58 35.37 -26.49
CA ILE B 161 0.81 35.16 -26.08
C ILE B 161 1.31 33.77 -26.53
N ILE B 162 0.40 32.81 -26.57
CA ILE B 162 0.71 31.47 -27.05
C ILE B 162 0.89 31.49 -28.57
N ARG B 163 -0.04 32.18 -29.26
CA ARG B 163 0.05 32.40 -30.72
C ARG B 163 1.46 32.77 -31.11
N ASP B 164 2.00 33.79 -30.45
CA ASP B 164 3.30 34.37 -30.80
C ASP B 164 4.43 33.35 -30.66
N TYR B 165 4.37 32.52 -29.62
CA TYR B 165 5.42 31.52 -29.35
C TYR B 165 5.13 30.08 -29.85
N LEU B 166 4.00 29.83 -30.51
CA LEU B 166 3.79 28.59 -31.26
C LEU B 166 4.98 28.27 -32.16
N TYR B 167 5.25 26.98 -32.37
CA TYR B 167 6.35 26.57 -33.26
C TYR B 167 6.11 27.05 -34.69
N SER B 168 4.86 26.91 -35.15
CA SER B 168 4.42 27.37 -36.48
C SER B 168 4.60 28.87 -36.79
N ASN B 169 4.80 29.70 -35.76
CA ASN B 169 5.25 31.09 -35.92
C ASN B 169 6.65 31.27 -35.33
N GLY B 170 7.53 30.34 -35.69
CA GLY B 170 8.96 30.42 -35.34
C GLY B 170 9.31 30.24 -33.88
N GLY B 171 8.37 29.71 -33.09
CA GLY B 171 8.49 29.65 -31.63
C GLY B 171 8.85 28.27 -31.12
N SER B 172 8.48 28.02 -29.86
CA SER B 172 8.75 26.74 -29.18
C SER B 172 7.55 25.84 -28.92
N ILE B 173 6.35 26.40 -28.81
CA ILE B 173 5.18 25.64 -28.31
C ILE B 173 4.64 24.65 -29.35
N ILE B 174 4.86 23.37 -29.08
CA ILE B 174 4.42 22.31 -29.99
C ILE B 174 3.02 21.75 -29.69
N SER B 175 2.42 22.09 -28.54
CA SER B 175 0.98 21.83 -28.31
C SER B 175 0.39 22.64 -27.15
N VAL B 176 -0.94 22.63 -27.10
CA VAL B 176 -1.71 23.29 -26.05
C VAL B 176 -2.77 22.32 -25.54
N THR B 177 -2.85 22.19 -24.22
CA THR B 177 -3.76 21.23 -23.59
C THR B 177 -4.97 21.93 -23.00
N ILE B 178 -6.13 21.28 -23.11
CA ILE B 178 -7.38 21.78 -22.54
C ILE B 178 -7.50 21.43 -21.04
N ASP B 179 -7.59 22.48 -20.22
CA ASP B 179 -7.91 22.35 -18.79
C ASP B 179 -6.87 21.42 -18.15
N ASP B 180 -7.28 20.60 -17.19
CA ASP B 180 -6.48 19.50 -16.68
C ASP B 180 -7.39 18.45 -16.10
N GLU B 181 -7.36 17.23 -16.64
CA GLU B 181 -8.06 16.09 -16.04
C GLU B 181 -9.56 16.33 -15.75
N PRO B 182 -10.29 16.99 -16.67
CA PRO B 182 -11.65 17.52 -16.33
C PRO B 182 -12.64 16.47 -15.77
N SER B 183 -12.88 16.55 -14.46
CA SER B 183 -13.58 15.50 -13.70
C SER B 183 -14.73 16.08 -12.86
N TYR B 184 -15.24 17.23 -13.28
CA TYR B 184 -16.15 18.03 -12.49
C TYR B 184 -15.53 18.38 -11.13
N TRP B 185 -14.26 18.78 -11.17
CA TRP B 185 -13.57 19.25 -9.96
C TRP B 185 -13.51 18.11 -8.92
N GLU B 186 -13.13 16.93 -9.40
CA GLU B 186 -13.03 15.74 -8.57
C GLU B 186 -14.32 15.41 -7.81
N THR B 187 -15.48 15.75 -8.37
CA THR B 187 -16.77 15.40 -7.75
C THR B 187 -17.54 14.34 -8.56
N ILE B 188 -17.00 13.91 -9.70
CA ILE B 188 -17.71 12.92 -10.53
C ILE B 188 -17.62 11.51 -9.95
N PHE B 189 -16.65 11.31 -9.06
CA PHE B 189 -16.45 10.02 -8.40
C PHE B 189 -17.60 9.68 -7.49
N GLN B 190 -18.24 10.73 -6.94
CA GLN B 190 -19.43 10.60 -6.09
C GLN B 190 -20.67 10.89 -6.91
N PRO B 191 -21.58 9.90 -7.00
CA PRO B 191 -22.72 9.96 -7.94
C PRO B 191 -23.69 11.13 -7.72
N PHE B 192 -24.04 11.40 -6.45
CA PHE B 192 -25.00 12.44 -6.11
C PHE B 192 -24.39 13.58 -5.32
N LEU B 193 -23.12 13.86 -5.57
CA LEU B 193 -22.49 15.04 -4.95
C LEU B 193 -22.75 16.26 -5.76
N THR B 194 -22.98 16.06 -7.06
CA THR B 194 -22.84 17.13 -8.05
C THR B 194 -23.71 16.78 -9.30
N ASP B 195 -24.09 17.74 -10.17
CA ASP B 195 -24.22 19.17 -9.90
C ASP B 195 -25.71 19.45 -9.92
N TYR B 196 -26.17 20.17 -8.91
CA TYR B 196 -27.58 20.46 -8.73
C TYR B 196 -27.82 21.98 -8.75
N ASN B 197 -26.96 22.71 -9.45
CA ASN B 197 -27.14 24.14 -9.62
C ASN B 197 -28.46 24.38 -10.36
N GLU B 198 -29.02 25.57 -10.19
CA GLU B 198 -30.34 25.90 -10.74
C GLU B 198 -30.30 26.10 -12.25
N ILE B 199 -29.15 26.41 -12.82
CA ILE B 199 -29.01 26.48 -14.28
C ILE B 199 -29.22 25.12 -14.94
N ILE B 200 -28.83 24.06 -14.24
CA ILE B 200 -29.22 22.68 -14.54
C ILE B 200 -30.55 22.52 -13.78
N VAL B 201 -31.16 21.35 -13.73
CA VAL B 201 -32.24 21.06 -12.72
C VAL B 201 -33.60 21.74 -13.01
N ARG B 202 -33.61 23.08 -13.18
CA ARG B 202 -34.82 23.87 -13.55
C ARG B 202 -35.64 23.26 -14.68
N GLU B 203 -36.94 23.59 -14.71
CA GLU B 203 -37.79 23.05 -15.77
C GLU B 203 -37.31 23.63 -17.09
N ASN B 204 -36.98 22.74 -18.04
CA ASN B 204 -36.11 23.04 -19.18
C ASN B 204 -34.71 23.52 -18.77
N GLY B 205 -34.14 22.81 -17.79
CA GLY B 205 -32.72 22.88 -17.46
C GLY B 205 -31.94 21.96 -18.35
N ILE B 206 -30.74 21.58 -17.92
CA ILE B 206 -29.72 21.28 -18.90
C ILE B 206 -29.59 19.89 -19.49
N TRP B 207 -29.55 18.76 -18.78
CA TRP B 207 -30.51 18.04 -17.93
C TRP B 207 -31.82 17.72 -18.54
N HIS B 208 -32.72 18.69 -18.52
CA HIS B 208 -33.99 18.48 -19.19
C HIS B 208 -33.76 18.47 -20.70
N SER B 209 -33.04 19.44 -21.25
CA SER B 209 -32.73 19.41 -22.69
C SER B 209 -31.83 18.23 -23.12
N TRP B 210 -30.96 17.75 -22.22
CA TRP B 210 -30.10 16.61 -22.51
C TRP B 210 -30.93 15.36 -22.69
N LEU B 211 -31.80 15.11 -21.72
CA LEU B 211 -32.74 13.99 -21.81
C LEU B 211 -33.51 14.01 -23.16
N LYS B 212 -33.82 15.21 -23.68
CA LYS B 212 -34.44 15.35 -25.02
C LYS B 212 -33.49 14.89 -26.12
N GLU B 213 -32.32 15.52 -26.19
CA GLU B 213 -31.28 15.17 -27.18
C GLU B 213 -31.09 13.66 -27.35
N ASN B 214 -30.95 12.96 -26.22
CA ASN B 214 -30.49 11.57 -26.20
C ASN B 214 -31.58 10.50 -26.04
N TYR B 215 -32.76 10.85 -25.57
CA TYR B 215 -33.81 9.87 -25.35
C TYR B 215 -35.17 10.43 -25.77
N SER B 216 -36.15 9.53 -25.83
CA SER B 216 -37.57 9.88 -25.95
C SER B 216 -38.27 9.55 -24.61
N LEU B 217 -39.59 9.67 -24.55
CA LEU B 217 -40.40 9.10 -23.46
C LEU B 217 -40.86 7.72 -23.95
N GLY B 218 -39.91 6.79 -23.93
CA GLY B 218 -40.03 5.44 -24.51
C GLY B 218 -39.55 4.19 -23.74
N ASP B 219 -38.27 4.01 -23.39
CA ASP B 219 -37.18 5.01 -23.26
C ASP B 219 -37.52 6.00 -22.15
N LEU B 220 -36.92 5.85 -20.97
CA LEU B 220 -37.33 6.58 -19.73
C LEU B 220 -38.62 6.00 -19.15
N GLU B 221 -39.67 5.91 -19.96
CA GLU B 221 -40.88 5.16 -19.56
C GLU B 221 -40.48 3.72 -19.22
N GLU B 222 -39.67 3.10 -20.09
CA GLU B 222 -39.13 1.75 -19.85
C GLU B 222 -37.97 1.80 -18.85
N ARG B 223 -36.99 2.67 -19.10
CA ARG B 223 -35.77 2.74 -18.27
C ARG B 223 -36.08 3.03 -16.80
N TYR B 224 -36.70 4.17 -16.51
CA TYR B 224 -37.00 4.55 -15.12
C TYR B 224 -38.29 3.94 -14.54
N GLY B 225 -39.04 3.18 -15.34
CA GLY B 225 -40.16 2.36 -14.86
C GLY B 225 -41.38 3.14 -14.37
N GLU B 226 -41.72 4.20 -15.11
CA GLU B 226 -42.76 5.14 -14.70
C GLU B 226 -43.25 5.92 -15.91
N ARG B 227 -44.54 6.24 -15.95
CA ARG B 227 -45.08 7.10 -17.01
C ARG B 227 -44.84 8.55 -16.61
N PHE B 228 -44.40 9.38 -17.57
CA PHE B 228 -44.22 10.82 -17.36
C PHE B 228 -45.07 11.60 -18.36
N SER B 229 -45.48 12.79 -17.94
CA SER B 229 -46.21 13.71 -18.82
C SER B 229 -45.25 14.29 -19.84
N ASP B 230 -44.15 14.82 -19.33
CA ASP B 230 -43.14 15.49 -20.13
C ASP B 230 -41.75 15.12 -19.60
N TYR B 231 -40.72 15.65 -20.26
CA TYR B 231 -39.35 15.65 -19.73
C TYR B 231 -39.27 16.37 -18.39
N THR B 232 -40.04 17.44 -18.26
CA THR B 232 -40.07 18.31 -17.05
C THR B 232 -40.31 17.65 -15.66
N GLU B 233 -41.15 16.62 -15.61
CA GLU B 233 -41.43 15.88 -14.36
C GLU B 233 -40.20 15.12 -13.79
N ILE B 234 -39.29 14.71 -14.67
CA ILE B 234 -38.06 13.95 -14.34
C ILE B 234 -37.01 14.79 -13.60
N ALA B 235 -36.90 14.58 -12.29
CA ALA B 235 -35.86 15.20 -11.45
C ALA B 235 -34.53 14.46 -11.57
N PRO B 236 -33.39 15.17 -11.43
CA PRO B 236 -32.15 14.42 -11.36
C PRO B 236 -32.14 13.55 -10.10
N PRO B 237 -31.50 12.37 -10.18
CA PRO B 237 -31.55 11.48 -9.02
C PRO B 237 -30.70 11.99 -7.88
N LYS B 238 -31.15 11.73 -6.67
CA LYS B 238 -30.43 12.15 -5.47
C LYS B 238 -30.05 10.97 -4.59
N SER B 239 -30.49 9.75 -4.91
CA SER B 239 -30.04 8.57 -4.16
C SER B 239 -30.14 7.31 -5.02
N PHE B 240 -29.62 6.21 -4.50
CA PHE B 240 -29.60 4.93 -5.18
C PHE B 240 -30.93 4.21 -5.21
N SER B 241 -31.88 4.60 -4.35
CA SER B 241 -33.22 3.99 -4.37
C SER B 241 -34.09 4.62 -5.47
N GLU B 242 -33.46 5.40 -6.36
CA GLU B 242 -33.94 5.63 -7.71
C GLU B 242 -33.35 4.55 -8.58
N PRO B 243 -33.96 4.27 -9.75
CA PRO B 243 -33.54 3.08 -10.51
C PRO B 243 -32.18 3.26 -11.21
N LEU B 244 -31.37 2.21 -11.17
CA LEU B 244 -29.95 2.31 -11.58
C LEU B 244 -29.72 2.95 -12.96
N PRO B 245 -30.51 2.56 -13.99
CA PRO B 245 -30.41 3.23 -15.30
C PRO B 245 -30.46 4.74 -15.24
N LYS B 246 -31.27 5.29 -14.36
CA LYS B 246 -31.30 6.75 -14.17
C LYS B 246 -29.99 7.33 -13.63
N VAL B 247 -29.34 6.59 -12.72
CA VAL B 247 -28.09 7.04 -12.10
C VAL B 247 -26.94 6.97 -13.12
N LEU B 248 -27.00 6.02 -14.05
CA LEU B 248 -26.05 5.98 -15.18
C LEU B 248 -26.30 7.14 -16.15
N ASP B 249 -27.57 7.46 -16.39
CA ASP B 249 -27.88 8.62 -17.23
C ASP B 249 -27.36 9.88 -16.57
N TRP B 250 -27.59 10.04 -15.27
CA TRP B 250 -27.01 11.15 -14.52
C TRP B 250 -25.48 11.16 -14.64
N HIS B 251 -24.85 9.96 -14.57
CA HIS B 251 -23.38 9.79 -14.73
C HIS B 251 -22.91 10.25 -16.12
N HIS B 252 -23.56 9.73 -17.16
CA HIS B 252 -23.26 10.12 -18.55
C HIS B 252 -23.60 11.59 -18.86
N PHE B 253 -24.65 12.13 -18.26
CA PHE B 253 -24.97 13.56 -18.40
C PHE B 253 -23.89 14.48 -17.82
N LYS B 254 -23.37 14.16 -16.63
CA LYS B 254 -22.21 14.88 -16.06
C LYS B 254 -20.97 14.84 -16.98
N ILE B 255 -20.77 13.67 -17.59
CA ILE B 255 -19.68 13.43 -18.54
C ILE B 255 -19.89 14.28 -19.79
N TRP B 256 -21.12 14.25 -20.33
CA TRP B 256 -21.51 15.10 -21.47
C TRP B 256 -21.23 16.58 -21.22
N MET B 257 -21.70 17.11 -20.11
CA MET B 257 -21.43 18.51 -19.74
C MET B 257 -19.93 18.83 -19.82
N ILE B 258 -19.10 17.92 -19.30
CA ILE B 258 -17.65 18.08 -19.37
C ILE B 258 -17.19 18.10 -20.82
N ASN B 259 -17.72 17.18 -21.62
CA ASN B 259 -17.47 17.17 -23.06
C ASN B 259 -17.90 18.45 -23.77
N GLU B 260 -19.04 19.03 -23.40
CA GLU B 260 -19.46 20.37 -23.88
C GLU B 260 -18.48 21.47 -23.46
N TYR B 261 -18.17 21.56 -22.17
CA TYR B 261 -17.13 22.45 -21.65
C TYR B 261 -15.81 22.32 -22.42
N VAL B 262 -15.45 21.06 -22.70
CA VAL B 262 -14.25 20.76 -23.49
C VAL B 262 -14.37 21.26 -24.92
N ARG B 263 -15.50 20.96 -25.58
CA ARG B 263 -15.72 21.39 -26.95
C ARG B 263 -15.61 22.91 -27.04
N ARG B 264 -16.28 23.64 -26.15
CA ARG B 264 -16.16 25.12 -26.11
C ARG B 264 -14.70 25.60 -26.07
N LEU B 265 -13.95 25.08 -25.10
CA LEU B 265 -12.55 25.46 -24.91
C LEU B 265 -11.71 25.09 -26.15
N TYR B 266 -11.99 23.91 -26.70
CA TYR B 266 -11.40 23.48 -27.97
C TYR B 266 -11.74 24.43 -29.11
N GLU B 267 -13.03 24.79 -29.26
CA GLU B 267 -13.50 25.68 -30.34
C GLU B 267 -12.85 27.07 -30.24
N LYS B 268 -12.58 27.53 -29.02
CA LYS B 268 -11.92 28.82 -28.80
C LYS B 268 -10.44 28.75 -29.07
N ILE B 269 -9.83 27.62 -28.73
CA ILE B 269 -8.40 27.42 -28.95
C ILE B 269 -8.14 27.40 -30.45
N ARG B 270 -8.85 26.52 -31.16
CA ARG B 270 -8.75 26.38 -32.64
C ARG B 270 -8.69 27.76 -33.35
N GLU B 271 -9.38 28.78 -32.80
CA GLU B 271 -9.30 30.17 -33.33
C GLU B 271 -7.88 30.76 -33.34
N TYR B 272 -7.07 30.52 -32.32
CA TYR B 272 -5.74 31.12 -32.20
C TYR B 272 -4.58 30.18 -32.54
N VAL B 273 -4.87 28.90 -32.74
CA VAL B 273 -3.81 27.89 -32.74
C VAL B 273 -4.00 26.85 -33.86
N ASP B 274 -2.87 26.46 -34.48
CA ASP B 274 -2.79 25.38 -35.52
C ASP B 274 -1.99 24.13 -35.08
N VAL B 275 -1.19 24.26 -34.01
CA VAL B 275 -0.56 23.09 -33.35
C VAL B 275 -1.62 22.16 -32.75
N PRO B 276 -1.29 20.87 -32.50
CA PRO B 276 -2.31 19.92 -32.00
C PRO B 276 -2.86 20.29 -30.62
N ILE B 277 -4.11 19.93 -30.39
CA ILE B 277 -4.85 20.33 -29.21
C ILE B 277 -5.08 19.09 -28.34
N SER B 278 -4.39 19.07 -27.20
CA SER B 278 -4.32 17.90 -26.33
C SER B 278 -5.31 18.01 -25.19
N LEU B 279 -5.65 16.86 -24.62
CA LEU B 279 -6.54 16.80 -23.47
C LEU B 279 -6.09 15.67 -22.56
N LEU B 280 -5.85 15.99 -21.29
CA LEU B 280 -5.44 14.99 -20.31
C LEU B 280 -6.64 14.27 -19.67
N ASP B 281 -6.58 12.93 -19.66
CA ASP B 281 -7.49 12.04 -18.89
C ASP B 281 -8.84 12.66 -18.57
N PRO B 282 -9.71 12.76 -19.58
CA PRO B 282 -11.06 13.25 -19.32
C PRO B 282 -11.81 12.37 -18.32
N TYR B 283 -12.48 13.04 -17.38
CA TYR B 283 -13.31 12.41 -16.36
C TYR B 283 -12.50 11.67 -15.28
N LEU B 284 -11.17 11.72 -15.32
CA LEU B 284 -10.32 10.85 -14.50
C LEU B 284 -10.92 9.43 -14.39
N LEU B 285 -11.36 8.92 -15.52
CA LEU B 285 -11.95 7.58 -15.62
C LEU B 285 -11.32 6.97 -16.83
N LEU B 286 -11.59 5.70 -17.08
CA LEU B 286 -10.96 4.99 -18.18
C LEU B 286 -12.01 4.49 -19.15
N ALA B 287 -12.78 3.50 -18.74
CA ALA B 287 -13.85 2.97 -19.60
C ALA B 287 -14.74 4.04 -20.21
N ALA B 288 -15.09 5.04 -19.40
CA ALA B 288 -15.89 6.19 -19.84
C ALA B 288 -15.29 7.05 -20.98
N TRP B 289 -14.03 6.84 -21.35
CA TRP B 289 -13.49 7.37 -22.61
C TRP B 289 -14.26 6.92 -23.87
N LYS B 290 -15.01 5.84 -23.75
CA LYS B 290 -16.13 5.52 -24.65
C LYS B 290 -16.96 6.75 -24.99
N GLU B 291 -17.46 7.45 -23.96
CA GLU B 291 -18.26 8.67 -24.14
C GLU B 291 -17.44 9.78 -24.75
N PHE B 292 -16.18 9.91 -24.34
CA PHE B 292 -15.24 10.88 -24.95
C PHE B 292 -15.02 10.64 -26.43
N TYR B 293 -14.90 9.37 -26.81
CA TYR B 293 -14.64 9.00 -28.19
C TYR B 293 -15.89 9.22 -29.03
N LEU B 294 -17.02 8.65 -28.61
CA LEU B 294 -18.32 8.87 -29.25
C LEU B 294 -18.68 10.34 -29.47
N TYR B 295 -18.47 11.13 -28.43
CA TYR B 295 -18.71 12.56 -28.49
C TYR B 295 -17.82 13.21 -29.53
N VAL B 296 -16.54 12.92 -29.47
CA VAL B 296 -15.57 13.66 -30.27
C VAL B 296 -15.58 13.20 -31.75
N THR B 297 -16.14 12.03 -32.02
CA THR B 297 -16.43 11.59 -33.40
C THR B 297 -17.65 12.33 -33.95
N ARG B 298 -18.77 12.26 -33.22
CA ARG B 298 -20.01 13.03 -33.53
C ARG B 298 -19.74 14.52 -33.82
N HIS B 299 -18.77 15.13 -33.14
CA HIS B 299 -18.46 16.54 -33.31
C HIS B 299 -17.21 16.84 -34.13
N LYS B 300 -16.49 15.82 -34.59
CA LYS B 300 -15.28 15.98 -35.43
C LYS B 300 -14.27 17.02 -34.86
N LEU B 301 -13.86 16.80 -33.61
CA LEU B 301 -12.86 17.65 -32.95
C LEU B 301 -11.50 16.96 -33.02
N ASP B 302 -10.51 17.60 -33.63
CA ASP B 302 -9.17 17.01 -33.75
C ASP B 302 -8.43 17.20 -32.42
N ILE B 303 -8.82 16.35 -31.46
CA ILE B 303 -8.28 16.39 -30.09
C ILE B 303 -7.36 15.20 -29.91
N HIS B 304 -6.19 15.49 -29.36
CA HIS B 304 -5.19 14.49 -29.04
C HIS B 304 -5.38 14.09 -27.60
N LEU B 305 -5.81 12.85 -27.39
CA LEU B 305 -6.01 12.29 -26.03
C LEU B 305 -4.69 11.83 -25.41
N TRP B 306 -4.16 12.62 -24.48
CA TRP B 306 -2.94 12.27 -23.70
C TRP B 306 -3.33 11.48 -22.45
N THR B 307 -2.35 11.10 -21.63
CA THR B 307 -2.62 10.42 -20.36
C THR B 307 -1.56 10.73 -19.29
N GLU B 308 -1.66 10.04 -18.15
CA GLU B 308 -0.79 10.26 -17.00
C GLU B 308 -0.71 8.96 -16.22
N PHE B 309 0.38 8.79 -15.45
CA PHE B 309 0.50 7.62 -14.56
C PHE B 309 0.99 7.99 -13.15
N TRP B 310 0.10 7.76 -12.18
CA TRP B 310 0.32 8.08 -10.77
C TRP B 310 -0.11 6.89 -9.94
N TYR B 311 0.69 6.55 -8.94
CA TYR B 311 0.43 5.36 -8.13
C TYR B 311 0.67 5.53 -6.64
N SER B 312 1.13 6.72 -6.20
CA SER B 312 1.50 6.92 -4.79
C SER B 312 1.47 8.39 -4.42
N PHE B 313 0.68 8.72 -3.40
CA PHE B 313 0.52 10.10 -2.96
C PHE B 313 0.80 10.25 -1.46
N TYR B 314 1.74 11.10 -1.08
CA TYR B 314 1.95 11.47 0.33
C TYR B 314 2.22 10.24 1.19
N ARG B 315 3.24 9.52 0.74
CA ARG B 315 3.51 8.13 1.09
C ARG B 315 4.71 7.77 0.24
N THR B 316 5.43 6.70 0.56
CA THR B 316 6.57 6.28 -0.28
C THR B 316 6.06 5.76 -1.63
N PHE B 317 6.88 5.84 -2.67
CA PHE B 317 6.50 5.33 -3.99
C PHE B 317 6.48 3.81 -3.87
N ASP B 318 5.41 3.20 -4.35
CA ASP B 318 5.20 1.78 -4.24
C ASP B 318 4.72 1.19 -5.56
N PHE B 319 5.65 1.01 -6.48
CA PHE B 319 5.36 0.39 -7.76
C PHE B 319 6.11 -0.92 -7.92
N LYS B 320 5.42 -2.01 -7.62
CA LYS B 320 5.93 -3.37 -7.79
C LYS B 320 4.89 -4.17 -8.60
N GLU B 321 5.02 -5.49 -8.65
CA GLU B 321 4.13 -6.30 -9.47
C GLU B 321 2.65 -6.05 -9.25
N ASP B 322 2.29 -5.58 -8.07
CA ASP B 322 0.86 -5.37 -7.69
C ASP B 322 0.10 -4.40 -8.61
N LYS B 323 0.84 -3.41 -9.14
CA LYS B 323 0.27 -2.38 -9.99
C LYS B 323 0.30 -2.75 -11.47
N LEU B 324 0.76 -3.96 -11.80
CA LEU B 324 0.86 -4.38 -13.21
C LEU B 324 -0.51 -4.57 -13.86
N GLY B 325 -1.48 -5.17 -13.16
CA GLY B 325 -2.84 -5.26 -13.70
C GLY B 325 -3.33 -3.89 -14.15
N HIS B 326 -3.22 -2.91 -13.28
CA HIS B 326 -3.64 -1.56 -13.58
C HIS B 326 -2.88 -0.95 -14.75
N LEU B 327 -1.56 -0.99 -14.69
CA LEU B 327 -0.75 -0.45 -15.78
C LEU B 327 -1.13 -1.09 -17.13
N TYR B 328 -1.27 -2.41 -17.15
CA TYR B 328 -1.58 -3.12 -18.39
C TYR B 328 -2.95 -2.71 -18.88
N PHE B 329 -3.89 -2.53 -17.96
CA PHE B 329 -5.25 -2.09 -18.31
C PHE B 329 -5.27 -0.66 -18.81
N LYS B 330 -4.62 0.23 -18.07
CA LYS B 330 -4.61 1.63 -18.44
C LYS B 330 -3.99 1.87 -19.82
N THR B 331 -2.71 1.54 -19.97
CA THR B 331 -2.05 1.56 -21.29
C THR B 331 -2.93 0.89 -22.35
N GLY B 332 -3.55 -0.24 -22.01
CA GLY B 332 -4.41 -0.97 -22.93
C GLY B 332 -5.56 -0.15 -23.50
N ILE B 333 -6.43 0.31 -22.61
CA ILE B 333 -7.57 1.11 -22.99
C ILE B 333 -7.17 2.48 -23.53
N TYR B 334 -5.97 2.94 -23.17
CA TYR B 334 -5.39 4.14 -23.77
C TYR B 334 -4.89 3.89 -25.18
N ARG B 335 -4.35 2.70 -25.43
CA ARG B 335 -3.96 2.28 -26.78
C ARG B 335 -5.20 2.18 -27.66
N TYR B 336 -6.23 1.53 -27.14
CA TYR B 336 -7.48 1.35 -27.84
C TYR B 336 -8.06 2.66 -28.35
N TYR B 337 -8.30 3.62 -27.46
CA TYR B 337 -8.91 4.87 -27.90
C TYR B 337 -7.95 5.71 -28.74
N VAL B 338 -6.67 5.81 -28.36
CA VAL B 338 -5.75 6.66 -29.12
C VAL B 338 -5.33 6.09 -30.51
N SER B 339 -5.56 4.81 -30.75
CA SER B 339 -5.39 4.22 -32.11
C SER B 339 -6.63 4.38 -33.00
N LYS B 340 -7.82 4.41 -32.40
CA LYS B 340 -9.07 4.79 -33.10
C LYS B 340 -8.98 6.23 -33.63
N LEU B 341 -8.66 7.15 -32.73
CA LEU B 341 -8.55 8.58 -33.02
C LEU B 341 -7.32 8.89 -33.84
N LYS B 342 -6.39 7.95 -33.88
CA LYS B 342 -5.25 8.01 -34.78
C LYS B 342 -4.39 9.20 -34.45
N THR B 343 -4.12 9.40 -33.16
CA THR B 343 -3.19 10.41 -32.68
C THR B 343 -2.05 9.70 -31.97
N PRO B 344 -0.95 10.41 -31.64
CA PRO B 344 0.16 9.76 -30.95
C PRO B 344 -0.13 9.53 -29.46
N PRO B 345 0.48 8.47 -28.88
CA PRO B 345 0.40 8.20 -27.44
C PRO B 345 1.44 8.99 -26.60
N LEU B 346 0.95 9.73 -25.62
CA LEU B 346 1.78 10.56 -24.76
C LEU B 346 1.32 10.46 -23.29
N SER B 347 2.26 10.24 -22.37
CA SER B 347 1.99 10.36 -20.93
C SER B 347 2.50 11.72 -20.54
N ILE B 348 1.59 12.67 -20.33
CA ILE B 348 1.97 14.06 -20.03
C ILE B 348 2.39 14.27 -18.57
N GLU B 349 1.80 13.49 -17.66
CA GLU B 349 2.27 13.44 -16.29
C GLU B 349 2.67 11.99 -16.00
N THR B 350 3.98 11.75 -15.96
CA THR B 350 4.50 10.46 -15.53
C THR B 350 5.16 10.73 -14.19
N GLN B 351 4.68 10.04 -13.16
CA GLN B 351 4.97 10.44 -11.80
C GLN B 351 6.47 10.54 -11.50
N ALA B 352 6.91 11.68 -10.98
CA ALA B 352 8.23 11.80 -10.40
C ALA B 352 8.30 12.74 -9.20
N SER B 353 7.15 13.10 -8.63
CA SER B 353 7.11 13.85 -7.38
C SER B 353 5.92 13.36 -6.57
N LEU B 354 5.71 13.97 -5.40
CA LEU B 354 4.54 13.72 -4.53
C LEU B 354 4.55 12.36 -3.83
N ALA B 355 5.71 11.71 -3.84
CA ALA B 355 5.94 10.51 -3.08
C ALA B 355 7.16 10.81 -2.21
N ASN B 356 7.13 10.34 -0.96
CA ASN B 356 8.15 10.71 0.01
C ASN B 356 9.56 10.30 -0.41
N VAL B 357 9.67 9.10 -0.96
CA VAL B 357 10.87 8.64 -1.65
C VAL B 357 10.48 7.86 -2.90
N ILE B 358 11.25 7.98 -3.96
CA ILE B 358 10.95 7.35 -5.26
C ILE B 358 12.18 6.54 -5.64
N GLU B 359 12.16 5.26 -5.29
CA GLU B 359 13.29 4.39 -5.48
C GLU B 359 13.42 4.00 -6.93
N LYS B 360 14.65 4.14 -7.42
CA LYS B 360 14.96 4.14 -8.85
C LYS B 360 14.63 2.86 -9.59
N ASP B 361 14.69 1.73 -8.90
CA ASP B 361 14.29 0.45 -9.47
C ASP B 361 12.76 0.36 -9.69
N GLU B 362 11.97 0.84 -8.74
CA GLU B 362 10.52 0.88 -8.88
C GLU B 362 10.14 1.97 -9.90
N ALA B 363 10.80 3.13 -9.83
CA ALA B 363 10.55 4.19 -10.81
C ALA B 363 10.77 3.68 -12.22
N GLU B 364 11.92 3.05 -12.43
CA GLU B 364 12.26 2.44 -13.72
C GLU B 364 11.18 1.45 -14.18
N LEU B 365 10.78 0.53 -13.31
CA LEU B 365 9.79 -0.47 -13.68
C LEU B 365 8.55 0.17 -14.32
N LEU B 366 8.18 1.37 -13.85
CA LEU B 366 7.05 2.15 -14.43
C LEU B 366 7.47 2.90 -15.70
N TYR B 367 8.47 3.75 -15.54
CA TYR B 367 8.94 4.57 -16.66
C TYR B 367 9.31 3.74 -17.92
N ALA B 368 9.81 2.52 -17.73
CA ALA B 368 10.19 1.61 -18.84
C ALA B 368 9.05 0.73 -19.35
N LEU B 369 8.13 0.35 -18.47
CA LEU B 369 6.92 -0.37 -18.91
C LEU B 369 5.99 0.48 -19.76
N LEU B 370 6.12 1.81 -19.69
CA LEU B 370 5.28 2.69 -20.49
C LEU B 370 5.59 2.56 -21.99
N PRO B 371 6.86 2.75 -22.40
CA PRO B 371 7.26 2.39 -23.75
C PRO B 371 6.91 0.93 -24.07
N ALA B 372 7.33 -0.01 -23.21
CA ALA B 372 7.04 -1.42 -23.41
C ALA B 372 5.59 -1.62 -23.79
N LEU B 373 4.70 -0.89 -23.14
CA LEU B 373 3.25 -0.95 -23.38
C LEU B 373 2.75 0.09 -24.39
N GLY B 374 3.64 0.62 -25.23
CA GLY B 374 3.26 1.42 -26.38
C GLY B 374 3.26 2.91 -26.22
N ILE B 375 3.53 3.42 -25.02
CA ILE B 375 3.49 4.87 -24.78
C ILE B 375 4.91 5.37 -24.73
N HIS B 376 5.37 5.88 -25.89
CA HIS B 376 6.81 6.19 -26.13
C HIS B 376 7.16 7.69 -26.09
N ASN B 377 6.16 8.55 -26.12
CA ASN B 377 6.34 9.95 -25.74
C ASN B 377 5.97 10.07 -24.28
N LEU B 378 6.82 10.72 -23.49
CA LEU B 378 6.70 10.73 -22.05
C LEU B 378 7.08 12.08 -21.50
N ASN B 379 6.31 12.56 -20.54
CA ASN B 379 6.75 13.72 -19.75
C ASN B 379 6.77 13.37 -18.26
N TYR B 380 7.79 13.85 -17.56
CA TYR B 380 7.98 13.58 -16.13
C TYR B 380 7.53 14.75 -15.25
N TYR B 381 6.33 14.61 -14.71
CA TYR B 381 5.76 15.55 -13.78
C TYR B 381 6.06 15.04 -12.36
N LEU B 382 6.45 15.87 -11.39
CA LEU B 382 6.90 17.23 -11.59
C LEU B 382 8.41 17.13 -11.62
N TYR B 383 9.04 17.77 -12.62
CA TYR B 383 10.50 17.64 -12.78
C TYR B 383 11.32 18.50 -11.84
N VAL B 384 10.90 19.74 -11.62
CA VAL B 384 11.75 20.70 -10.89
C VAL B 384 11.03 21.18 -9.64
N GLY B 385 11.79 21.19 -8.56
CA GLY B 385 11.26 21.35 -7.24
C GLY B 385 11.13 22.80 -6.93
N GLY B 386 9.92 23.19 -6.54
CA GLY B 386 9.60 24.57 -6.25
C GLY B 386 9.05 24.87 -4.87
N GLU B 387 8.48 26.08 -4.82
CA GLU B 387 7.98 26.72 -3.62
C GLU B 387 6.76 27.55 -4.04
N ASN B 388 5.67 27.42 -3.29
CA ASN B 388 4.43 28.12 -3.61
C ASN B 388 4.46 29.55 -3.03
N PRO B 389 4.14 30.57 -3.86
CA PRO B 389 4.03 31.95 -3.39
C PRO B 389 2.91 32.10 -2.36
N ARG B 390 3.23 32.81 -1.25
CA ARG B 390 2.27 32.99 -0.16
C ARG B 390 0.97 33.57 -0.71
N GLY B 391 -0.14 32.93 -0.33
CA GLY B 391 -1.47 33.22 -0.90
C GLY B 391 -2.01 32.08 -1.75
N TYR B 392 -1.15 31.54 -2.62
CA TYR B 392 -1.61 30.53 -3.60
C TYR B 392 -1.41 29.07 -3.15
N GLU B 393 -1.18 28.88 -1.86
CA GLU B 393 -0.96 27.57 -1.30
C GLU B 393 -2.26 26.82 -1.36
N SER B 394 -2.18 25.51 -1.55
CA SER B 394 -3.32 24.62 -1.40
C SER B 394 -2.76 23.34 -0.78
N HIS B 395 -2.62 22.28 -1.59
CA HIS B 395 -2.51 20.91 -1.08
C HIS B 395 -1.31 20.59 -0.21
N ASN B 396 -0.19 21.28 -0.42
CA ASN B 396 1.09 21.01 0.26
C ASN B 396 1.62 22.17 1.15
N GLY B 397 0.94 23.32 1.08
CA GLY B 397 1.38 24.51 1.79
C GLY B 397 2.54 25.14 1.05
N VAL B 398 3.55 25.56 1.80
CA VAL B 398 4.74 26.20 1.25
C VAL B 398 5.36 25.38 0.13
N THR B 399 5.53 24.08 0.36
CA THR B 399 6.43 23.29 -0.46
C THR B 399 5.86 22.83 -1.79
N TRP B 400 6.77 22.65 -2.75
CA TRP B 400 6.44 22.02 -4.03
C TRP B 400 7.67 21.30 -4.58
N ASP B 401 8.35 20.59 -3.66
CA ASP B 401 9.46 19.70 -3.99
C ASP B 401 9.35 18.43 -3.15
N VAL B 402 8.35 17.62 -3.45
CA VAL B 402 8.22 16.36 -2.77
C VAL B 402 8.89 15.31 -3.65
N TYR B 403 10.21 15.22 -3.45
CA TYR B 403 11.08 14.26 -4.12
C TYR B 403 11.08 14.34 -5.66
N SER B 404 11.15 15.57 -6.19
CA SER B 404 11.28 15.83 -7.63
C SER B 404 12.65 15.36 -8.13
N PRO B 405 12.77 15.04 -9.44
CA PRO B 405 14.09 14.65 -9.95
C PRO B 405 15.18 15.69 -9.73
N ILE B 406 14.84 16.97 -9.86
CA ILE B 406 15.73 18.05 -9.42
C ILE B 406 15.07 18.73 -8.23
N GLY B 407 15.80 18.84 -7.13
CA GLY B 407 15.29 19.49 -5.93
C GLY B 407 15.31 21.01 -5.98
N LEU B 408 15.09 21.61 -4.81
CA LEU B 408 15.00 23.06 -4.67
C LEU B 408 16.39 23.67 -4.69
N ASP B 409 17.35 23.03 -4.03
CA ASP B 409 18.73 23.52 -4.04
C ASP B 409 19.57 23.12 -5.27
N GLY B 410 18.91 22.55 -6.29
CA GLY B 410 19.57 22.12 -7.53
C GLY B 410 19.99 20.65 -7.52
N ARG B 411 19.83 19.98 -6.39
CA ARG B 411 20.19 18.57 -6.26
C ARG B 411 19.46 17.74 -7.29
N GLU B 412 20.12 16.68 -7.74
CA GLU B 412 19.54 15.71 -8.65
C GLU B 412 19.30 14.47 -7.79
N ARG B 413 18.11 13.87 -7.88
CA ARG B 413 17.76 12.70 -7.06
C ARG B 413 17.82 11.41 -7.90
N GLN B 414 17.88 10.28 -7.21
CA GLN B 414 18.10 8.94 -7.81
C GLN B 414 17.22 8.49 -8.98
N HIS B 415 16.03 9.05 -9.16
CA HIS B 415 15.16 8.62 -10.26
C HIS B 415 15.53 9.29 -11.62
N VAL B 416 16.58 10.12 -11.60
CA VAL B 416 17.18 10.68 -12.80
C VAL B 416 17.86 9.58 -13.62
N GLU B 417 18.59 8.68 -12.97
CA GLU B 417 19.29 7.60 -13.66
C GLU B 417 18.41 6.84 -14.67
N PRO B 418 17.19 6.43 -14.27
CA PRO B 418 16.29 5.75 -15.23
C PRO B 418 15.65 6.66 -16.28
N ILE B 419 15.43 7.92 -15.95
CA ILE B 419 14.94 8.87 -16.94
C ILE B 419 15.99 9.01 -18.05
N LYS B 420 17.25 9.27 -17.64
CA LYS B 420 18.36 9.45 -18.58
C LYS B 420 18.45 8.34 -19.61
N TRP B 421 18.58 7.09 -19.15
CA TRP B 421 18.76 5.98 -20.09
C TRP B 421 17.54 5.74 -20.98
N ILE B 422 16.33 5.82 -20.43
CA ILE B 422 15.12 5.62 -21.24
C ILE B 422 15.03 6.69 -22.38
N GLY B 423 15.60 7.87 -22.12
CA GLY B 423 15.79 8.88 -23.17
C GLY B 423 16.66 8.30 -24.27
N GLU B 424 17.91 8.01 -23.90
CA GLU B 424 18.88 7.43 -24.81
C GLU B 424 18.32 6.26 -25.61
N PHE B 425 17.44 5.47 -25.00
CA PHE B 425 16.88 4.28 -25.65
C PHE B 425 15.88 4.62 -26.72
N LEU B 426 14.83 5.34 -26.32
CA LEU B 426 13.78 5.78 -27.25
C LEU B 426 14.31 6.55 -28.47
N LYS B 427 15.26 7.46 -28.23
CA LYS B 427 15.85 8.27 -29.29
C LYS B 427 16.70 7.42 -30.25
N SER B 428 17.47 6.49 -29.70
CA SER B 428 18.32 5.61 -30.51
C SER B 428 17.58 4.53 -31.30
N ASN B 429 16.33 4.25 -30.95
CA ASN B 429 15.60 3.12 -31.53
C ASN B 429 14.24 3.55 -32.06
N ILE B 430 14.24 4.13 -33.25
CA ILE B 430 13.00 4.54 -33.91
C ILE B 430 12.15 3.33 -34.33
N ASP B 431 12.81 2.24 -34.71
CA ASP B 431 12.14 0.96 -35.01
C ASP B 431 11.12 0.56 -33.95
N PHE B 432 11.59 0.49 -32.70
CA PHE B 432 10.77 0.10 -31.54
C PHE B 432 9.57 1.01 -31.37
N VAL B 433 9.78 2.31 -31.61
CA VAL B 433 8.71 3.31 -31.52
C VAL B 433 7.66 3.09 -32.62
N ASP B 434 8.13 2.80 -33.83
CA ASP B 434 7.24 2.53 -34.98
C ASP B 434 6.60 1.15 -34.98
N SER B 435 6.88 0.35 -33.95
CA SER B 435 6.05 -0.83 -33.68
C SER B 435 4.63 -0.41 -33.29
N GLN B 436 3.69 -1.32 -33.51
CA GLN B 436 2.40 -1.20 -32.93
C GLN B 436 2.33 -2.41 -32.04
N PHE B 437 1.61 -2.27 -30.94
CA PHE B 437 1.62 -3.25 -29.89
C PHE B 437 0.74 -4.44 -30.26
N LYS B 438 1.33 -5.65 -30.19
CA LYS B 438 0.71 -6.88 -30.72
C LYS B 438 -0.66 -7.26 -30.12
N ALA B 439 -0.67 -7.67 -28.86
CA ALA B 439 -1.72 -8.49 -28.24
C ALA B 439 -2.58 -9.43 -29.10
N ARG B 440 -2.38 -10.73 -28.90
CA ARG B 440 -3.31 -11.77 -29.38
C ARG B 440 -4.50 -11.93 -28.44
N VAL B 441 -4.30 -11.68 -27.15
CA VAL B 441 -5.36 -11.80 -26.14
C VAL B 441 -5.81 -10.40 -25.74
N ALA B 442 -7.11 -10.24 -25.48
CA ALA B 442 -7.63 -8.95 -25.01
C ALA B 442 -8.67 -9.06 -23.90
N PHE B 443 -8.76 -8.00 -23.12
CA PHE B 443 -9.79 -7.88 -22.10
C PHE B 443 -10.98 -7.04 -22.63
N GLY B 444 -12.20 -7.51 -22.38
CA GLY B 444 -13.39 -6.84 -22.86
C GLY B 444 -14.00 -6.00 -21.75
N MET B 445 -13.67 -4.71 -21.74
CA MET B 445 -14.27 -3.78 -20.79
C MET B 445 -15.72 -3.43 -21.17
N TYR B 446 -16.61 -3.44 -20.18
CA TYR B 446 -18.00 -2.99 -20.34
C TYR B 446 -18.21 -1.76 -19.43
N GLU B 447 -18.31 -0.58 -20.06
CA GLU B 447 -18.17 0.72 -19.37
C GLU B 447 -19.06 0.94 -18.11
N PRO B 448 -20.36 0.59 -18.18
CA PRO B 448 -21.23 0.62 -17.00
C PRO B 448 -20.65 0.00 -15.72
N TYR B 449 -19.83 -1.04 -15.87
CA TYR B 449 -19.19 -1.69 -14.72
C TYR B 449 -18.20 -0.76 -14.01
N GLU B 450 -17.58 0.15 -14.75
CA GLU B 450 -16.66 1.11 -14.16
C GLU B 450 -17.38 1.97 -13.15
N ALA B 451 -18.52 2.51 -13.56
CA ALA B 451 -19.35 3.38 -12.74
C ALA B 451 -19.73 2.71 -11.43
N LEU B 452 -20.15 1.46 -11.53
CA LEU B 452 -20.55 0.67 -10.36
C LEU B 452 -19.39 0.42 -9.40
N ASN B 453 -18.24 0.05 -9.95
CA ASN B 453 -17.01 -0.07 -9.14
C ASN B 453 -16.60 1.26 -8.49
N LEU B 454 -16.61 2.33 -9.27
CA LEU B 454 -16.25 3.65 -8.75
C LEU B 454 -17.14 4.13 -7.60
N TRP B 455 -18.43 3.81 -7.64
CA TRP B 455 -19.37 4.21 -6.60
C TRP B 455 -19.40 3.25 -5.43
N GLY B 456 -19.00 2.01 -5.65
CA GLY B 456 -19.09 1.00 -4.62
C GLY B 456 -20.52 0.60 -4.26
N TYR B 457 -21.47 0.79 -5.16
CA TYR B 457 -22.86 0.40 -4.91
C TYR B 457 -23.24 -0.84 -5.72
N LYS B 458 -23.68 -1.87 -5.02
CA LYS B 458 -24.26 -3.08 -5.62
C LYS B 458 -25.72 -3.21 -5.15
N PRO B 459 -26.67 -3.33 -6.08
CA PRO B 459 -28.06 -3.56 -5.72
C PRO B 459 -28.29 -4.77 -4.82
N GLU B 460 -29.08 -4.63 -3.77
CA GLU B 460 -29.50 -5.77 -2.95
C GLU B 460 -29.77 -7.01 -3.80
N SER B 461 -30.51 -6.81 -4.89
CA SER B 461 -30.90 -7.83 -5.86
C SER B 461 -29.78 -8.55 -6.66
N PHE B 462 -28.64 -7.91 -6.86
CA PHE B 462 -27.56 -8.49 -7.68
C PHE B 462 -26.89 -9.66 -6.98
N GLU B 463 -26.44 -10.63 -7.77
CA GLU B 463 -25.66 -11.77 -7.29
C GLU B 463 -24.16 -11.47 -7.19
N GLU B 464 -23.62 -10.67 -8.10
CA GLU B 464 -22.18 -10.51 -8.21
C GLU B 464 -21.69 -9.13 -7.73
N SER B 465 -20.59 -9.18 -6.96
CA SER B 465 -20.01 -8.01 -6.35
C SER B 465 -19.50 -7.05 -7.39
N VAL B 466 -19.47 -5.78 -7.00
CA VAL B 466 -18.97 -4.69 -7.83
C VAL B 466 -17.54 -4.33 -7.49
N ASN B 467 -16.86 -5.09 -6.62
CA ASN B 467 -15.48 -4.74 -6.25
C ASN B 467 -14.45 -5.19 -7.29
N LEU B 468 -14.46 -4.50 -8.42
CA LEU B 468 -13.52 -4.77 -9.48
C LEU B 468 -12.12 -4.31 -9.08
N ASN B 469 -12.05 -3.31 -8.20
CA ASN B 469 -10.77 -2.95 -7.59
C ASN B 469 -10.03 -4.17 -7.03
N GLU B 470 -10.72 -5.00 -6.26
CA GLU B 470 -10.14 -6.24 -5.73
C GLU B 470 -9.96 -7.32 -6.78
N TYR B 471 -11.06 -7.65 -7.46
CA TYR B 471 -11.19 -8.90 -8.24
C TYR B 471 -10.66 -8.86 -9.67
N LEU B 472 -10.33 -7.66 -10.14
CA LEU B 472 -9.99 -7.45 -11.54
C LEU B 472 -8.79 -6.53 -11.67
N PHE B 473 -8.91 -5.29 -11.19
CA PHE B 473 -7.85 -4.28 -11.36
C PHE B 473 -6.67 -4.39 -10.39
N GLY B 474 -6.92 -4.89 -9.19
CA GLY B 474 -6.00 -4.67 -8.08
C GLY B 474 -4.81 -5.60 -7.91
N GLU B 475 -4.19 -5.48 -6.74
CA GLU B 475 -3.04 -6.27 -6.37
C GLU B 475 -3.25 -7.78 -6.41
N ARG B 476 -4.50 -8.23 -6.27
CA ARG B 476 -4.85 -9.61 -6.62
C ARG B 476 -5.80 -9.69 -7.83
N GLY B 477 -5.91 -8.62 -8.59
CA GLY B 477 -6.87 -8.58 -9.68
C GLY B 477 -6.52 -9.55 -10.81
N LEU B 478 -7.54 -10.13 -11.45
CA LEU B 478 -7.35 -10.99 -12.64
C LEU B 478 -6.38 -10.40 -13.67
N LEU B 479 -6.45 -9.09 -13.86
CA LEU B 479 -5.56 -8.45 -14.83
C LEU B 479 -4.10 -8.49 -14.40
N THR B 480 -3.85 -8.54 -13.10
CA THR B 480 -2.51 -8.69 -12.54
C THR B 480 -2.05 -10.11 -12.80
N LEU B 481 -2.93 -11.08 -12.55
CA LEU B 481 -2.67 -12.49 -12.86
C LEU B 481 -2.25 -12.65 -14.31
N LEU B 482 -3.03 -12.08 -15.22
CA LEU B 482 -2.73 -12.21 -16.66
C LEU B 482 -1.33 -11.67 -16.98
N ALA B 483 -1.01 -10.49 -16.45
CA ALA B 483 0.29 -9.84 -16.68
C ALA B 483 1.45 -10.70 -16.19
N MET B 484 1.34 -11.12 -14.93
CA MET B 484 2.33 -11.97 -14.27
C MET B 484 2.36 -13.37 -14.84
N SER B 485 1.30 -13.76 -15.54
CA SER B 485 1.33 -14.98 -16.34
C SER B 485 1.76 -14.77 -17.79
N ASN B 486 2.45 -13.68 -18.12
CA ASN B 486 2.88 -13.42 -19.50
C ASN B 486 1.77 -13.54 -20.56
N VAL B 487 0.66 -12.86 -20.30
CA VAL B 487 -0.39 -12.68 -21.30
C VAL B 487 -0.63 -11.17 -21.44
N PRO B 488 0.39 -10.42 -21.92
CA PRO B 488 0.20 -8.97 -22.11
C PRO B 488 -0.93 -8.68 -23.09
N PHE B 489 -1.96 -7.97 -22.61
CA PHE B 489 -3.26 -7.97 -23.27
C PHE B 489 -3.63 -6.59 -23.78
N ASP B 490 -4.48 -6.58 -24.81
CA ASP B 490 -5.14 -5.35 -25.30
C ASP B 490 -6.46 -5.19 -24.58
N VAL B 491 -7.01 -3.97 -24.63
CA VAL B 491 -8.33 -3.72 -24.07
C VAL B 491 -9.25 -3.20 -25.16
N ILE B 492 -10.42 -3.83 -25.30
CA ILE B 492 -11.46 -3.38 -26.21
C ILE B 492 -12.75 -3.01 -25.45
N ASP B 493 -13.38 -1.90 -25.83
CA ASP B 493 -14.65 -1.51 -25.23
C ASP B 493 -15.69 -2.34 -25.93
N LEU B 494 -16.37 -3.19 -25.17
CA LEU B 494 -17.31 -4.15 -25.74
C LEU B 494 -18.48 -3.50 -26.48
N GLU B 495 -18.88 -2.30 -26.06
CA GLU B 495 -19.97 -1.57 -26.71
C GLU B 495 -19.50 -0.94 -28.00
N ILE B 496 -18.38 -0.22 -27.96
CA ILE B 496 -17.88 0.56 -29.13
C ILE B 496 -17.32 -0.32 -30.26
N SER B 497 -16.71 -1.46 -29.93
CA SER B 497 -15.97 -2.23 -30.93
C SER B 497 -16.91 -3.06 -31.83
N THR B 498 -16.48 -3.23 -33.08
CA THR B 498 -17.25 -3.89 -34.14
C THR B 498 -16.75 -5.34 -34.21
N LEU B 499 -17.59 -6.27 -34.68
CA LEU B 499 -17.22 -7.71 -34.70
C LEU B 499 -15.94 -7.99 -35.45
N GLU B 500 -15.66 -7.20 -36.50
CA GLU B 500 -14.38 -7.33 -37.20
C GLU B 500 -13.24 -7.21 -36.21
N GLU B 501 -13.21 -6.11 -35.45
CA GLU B 501 -12.09 -5.80 -34.52
C GLU B 501 -11.87 -6.90 -33.52
N MET B 502 -12.95 -7.32 -32.87
CA MET B 502 -12.94 -8.42 -31.90
C MET B 502 -12.25 -9.69 -32.43
N LEU B 503 -12.41 -9.96 -33.72
CA LEU B 503 -11.81 -11.13 -34.36
C LEU B 503 -10.32 -10.96 -34.75
N GLN B 504 -9.76 -9.77 -34.59
CA GLN B 504 -8.31 -9.62 -34.58
C GLN B 504 -7.67 -10.34 -33.40
N TYR B 505 -8.47 -10.73 -32.40
CA TYR B 505 -8.01 -11.43 -31.18
C TYR B 505 -8.44 -12.90 -31.01
N GLU B 506 -7.46 -13.78 -30.76
CA GLU B 506 -7.67 -15.22 -30.53
C GLU B 506 -8.48 -15.52 -29.27
N GLN B 507 -8.18 -14.77 -28.20
CA GLN B 507 -8.86 -14.92 -26.91
C GLN B 507 -9.33 -13.54 -26.47
N ILE B 508 -10.52 -13.52 -25.87
CA ILE B 508 -11.05 -12.35 -25.20
C ILE B 508 -11.55 -12.76 -23.81
N TRP B 509 -11.06 -12.02 -22.81
CA TRP B 509 -11.48 -12.16 -21.44
C TRP B 509 -12.52 -11.08 -21.12
N VAL B 510 -13.61 -11.49 -20.48
CA VAL B 510 -14.64 -10.57 -20.00
C VAL B 510 -15.01 -10.91 -18.55
N TYR B 511 -14.87 -9.91 -17.67
CA TYR B 511 -15.42 -9.97 -16.30
C TYR B 511 -16.86 -9.51 -16.45
N SER B 512 -17.79 -10.22 -15.81
CA SER B 512 -19.23 -10.04 -16.04
C SER B 512 -20.08 -10.00 -14.75
N LEU B 513 -20.95 -8.99 -14.68
CA LEU B 513 -21.88 -8.82 -13.60
C LEU B 513 -23.25 -9.36 -14.06
N ASP B 514 -24.33 -8.89 -13.43
CA ASP B 514 -25.67 -9.41 -13.64
C ASP B 514 -26.27 -8.93 -14.94
N PHE B 515 -25.95 -7.68 -15.28
CA PHE B 515 -26.48 -7.04 -16.46
C PHE B 515 -25.44 -6.95 -17.55
N MET B 516 -25.91 -6.90 -18.80
CA MET B 516 -25.07 -6.87 -20.01
C MET B 516 -25.98 -6.62 -21.22
N SER B 517 -25.63 -5.68 -22.11
CA SER B 517 -26.58 -5.26 -23.14
C SER B 517 -26.88 -6.39 -24.12
N ARG B 518 -28.07 -6.34 -24.73
CA ARG B 518 -28.39 -7.26 -25.82
C ARG B 518 -27.34 -7.09 -26.95
N GLU B 519 -27.13 -5.85 -27.42
CA GLU B 519 -26.18 -5.61 -28.53
C GLU B 519 -24.73 -6.03 -28.25
N VAL B 520 -24.33 -6.09 -26.99
CA VAL B 520 -23.03 -6.64 -26.61
C VAL B 520 -23.09 -8.17 -26.40
N GLN B 521 -24.14 -8.67 -25.72
CA GLN B 521 -24.38 -10.15 -25.61
C GLN B 521 -24.55 -10.84 -26.97
N GLU B 522 -24.92 -10.08 -28.01
CA GLU B 522 -25.03 -10.59 -29.38
C GLU B 522 -23.67 -10.55 -30.08
N LYS B 523 -22.88 -9.51 -29.80
CA LYS B 523 -21.50 -9.41 -30.29
C LYS B 523 -20.62 -10.57 -29.82
N LEU B 524 -20.84 -11.01 -28.58
CA LEU B 524 -20.06 -12.11 -28.01
C LEU B 524 -20.49 -13.47 -28.57
N ILE B 525 -21.80 -13.74 -28.70
CA ILE B 525 -22.25 -15.05 -29.22
C ILE B 525 -21.85 -15.26 -30.69
N LYS B 526 -21.63 -14.17 -31.44
CA LYS B 526 -21.15 -14.23 -32.82
C LYS B 526 -19.63 -14.44 -32.85
N TYR B 527 -18.91 -13.70 -32.01
CA TYR B 527 -17.45 -13.87 -31.89
C TYR B 527 -17.03 -15.34 -31.73
N VAL B 528 -17.73 -16.06 -30.85
CA VAL B 528 -17.47 -17.49 -30.59
C VAL B 528 -17.74 -18.35 -31.85
N GLU B 529 -18.87 -18.09 -32.51
CA GLU B 529 -19.37 -18.86 -33.64
C GLU B 529 -18.54 -18.65 -34.89
N GLU B 530 -17.94 -17.46 -35.01
CA GLU B 530 -17.05 -17.11 -36.13
C GLU B 530 -15.61 -17.64 -35.96
N GLY B 531 -15.35 -18.49 -34.96
CA GLY B 531 -14.02 -19.07 -34.69
C GLY B 531 -13.20 -18.36 -33.62
N GLY B 532 -13.87 -17.77 -32.63
CA GLY B 532 -13.22 -17.03 -31.55
C GLY B 532 -13.25 -17.83 -30.25
N ASN B 533 -12.47 -17.36 -29.26
CA ASN B 533 -12.40 -18.00 -27.93
C ASN B 533 -12.67 -17.00 -26.83
N LEU B 534 -13.62 -17.33 -25.95
CA LEU B 534 -14.09 -16.43 -24.90
C LEU B 534 -13.81 -17.04 -23.54
N VAL B 535 -13.22 -16.24 -22.65
CA VAL B 535 -13.16 -16.62 -21.23
C VAL B 535 -14.01 -15.59 -20.51
N ILE B 536 -15.01 -16.06 -19.80
CA ILE B 536 -16.06 -15.18 -19.30
C ILE B 536 -16.39 -15.57 -17.86
N LEU B 537 -16.36 -14.57 -16.99
CA LEU B 537 -16.07 -14.78 -15.55
C LEU B 537 -16.72 -13.64 -14.74
N PRO B 538 -17.27 -13.87 -13.53
CA PRO B 538 -17.42 -15.14 -12.82
C PRO B 538 -18.86 -15.67 -12.88
N THR B 539 -19.62 -15.18 -13.84
CA THR B 539 -21.01 -15.58 -14.00
C THR B 539 -21.45 -15.04 -15.34
N LEU B 540 -22.48 -15.63 -15.91
CA LEU B 540 -23.06 -15.09 -17.12
C LEU B 540 -24.12 -14.07 -16.72
N PRO B 541 -24.34 -13.03 -17.56
CA PRO B 541 -25.44 -12.11 -17.31
C PRO B 541 -26.79 -12.73 -17.60
N TYR B 542 -27.81 -12.12 -17.02
CA TYR B 542 -29.19 -12.49 -17.25
C TYR B 542 -30.07 -11.26 -17.41
N LEU B 543 -29.47 -10.06 -17.54
CA LEU B 543 -30.22 -8.81 -17.63
C LEU B 543 -29.64 -7.85 -18.64
N ASP B 544 -30.49 -7.08 -19.30
CA ASP B 544 -30.03 -6.08 -20.28
C ASP B 544 -29.55 -4.79 -19.59
N GLU B 545 -29.06 -3.84 -20.39
CA GLU B 545 -28.61 -2.51 -19.90
C GLU B 545 -29.67 -1.76 -19.06
N ASN B 546 -30.95 -2.06 -19.31
CA ASN B 546 -32.09 -1.55 -18.54
C ASN B 546 -32.66 -2.56 -17.54
N MET B 547 -31.86 -3.49 -17.05
CA MET B 547 -32.26 -4.40 -15.98
C MET B 547 -33.52 -5.22 -16.23
N LYS B 548 -33.88 -5.43 -17.50
CA LYS B 548 -34.96 -6.37 -17.86
C LYS B 548 -34.28 -7.69 -18.20
N PRO B 549 -35.04 -8.80 -18.19
CA PRO B 549 -34.46 -10.06 -18.64
C PRO B 549 -33.87 -10.04 -20.06
N CYS B 550 -32.70 -10.66 -20.20
CA CYS B 550 -32.05 -10.86 -21.48
C CYS B 550 -30.94 -11.89 -21.30
N THR B 551 -31.28 -13.17 -21.48
CA THR B 551 -30.31 -14.27 -21.37
C THR B 551 -29.93 -14.82 -22.76
N ARG B 552 -29.41 -13.95 -23.60
CA ARG B 552 -29.02 -14.34 -24.97
C ARG B 552 -27.78 -15.24 -24.95
N LEU B 553 -26.73 -14.74 -24.32
CA LEU B 553 -25.44 -15.46 -24.20
C LEU B 553 -25.62 -16.77 -23.43
N ARG B 554 -26.33 -16.69 -22.31
CA ARG B 554 -26.58 -17.84 -21.44
C ARG B 554 -27.38 -18.96 -22.11
N ASP B 555 -28.27 -18.60 -23.03
CA ASP B 555 -29.05 -19.57 -23.80
C ASP B 555 -28.28 -20.04 -25.01
N PHE B 556 -27.46 -19.18 -25.62
CA PHE B 556 -26.64 -19.55 -26.77
C PHE B 556 -25.59 -20.62 -26.47
N LEU B 557 -24.89 -20.43 -25.35
CA LEU B 557 -23.89 -21.39 -24.92
C LEU B 557 -24.54 -22.70 -24.44
N GLY B 558 -25.76 -22.58 -23.94
CA GLY B 558 -26.50 -23.71 -23.38
C GLY B 558 -25.99 -23.99 -21.98
N VAL B 559 -25.69 -22.91 -21.25
CA VAL B 559 -25.01 -23.00 -19.96
C VAL B 559 -25.95 -22.49 -18.85
N GLU B 560 -26.29 -23.39 -17.93
CA GLU B 560 -27.05 -23.04 -16.73
C GLU B 560 -26.06 -22.75 -15.61
N VAL B 561 -25.82 -21.47 -15.32
CA VAL B 561 -24.97 -21.05 -14.19
C VAL B 561 -25.82 -20.85 -12.93
N GLU B 562 -25.25 -21.21 -11.77
CA GLU B 562 -25.93 -21.16 -10.47
C GLU B 562 -26.28 -19.73 -10.08
N ARG B 563 -27.29 -19.59 -9.22
CA ARG B 563 -27.51 -18.34 -8.53
C ARG B 563 -27.01 -18.46 -7.10
N ALA B 564 -25.75 -18.08 -6.93
CA ALA B 564 -25.18 -17.78 -5.64
C ALA B 564 -25.10 -16.27 -5.59
N LYS B 565 -25.11 -15.70 -4.39
CA LYS B 565 -24.97 -14.26 -4.17
C LYS B 565 -23.65 -13.95 -3.44
N ALA B 566 -22.76 -13.22 -4.12
CA ALA B 566 -21.48 -12.76 -3.58
C ALA B 566 -21.66 -11.96 -2.32
N ARG B 567 -20.80 -12.20 -1.34
CA ARG B 567 -20.91 -11.61 -0.02
C ARG B 567 -20.08 -10.31 0.09
N ASP B 568 -20.62 -9.28 0.71
CA ASP B 568 -19.93 -8.00 0.86
C ASP B 568 -19.07 -7.95 2.09
N ASN B 569 -19.54 -8.59 3.16
CA ASN B 569 -18.85 -8.56 4.44
C ASN B 569 -17.58 -9.37 4.36
N MET B 570 -16.45 -8.69 4.60
CA MET B 570 -15.12 -9.30 4.56
C MET B 570 -15.09 -10.67 5.26
N ARG B 571 -15.35 -10.70 6.57
CA ARG B 571 -15.30 -11.92 7.39
C ARG B 571 -16.12 -13.10 6.85
N LEU B 572 -17.23 -12.79 6.19
CA LEU B 572 -18.15 -13.79 5.67
C LEU B 572 -17.83 -14.31 4.27
N ILE B 573 -16.83 -13.72 3.61
CA ILE B 573 -16.39 -14.20 2.29
C ILE B 573 -15.62 -15.50 2.49
N PRO B 574 -15.96 -16.54 1.73
CA PRO B 574 -15.28 -17.83 1.88
C PRO B 574 -13.99 -17.96 1.07
N TYR B 575 -13.20 -18.95 1.47
CA TYR B 575 -12.02 -19.41 0.74
C TYR B 575 -12.32 -20.78 0.17
N LEU B 576 -12.41 -20.91 -1.14
CA LEU B 576 -12.66 -22.20 -1.78
C LEU B 576 -11.43 -22.70 -2.53
N SER B 577 -11.35 -24.01 -2.70
CA SER B 577 -10.19 -24.64 -3.32
C SER B 577 -10.60 -25.30 -4.62
N VAL B 578 -10.14 -24.76 -5.73
CA VAL B 578 -10.48 -25.22 -7.07
C VAL B 578 -9.45 -26.22 -7.62
N ASP B 579 -9.93 -27.40 -8.01
CA ASP B 579 -9.13 -28.44 -8.68
C ASP B 579 -9.32 -28.40 -10.20
N ALA B 580 -8.35 -28.92 -10.95
CA ALA B 580 -8.49 -29.13 -12.40
C ALA B 580 -7.51 -30.17 -12.92
N GLU B 581 -7.60 -30.45 -14.22
CA GLU B 581 -6.65 -31.32 -14.88
C GLU B 581 -5.28 -30.65 -14.80
N GLY B 582 -4.52 -31.08 -13.80
CA GLY B 582 -3.13 -30.67 -13.65
C GLY B 582 -2.91 -29.66 -12.54
N ILE B 583 -3.96 -28.92 -12.18
CA ILE B 583 -3.82 -27.91 -11.15
C ILE B 583 -4.53 -28.42 -9.89
N ASP B 584 -3.84 -28.31 -8.76
CA ASP B 584 -4.31 -28.90 -7.50
C ASP B 584 -4.62 -27.79 -6.49
N ARG B 585 -5.89 -27.67 -6.08
CA ARG B 585 -6.28 -26.81 -4.96
C ARG B 585 -5.78 -25.35 -5.15
N MET B 586 -6.25 -24.75 -6.24
CA MET B 586 -6.10 -23.33 -6.53
C MET B 586 -7.10 -22.58 -5.65
N VAL B 587 -6.65 -21.53 -4.96
CA VAL B 587 -7.55 -20.80 -4.06
C VAL B 587 -8.35 -19.72 -4.79
N VAL B 588 -9.62 -19.55 -4.38
CA VAL B 588 -10.54 -18.52 -4.91
C VAL B 588 -11.38 -17.89 -3.77
N ARG B 589 -11.52 -16.57 -3.78
CA ARG B 589 -12.36 -15.90 -2.78
C ARG B 589 -13.79 -15.78 -3.29
N ASN B 590 -14.74 -15.90 -2.38
CA ASN B 590 -16.16 -15.68 -2.67
C ASN B 590 -16.83 -16.75 -3.54
N VAL B 591 -18.16 -16.74 -3.46
CA VAL B 591 -19.03 -17.81 -3.98
C VAL B 591 -18.67 -18.31 -5.38
N ALA B 592 -18.42 -19.61 -5.45
CA ALA B 592 -18.20 -20.30 -6.71
C ALA B 592 -19.56 -20.84 -7.13
N ARG B 593 -19.85 -20.72 -8.42
CA ARG B 593 -21.14 -21.07 -8.98
C ARG B 593 -21.04 -22.37 -9.77
N GLU B 594 -21.95 -23.33 -9.53
CA GLU B 594 -22.08 -24.54 -10.36
C GLU B 594 -22.40 -24.17 -11.82
N VAL B 595 -21.74 -24.83 -12.76
CA VAL B 595 -21.82 -24.49 -14.20
C VAL B 595 -22.12 -25.76 -15.00
N LYS B 596 -23.28 -25.80 -15.66
CA LYS B 596 -23.74 -26.98 -16.40
C LYS B 596 -23.59 -26.78 -17.90
N GLY B 597 -23.29 -27.87 -18.61
CA GLY B 597 -23.09 -27.86 -20.07
C GLY B 597 -21.67 -27.56 -20.47
N GLY B 598 -21.18 -28.27 -21.49
CA GLY B 598 -19.75 -28.26 -21.88
C GLY B 598 -18.97 -29.33 -21.14
N GLU B 599 -17.73 -29.61 -21.60
CA GLU B 599 -16.85 -30.54 -20.86
C GLU B 599 -16.27 -29.80 -19.65
N ALA B 600 -16.36 -30.47 -18.50
CA ALA B 600 -15.95 -29.89 -17.22
C ALA B 600 -14.42 -29.77 -17.12
N ILE B 601 -13.93 -28.56 -16.87
CA ILE B 601 -12.50 -28.29 -16.69
C ILE B 601 -12.04 -27.95 -15.26
N ALA B 602 -12.98 -27.61 -14.36
CA ALA B 602 -12.65 -27.11 -13.01
C ALA B 602 -13.68 -27.52 -11.98
N TRP B 603 -13.20 -28.07 -10.86
CA TRP B 603 -14.02 -28.75 -9.83
C TRP B 603 -13.80 -28.19 -8.43
N ILE B 604 -14.86 -28.23 -7.62
CA ILE B 604 -14.77 -28.03 -6.17
C ILE B 604 -15.57 -29.18 -5.56
N GLY B 605 -14.89 -30.21 -5.10
CA GLY B 605 -15.53 -31.45 -4.63
C GLY B 605 -16.10 -32.20 -5.83
N ASP B 606 -17.41 -32.45 -5.80
CA ASP B 606 -18.13 -32.95 -6.99
C ASP B 606 -18.72 -31.83 -7.86
N LYS B 607 -18.76 -30.59 -7.38
CA LYS B 607 -19.43 -29.50 -8.10
C LYS B 607 -18.48 -28.94 -9.14
N VAL B 608 -18.99 -28.78 -10.35
CA VAL B 608 -18.24 -28.29 -11.51
C VAL B 608 -18.43 -26.78 -11.63
N VAL B 609 -17.34 -26.04 -11.50
CA VAL B 609 -17.39 -24.57 -11.40
C VAL B 609 -16.77 -23.87 -12.62
N GLY B 610 -16.38 -24.65 -13.61
CA GLY B 610 -15.81 -24.13 -14.84
C GLY B 610 -16.12 -25.09 -15.97
N THR B 611 -16.13 -24.58 -17.19
CA THR B 611 -16.43 -25.42 -18.34
C THR B 611 -16.04 -24.77 -19.67
N ILE B 612 -15.82 -25.61 -20.67
CA ILE B 612 -15.52 -25.15 -22.02
C ILE B 612 -16.67 -25.63 -22.93
N VAL B 613 -17.07 -24.76 -23.84
CA VAL B 613 -18.16 -25.02 -24.75
C VAL B 613 -17.64 -24.77 -26.17
N ARG B 614 -17.74 -25.77 -27.06
CA ARG B 614 -17.47 -25.56 -28.49
C ARG B 614 -18.79 -25.33 -29.20
N LYS B 615 -18.89 -24.19 -29.90
CA LYS B 615 -20.10 -23.77 -30.63
C LYS B 615 -19.69 -23.03 -31.90
N GLY B 616 -20.14 -23.52 -33.07
CA GLY B 616 -19.72 -22.96 -34.36
C GLY B 616 -18.25 -23.26 -34.66
N LYS B 617 -17.55 -22.30 -35.25
CA LYS B 617 -16.13 -22.47 -35.56
C LYS B 617 -15.20 -22.42 -34.34
N GLY B 618 -15.68 -21.83 -33.23
CA GLY B 618 -14.84 -21.58 -32.03
C GLY B 618 -15.43 -22.06 -30.70
N SER B 619 -14.90 -21.52 -29.60
CA SER B 619 -15.18 -22.02 -28.23
C SER B 619 -15.31 -20.95 -27.12
N ALA B 620 -15.84 -21.36 -25.96
CA ALA B 620 -15.95 -20.46 -24.78
C ALA B 620 -15.80 -21.15 -23.40
N VAL B 621 -14.79 -20.68 -22.65
CA VAL B 621 -14.56 -21.05 -21.25
C VAL B 621 -15.44 -20.15 -20.40
N ILE B 622 -16.12 -20.76 -19.46
CA ILE B 622 -16.93 -19.99 -18.56
C ILE B 622 -16.66 -20.51 -17.14
N LEU B 623 -16.06 -19.64 -16.32
CA LEU B 623 -15.70 -19.93 -14.95
C LEU B 623 -16.68 -19.28 -13.98
N GLY B 624 -17.26 -20.10 -13.12
CA GLY B 624 -18.15 -19.61 -12.08
C GLY B 624 -17.48 -19.05 -10.83
N PHE B 625 -16.25 -18.56 -10.96
CA PHE B 625 -15.47 -18.10 -9.81
C PHE B 625 -14.57 -16.93 -10.18
N ARG B 626 -14.03 -16.26 -9.16
CA ARG B 626 -13.15 -15.11 -9.33
C ARG B 626 -11.69 -15.54 -9.32
N LEU B 627 -11.16 -15.72 -10.52
CA LEU B 627 -9.77 -16.14 -10.74
C LEU B 627 -8.86 -14.95 -10.47
N GLN B 628 -8.04 -15.06 -9.41
CA GLN B 628 -7.18 -13.94 -8.94
C GLN B 628 -5.67 -14.22 -8.93
N TYR B 629 -4.89 -13.14 -8.83
CA TYR B 629 -3.44 -13.24 -8.66
C TYR B 629 -3.03 -13.53 -7.21
N TYR B 630 -2.57 -14.76 -6.99
CA TYR B 630 -1.97 -15.16 -5.73
C TYR B 630 -0.61 -15.81 -6.03
N SER B 631 0.47 -15.25 -5.48
CA SER B 631 1.83 -15.79 -5.65
C SER B 631 2.22 -16.88 -4.63
N SER B 632 2.91 -17.92 -5.11
CA SER B 632 3.40 -19.02 -4.28
C SER B 632 4.36 -19.94 -5.04
N TYR B 633 4.97 -20.87 -4.31
CA TYR B 633 5.81 -21.94 -4.88
C TYR B 633 5.09 -22.77 -5.92
N HIS B 634 3.88 -23.19 -5.55
CA HIS B 634 3.05 -24.11 -6.32
C HIS B 634 2.54 -23.41 -7.57
N ASP B 635 2.29 -22.11 -7.46
CA ASP B 635 2.02 -21.22 -8.58
C ASP B 635 0.74 -21.59 -9.35
N MET B 636 -0.23 -22.12 -8.60
CA MET B 636 -1.37 -22.85 -9.18
C MET B 636 -2.33 -21.94 -9.96
N HIS B 637 -2.31 -20.65 -9.68
CA HIS B 637 -3.16 -19.67 -10.37
C HIS B 637 -2.62 -19.35 -11.74
N ARG B 638 -1.31 -19.14 -11.82
CA ARG B 638 -0.61 -18.91 -13.07
C ARG B 638 -0.65 -20.14 -13.97
N LYS B 639 -0.67 -21.33 -13.38
CA LYS B 639 -0.71 -22.58 -14.13
C LYS B 639 -2.08 -22.83 -14.76
N PHE B 640 -3.14 -22.61 -13.99
CA PHE B 640 -4.51 -22.58 -14.50
C PHE B 640 -4.66 -21.65 -15.72
N VAL B 641 -3.97 -20.50 -15.70
CA VAL B 641 -3.97 -19.59 -16.86
C VAL B 641 -3.31 -20.24 -18.08
N ASP B 642 -2.12 -20.83 -17.91
CA ASP B 642 -1.53 -21.68 -18.97
C ASP B 642 -2.54 -22.76 -19.39
N LYS B 643 -3.13 -23.43 -18.41
CA LYS B 643 -4.03 -24.54 -18.68
C LYS B 643 -5.27 -24.14 -19.48
N ILE B 644 -5.68 -22.86 -19.43
CA ILE B 644 -6.79 -22.31 -20.26
C ILE B 644 -6.34 -21.94 -21.68
N LEU B 645 -5.19 -21.31 -21.78
CA LEU B 645 -4.63 -20.98 -23.10
C LEU B 645 -4.29 -22.24 -23.93
N GLN B 646 -3.92 -23.35 -23.27
CA GLN B 646 -3.76 -24.67 -23.90
C GLN B 646 -5.11 -25.11 -24.47
N LEU B 647 -6.09 -25.31 -23.59
CA LEU B 647 -7.47 -25.67 -23.96
C LEU B 647 -8.06 -25.02 -25.21
N GLN B 648 -7.94 -23.70 -25.28
CA GLN B 648 -8.45 -22.90 -26.40
C GLN B 648 -7.35 -22.62 -27.43
N GLY B 649 -6.24 -23.33 -27.34
CA GLY B 649 -5.18 -23.27 -28.33
C GLY B 649 -4.62 -21.91 -28.68
N VAL B 650 -4.21 -21.11 -27.71
CA VAL B 650 -3.46 -19.90 -28.04
C VAL B 650 -2.00 -20.07 -27.61
N LYS B 651 -1.13 -20.38 -28.57
CA LYS B 651 0.29 -20.43 -28.30
C LYS B 651 0.68 -18.99 -28.07
N ARG B 652 1.70 -18.79 -27.24
CA ARG B 652 2.24 -17.48 -26.97
C ARG B 652 3.33 -17.22 -27.97
N GLU B 653 3.82 -15.99 -27.98
CA GLU B 653 4.92 -15.58 -28.84
C GLU B 653 6.29 -15.79 -28.17
N VAL B 654 6.31 -15.69 -26.83
CA VAL B 654 7.51 -15.94 -26.02
C VAL B 654 7.32 -17.18 -25.16
N GLU B 655 8.43 -17.86 -24.88
CA GLU B 655 8.47 -18.98 -23.94
C GLU B 655 9.58 -18.67 -22.96
N VAL B 656 9.46 -19.15 -21.72
CA VAL B 656 10.43 -18.83 -20.66
C VAL B 656 10.57 -20.00 -19.70
N SER B 657 11.81 -20.36 -19.36
CA SER B 657 12.04 -21.49 -18.45
C SER B 657 11.77 -21.14 -16.99
N ASN B 658 11.77 -19.85 -16.68
CA ASN B 658 11.33 -19.32 -15.39
C ASN B 658 10.13 -18.38 -15.58
N ARG B 659 8.97 -18.79 -15.08
CA ARG B 659 7.75 -17.98 -15.09
C ARG B 659 7.90 -16.59 -14.47
N ASP B 660 8.82 -16.46 -13.52
CA ASP B 660 9.14 -15.14 -12.91
C ASP B 660 9.66 -14.08 -13.88
N ILE B 661 10.24 -14.49 -15.01
CA ILE B 661 10.70 -13.54 -16.04
C ILE B 661 9.48 -13.07 -16.82
N ILE B 662 9.21 -11.76 -16.79
CA ILE B 662 8.05 -11.20 -17.46
C ILE B 662 8.50 -10.65 -18.80
N ALA B 663 7.86 -11.16 -19.86
CA ALA B 663 8.20 -10.86 -21.26
C ALA B 663 7.04 -10.20 -22.03
N ILE B 664 7.36 -9.10 -22.74
CA ILE B 664 6.39 -8.34 -23.56
C ILE B 664 6.96 -8.23 -24.99
N PRO B 665 6.45 -9.06 -25.94
CA PRO B 665 6.96 -9.02 -27.33
C PRO B 665 6.61 -7.79 -28.18
N ARG B 666 7.64 -7.14 -28.72
CA ARG B 666 7.53 -5.95 -29.56
C ARG B 666 8.29 -6.18 -30.87
N ILE B 667 7.87 -7.24 -31.57
CA ILE B 667 8.44 -7.65 -32.88
C ILE B 667 9.96 -7.88 -32.79
N HIS B 668 10.75 -6.88 -33.14
CA HIS B 668 12.21 -7.03 -33.27
C HIS B 668 12.92 -6.75 -31.96
N TYR B 669 12.13 -6.54 -30.90
CA TYR B 669 12.62 -6.36 -29.55
C TYR B 669 11.85 -7.27 -28.61
N LEU B 670 12.45 -7.61 -27.48
CA LEU B 670 11.76 -8.33 -26.41
C LEU B 670 11.93 -7.57 -25.13
N VAL B 671 10.83 -7.12 -24.55
CA VAL B 671 10.91 -6.43 -23.26
C VAL B 671 10.90 -7.51 -22.17
N LEU B 672 12.08 -7.75 -21.60
CA LEU B 672 12.24 -8.58 -20.42
C LEU B 672 12.17 -7.69 -19.19
N VAL B 673 11.42 -8.14 -18.19
CA VAL B 673 11.15 -7.37 -16.99
C VAL B 673 11.26 -8.31 -15.81
N ASN B 674 12.13 -8.01 -14.86
CA ASN B 674 12.05 -8.62 -13.56
C ASN B 674 11.38 -7.62 -12.62
N PRO B 675 10.09 -7.86 -12.27
CA PRO B 675 9.32 -6.97 -11.40
C PRO B 675 9.58 -7.06 -9.87
N ARG B 676 10.27 -8.11 -9.42
CA ARG B 676 10.68 -8.30 -8.03
C ARG B 676 12.15 -8.02 -7.85
N ASP B 677 12.55 -7.40 -6.74
CA ASP B 677 14.00 -7.28 -6.45
C ASP B 677 14.61 -8.60 -5.90
N GLU B 678 14.83 -9.57 -6.80
CA GLU B 678 15.42 -10.87 -6.45
C GLU B 678 16.26 -11.38 -7.62
N GLU B 679 17.14 -12.34 -7.37
CA GLU B 679 17.88 -12.96 -8.47
C GLU B 679 16.99 -13.90 -9.24
N VAL B 680 16.84 -13.61 -10.51
CA VAL B 680 16.07 -14.41 -11.45
C VAL B 680 16.94 -14.86 -12.61
N ALA B 681 16.80 -16.10 -13.03
CA ALA B 681 17.41 -16.54 -14.30
C ALA B 681 16.68 -17.69 -14.99
N GLY B 682 16.87 -17.76 -16.30
CA GLY B 682 16.30 -18.83 -17.11
C GLY B 682 16.60 -18.68 -18.59
N LYS B 683 16.14 -19.66 -19.37
CA LYS B 683 16.24 -19.64 -20.82
C LYS B 683 14.94 -19.12 -21.43
N VAL B 684 15.09 -18.33 -22.49
CA VAL B 684 13.98 -17.65 -23.19
C VAL B 684 14.02 -18.03 -24.67
N LYS B 685 12.91 -18.51 -25.22
CA LYS B 685 12.76 -18.75 -26.67
C LYS B 685 11.82 -17.69 -27.22
N TYR B 686 12.26 -16.95 -28.23
CA TYR B 686 11.40 -15.93 -28.85
C TYR B 686 11.87 -15.60 -30.24
N ARG B 687 10.94 -15.62 -31.20
CA ARG B 687 11.19 -15.16 -32.57
C ARG B 687 12.17 -16.11 -33.29
N GLY B 688 12.09 -17.41 -32.97
CA GLY B 688 13.03 -18.38 -33.52
C GLY B 688 14.36 -18.55 -32.77
N VAL B 689 14.81 -17.52 -32.03
CA VAL B 689 16.11 -17.56 -31.30
C VAL B 689 15.92 -17.94 -29.82
N GLU B 690 16.90 -18.62 -29.22
CA GLU B 690 16.92 -18.83 -27.76
C GLU B 690 18.24 -18.45 -27.09
N PHE B 691 18.13 -18.13 -25.80
CA PHE B 691 19.28 -17.72 -24.98
C PHE B 691 18.94 -17.74 -23.49
N GLU B 692 19.97 -17.63 -22.66
CA GLU B 692 19.79 -17.59 -21.22
C GLU B 692 20.09 -16.19 -20.75
N ILE B 693 19.37 -15.75 -19.73
CA ILE B 693 19.41 -14.37 -19.24
C ILE B 693 19.38 -14.38 -17.72
N LYS B 694 20.18 -13.50 -17.11
CA LYS B 694 20.19 -13.33 -15.66
C LYS B 694 19.96 -11.85 -15.30
N MET B 695 18.94 -11.59 -14.48
CA MET B 695 18.63 -10.25 -14.01
C MET B 695 18.75 -10.24 -12.49
N LYS B 696 19.65 -9.43 -11.94
CA LYS B 696 19.98 -9.46 -10.51
C LYS B 696 18.98 -8.69 -9.64
N GLY B 697 18.48 -7.56 -10.13
CA GLY B 697 17.55 -6.73 -9.35
C GLY B 697 16.24 -6.50 -10.08
N ARG B 698 15.54 -5.44 -9.69
CA ARG B 698 14.31 -5.02 -10.38
C ARG B 698 14.64 -4.10 -11.55
N GLY B 699 14.01 -4.37 -12.69
CA GLY B 699 14.16 -3.52 -13.84
C GLY B 699 13.70 -4.12 -15.13
N VAL B 700 14.03 -3.40 -16.21
CA VAL B 700 13.55 -3.69 -17.55
C VAL B 700 14.70 -3.58 -18.53
N LEU B 701 14.72 -4.50 -19.49
CA LEU B 701 15.65 -4.47 -20.61
C LEU B 701 14.87 -4.50 -21.89
N PHE B 702 15.38 -3.82 -22.91
CA PHE B 702 14.85 -3.92 -24.27
C PHE B 702 15.90 -4.64 -25.08
N ILE B 703 15.57 -5.84 -25.53
CA ILE B 703 16.53 -6.77 -26.08
C ILE B 703 16.25 -6.95 -27.56
N PRO B 704 17.20 -6.53 -28.44
CA PRO B 704 17.00 -6.66 -29.88
C PRO B 704 17.16 -8.10 -30.32
N VAL B 705 16.23 -8.58 -31.14
CA VAL B 705 16.21 -9.97 -31.57
C VAL B 705 15.95 -10.05 -33.08
N ASP B 706 17.01 -10.31 -33.85
CA ASP B 706 16.94 -10.62 -35.29
C ASP B 706 16.63 -9.35 -36.07
N VAL B 707 17.60 -8.43 -36.06
CA VAL B 707 17.32 -7.07 -36.50
C VAL B 707 18.56 -6.26 -36.98
N GLU B 708 18.31 -5.35 -37.93
CA GLU B 708 19.31 -4.44 -38.46
C GLU B 708 19.35 -3.19 -37.61
N ILE B 709 20.34 -3.10 -36.73
CA ILE B 709 20.56 -1.90 -35.88
C ILE B 709 22.03 -1.44 -35.99
N ASN B 710 22.21 -0.16 -36.36
CA ASN B 710 23.52 0.46 -36.59
C ASN B 710 24.43 -0.29 -37.57
N GLY B 711 23.81 -0.90 -38.58
CA GLY B 711 24.49 -1.58 -39.66
C GLY B 711 25.03 -2.98 -39.41
N VAL B 712 24.63 -3.64 -38.32
CA VAL B 712 25.11 -5.00 -38.02
C VAL B 712 23.95 -5.93 -37.64
N LYS B 713 23.91 -7.08 -38.30
CA LYS B 713 22.81 -8.03 -38.15
C LYS B 713 22.96 -8.84 -36.86
N LEU B 714 22.09 -8.54 -35.90
CA LEU B 714 22.02 -9.26 -34.63
C LEU B 714 21.06 -10.42 -34.76
N VAL B 715 21.39 -11.52 -34.09
CA VAL B 715 20.43 -12.62 -33.82
C VAL B 715 19.67 -12.24 -32.54
N TYR B 716 20.45 -11.94 -31.50
CA TYR B 716 19.96 -11.34 -30.27
C TYR B 716 21.09 -10.55 -29.59
N ALA B 717 20.75 -9.88 -28.50
CA ALA B 717 21.74 -9.20 -27.64
C ALA B 717 21.12 -8.94 -26.28
N THR B 718 21.77 -9.44 -25.23
CA THR B 718 21.23 -9.46 -23.87
C THR B 718 21.56 -8.14 -23.12
N ALA B 719 21.21 -7.02 -23.73
CA ALA B 719 21.37 -5.71 -23.13
C ALA B 719 20.54 -4.72 -23.94
N THR B 720 20.43 -3.49 -23.43
CA THR B 720 19.57 -2.48 -24.03
C THR B 720 20.40 -1.59 -24.97
N PRO B 721 19.97 -1.45 -26.25
CA PRO B 721 20.62 -0.51 -27.18
C PRO B 721 20.31 0.98 -26.95
N ILE B 722 21.29 1.75 -26.50
CA ILE B 722 21.06 3.16 -26.11
C ILE B 722 21.91 4.19 -26.90
N GLY B 723 22.31 3.83 -28.14
CA GLY B 723 23.10 4.72 -29.01
C GLY B 723 24.30 4.09 -29.69
N GLY B 724 25.24 4.94 -30.11
CA GLY B 724 26.47 4.50 -30.80
C GLY B 724 26.85 5.33 -32.03
N GLY B 725 27.30 4.64 -33.08
CA GLY B 725 27.73 5.27 -34.33
C GLY B 725 27.65 4.21 -35.41
N ASN B 726 28.47 4.31 -36.46
CA ASN B 726 28.38 3.31 -37.54
C ASN B 726 29.10 2.00 -37.19
N ARG B 727 28.47 0.88 -37.59
CA ARG B 727 28.89 -0.46 -37.21
C ARG B 727 29.38 -0.48 -35.75
N ARG B 728 28.56 0.10 -34.89
CA ARG B 728 28.88 0.39 -33.49
C ARG B 728 27.60 0.56 -32.64
N ILE B 729 27.39 -0.31 -31.64
CA ILE B 729 26.22 -0.25 -30.74
C ILE B 729 26.63 0.05 -29.28
N LYS B 730 25.96 1.01 -28.66
CA LYS B 730 26.12 1.30 -27.22
C LYS B 730 25.05 0.53 -26.45
N PHE B 731 25.48 -0.14 -25.38
CA PHE B 731 24.62 -1.05 -24.62
C PHE B 731 24.48 -0.64 -23.16
N ARG B 732 23.41 -1.15 -22.52
CA ARG B 732 23.06 -0.88 -21.12
C ARG B 732 22.49 -2.17 -20.51
N ASN B 733 23.16 -2.69 -19.48
CA ASN B 733 22.66 -3.83 -18.71
C ASN B 733 23.04 -3.67 -17.23
N HIS B 734 22.26 -2.81 -16.57
CA HIS B 734 22.30 -2.62 -15.12
C HIS B 734 21.85 -3.81 -14.25
N LEU B 735 21.49 -4.94 -14.87
CA LEU B 735 20.99 -6.12 -14.14
C LEU B 735 21.93 -7.32 -14.17
N SER B 736 23.21 -7.09 -14.51
CA SER B 736 24.22 -8.16 -14.59
C SER B 736 25.63 -7.55 -14.70
N ASP B 737 26.63 -8.42 -14.54
CA ASP B 737 28.01 -8.11 -14.92
C ASP B 737 28.34 -8.61 -16.33
N THR B 738 27.39 -9.29 -16.98
CA THR B 738 27.64 -10.08 -18.17
C THR B 738 26.44 -10.00 -19.15
N SER B 739 26.76 -9.86 -20.46
CA SER B 739 25.76 -9.83 -21.55
C SER B 739 26.18 -10.69 -22.75
N GLU B 740 25.34 -11.64 -23.14
CA GLU B 740 25.56 -12.48 -24.35
C GLU B 740 25.29 -11.59 -25.60
N ILE B 741 25.99 -11.84 -26.73
CA ILE B 741 25.72 -11.16 -28.02
C ILE B 741 25.93 -12.10 -29.22
N ALA B 742 24.87 -12.38 -29.97
CA ALA B 742 24.96 -13.18 -31.20
C ALA B 742 24.83 -12.27 -32.44
N ILE B 743 25.38 -12.73 -33.56
CA ILE B 743 25.38 -11.95 -34.82
C ILE B 743 25.41 -12.86 -36.06
N ARG B 744 24.50 -12.61 -37.02
CA ARG B 744 24.49 -13.38 -38.26
C ARG B 744 25.74 -13.05 -39.07
N ASP B 745 25.88 -11.78 -39.45
CA ASP B 745 26.96 -11.28 -40.32
C ASP B 745 27.81 -10.25 -39.57
N GLY B 746 29.08 -10.58 -39.33
CA GLY B 746 30.06 -9.65 -38.75
C GLY B 746 30.99 -10.33 -37.75
N ARG B 747 31.85 -9.53 -37.09
CA ARG B 747 32.64 -10.00 -35.94
C ARG B 747 33.10 -8.86 -35.01
N ILE B 748 33.13 -9.14 -33.70
CA ILE B 748 33.32 -8.09 -32.67
C ILE B 748 34.75 -7.59 -32.69
N ARG B 749 34.94 -6.37 -33.18
CA ARG B 749 36.28 -5.83 -33.35
C ARG B 749 36.89 -5.48 -31.98
N GLY B 750 36.23 -4.58 -31.23
CA GLY B 750 36.70 -4.16 -29.91
C GLY B 750 35.56 -4.06 -28.90
N VAL B 751 35.91 -3.85 -27.62
CA VAL B 751 34.93 -3.70 -26.53
C VAL B 751 35.34 -2.56 -25.58
N LYS B 752 34.52 -1.51 -25.54
CA LYS B 752 34.89 -0.28 -24.83
C LYS B 752 34.87 -0.42 -23.31
N GLY B 753 33.68 -0.54 -22.73
CA GLY B 753 33.53 -0.62 -21.26
C GLY B 753 33.57 -2.04 -20.69
N GLY B 754 34.31 -2.94 -21.33
CA GLY B 754 34.41 -4.34 -20.89
C GLY B 754 35.40 -5.12 -21.73
N TYR B 755 35.12 -6.40 -21.94
CA TYR B 755 35.92 -7.26 -22.82
C TYR B 755 35.12 -8.48 -23.20
N VAL B 756 35.55 -9.20 -24.22
CA VAL B 756 34.92 -10.48 -24.55
C VAL B 756 35.49 -11.50 -23.58
N LEU B 757 34.62 -12.35 -23.04
CA LEU B 757 35.00 -13.40 -22.11
C LEU B 757 34.84 -14.82 -22.73
N GLN B 758 34.20 -14.94 -23.90
CA GLN B 758 33.90 -16.24 -24.46
C GLN B 758 33.44 -16.22 -25.93
N GLU B 759 33.44 -17.41 -26.53
CA GLU B 759 32.65 -17.76 -27.73
C GLU B 759 31.95 -19.08 -27.39
N LYS B 760 30.75 -19.29 -27.93
CA LYS B 760 30.09 -20.61 -27.91
C LYS B 760 30.20 -21.32 -29.27
N GLY B 761 30.26 -20.55 -30.36
CA GLY B 761 30.43 -21.08 -31.70
C GLY B 761 29.30 -20.55 -32.57
N GLU B 762 29.58 -20.41 -33.87
CA GLU B 762 28.63 -19.86 -34.85
C GLU B 762 28.39 -18.34 -34.65
N ARG B 763 29.36 -17.64 -34.02
CA ARG B 763 29.32 -16.18 -33.78
C ARG B 763 28.41 -15.73 -32.61
N VAL B 764 28.67 -16.23 -31.40
CA VAL B 764 28.04 -15.69 -30.18
C VAL B 764 29.12 -15.44 -29.11
N TYR B 765 29.03 -14.29 -28.44
CA TYR B 765 30.14 -13.73 -27.67
C TYR B 765 29.66 -13.16 -26.34
N VAL B 766 30.25 -13.64 -25.24
CA VAL B 766 29.85 -13.23 -23.89
C VAL B 766 30.72 -12.06 -23.39
N ILE B 767 30.11 -10.89 -23.28
CA ILE B 767 30.82 -9.69 -22.85
C ILE B 767 30.90 -9.68 -21.34
N ARG B 768 31.87 -8.96 -20.79
CA ARG B 768 32.02 -8.79 -19.35
C ARG B 768 32.28 -7.32 -19.08
N HIS B 769 31.31 -6.66 -18.47
CA HIS B 769 31.34 -5.20 -18.26
C HIS B 769 31.17 -4.94 -16.77
N GLU B 770 32.03 -4.09 -16.19
CA GLU B 770 31.99 -3.82 -14.74
C GLU B 770 31.11 -2.63 -14.38
N ARG B 771 30.41 -2.08 -15.39
CA ARG B 771 29.48 -0.95 -15.22
C ARG B 771 28.18 -1.28 -15.94
N GLU B 772 27.17 -0.41 -15.76
CA GLU B 772 25.88 -0.53 -16.46
C GLU B 772 26.06 -0.46 -17.98
N THR B 773 26.77 0.58 -18.44
CA THR B 773 26.96 0.90 -19.86
C THR B 773 28.22 0.27 -20.44
N PHE B 774 28.17 -0.03 -21.73
CA PHE B 774 29.36 -0.40 -22.48
C PHE B 774 29.13 -0.12 -23.97
N GLU B 775 30.15 -0.37 -24.80
CA GLU B 775 30.06 -0.27 -26.27
C GLU B 775 30.75 -1.43 -26.98
N ILE B 776 30.14 -1.89 -28.07
CA ILE B 776 30.73 -2.90 -28.95
C ILE B 776 30.92 -2.27 -30.32
N GLU B 777 32.10 -2.47 -30.91
CA GLU B 777 32.38 -2.06 -32.28
C GLU B 777 32.45 -3.31 -33.14
N PHE B 778 31.76 -3.27 -34.29
CA PHE B 778 31.74 -4.38 -35.24
C PHE B 778 32.49 -3.97 -36.50
P PO4 C . 13.27 -1.95 -2.94
O1 PO4 C . 14.48 -1.29 -2.32
O2 PO4 C . 13.70 -2.75 -4.14
O3 PO4 C . 12.29 -0.91 -3.40
O4 PO4 C . 12.62 -2.91 -1.97
P PO4 D . -1.07 -15.76 10.70
O1 PO4 D . 0.18 -16.31 10.07
O2 PO4 D . -2.03 -15.43 9.59
O3 PO4 D . -0.81 -14.51 11.54
O4 PO4 D . -1.60 -16.84 11.64
P PO4 E . -1.82 15.48 -10.05
O1 PO4 E . -0.78 16.59 -10.03
O2 PO4 E . -1.97 14.76 -11.39
O3 PO4 E . -3.15 16.12 -9.76
O4 PO4 E . -1.52 14.47 -8.96
#